data_6RSP
# 
_entry.id   6RSP 
# 
_audit_conform.dict_name       mmcif_pdbx.dic 
_audit_conform.dict_version    5.392 
_audit_conform.dict_location   http://mmcif.pdb.org/dictionaries/ascii/mmcif_pdbx.dic 
# 
loop_
_database_2.database_id 
_database_2.database_code 
_database_2.pdbx_database_accession 
_database_2.pdbx_DOI 
PDB   6RSP         pdb_00006rsp 10.2210/pdb6rsp/pdb 
WWPDB D_1292102521 ?            ?                   
# 
loop_
_pdbx_audit_revision_history.ordinal 
_pdbx_audit_revision_history.data_content_type 
_pdbx_audit_revision_history.major_revision 
_pdbx_audit_revision_history.minor_revision 
_pdbx_audit_revision_history.revision_date 
1 'Structure model' 1 0 2020-07-08 
2 'Structure model' 1 1 2024-05-15 
# 
_pdbx_audit_revision_details.ordinal             1 
_pdbx_audit_revision_details.revision_ordinal    1 
_pdbx_audit_revision_details.data_content_type   'Structure model' 
_pdbx_audit_revision_details.provider            repository 
_pdbx_audit_revision_details.type                'Initial release' 
_pdbx_audit_revision_details.description         ? 
_pdbx_audit_revision_details.details             ? 
# 
loop_
_pdbx_audit_revision_group.ordinal 
_pdbx_audit_revision_group.revision_ordinal 
_pdbx_audit_revision_group.data_content_type 
_pdbx_audit_revision_group.group 
1 2 'Structure model' 'Data collection'      
2 2 'Structure model' 'Database references'  
3 2 'Structure model' 'Derived calculations' 
# 
loop_
_pdbx_audit_revision_category.ordinal 
_pdbx_audit_revision_category.revision_ordinal 
_pdbx_audit_revision_category.data_content_type 
_pdbx_audit_revision_category.category 
1 2 'Structure model' chem_comp_atom         
2 2 'Structure model' chem_comp_bond         
3 2 'Structure model' database_2             
4 2 'Structure model' pdbx_struct_conn_angle 
5 2 'Structure model' struct_conn            
# 
loop_
_pdbx_audit_revision_item.ordinal 
_pdbx_audit_revision_item.revision_ordinal 
_pdbx_audit_revision_item.data_content_type 
_pdbx_audit_revision_item.item 
1  2 'Structure model' '_database_2.pdbx_DOI'                      
2  2 'Structure model' '_database_2.pdbx_database_accession'       
3  2 'Structure model' '_pdbx_struct_conn_angle.ptnr1_auth_seq_id' 
4  2 'Structure model' '_pdbx_struct_conn_angle.ptnr3_auth_seq_id' 
5  2 'Structure model' '_pdbx_struct_conn_angle.value'             
6  2 'Structure model' '_struct_conn.pdbx_dist_value'              
7  2 'Structure model' '_struct_conn.ptnr1_auth_asym_id'           
8  2 'Structure model' '_struct_conn.ptnr1_auth_comp_id'           
9  2 'Structure model' '_struct_conn.ptnr1_auth_seq_id'            
10 2 'Structure model' '_struct_conn.ptnr1_label_asym_id'          
11 2 'Structure model' '_struct_conn.ptnr1_label_atom_id'          
12 2 'Structure model' '_struct_conn.ptnr1_label_comp_id'          
13 2 'Structure model' '_struct_conn.ptnr1_label_seq_id'           
14 2 'Structure model' '_struct_conn.ptnr2_auth_asym_id'           
15 2 'Structure model' '_struct_conn.ptnr2_auth_comp_id'           
16 2 'Structure model' '_struct_conn.ptnr2_auth_seq_id'            
17 2 'Structure model' '_struct_conn.ptnr2_label_asym_id'          
18 2 'Structure model' '_struct_conn.ptnr2_label_atom_id'          
19 2 'Structure model' '_struct_conn.ptnr2_label_comp_id'          
# 
_pdbx_database_status.status_code                     REL 
_pdbx_database_status.status_code_sf                  REL 
_pdbx_database_status.status_code_mr                  ? 
_pdbx_database_status.entry_id                        6RSP 
_pdbx_database_status.recvd_initial_deposition_date   2019-05-21 
_pdbx_database_status.SG_entry                        N 
_pdbx_database_status.deposit_site                    PDBE 
_pdbx_database_status.process_site                    PDBE 
_pdbx_database_status.status_code_cs                  ? 
_pdbx_database_status.methods_development_category    ? 
_pdbx_database_status.pdb_format_compatible           Y 
_pdbx_database_status.status_code_nmr_data            ? 
# 
loop_
_audit_author.name 
_audit_author.pdbx_ordinal 
_audit_author.identifier_ORCID 
'McQuaid, K.T.' 1 0000-0002-3222-5584 
'Hall, J.P.'    2 0000-0003-3716-4378 
'Cardin, C.J.'  3 0000-0002-2556-9995 
# 
_citation.abstract                  ? 
_citation.abstract_id_CAS           ? 
_citation.book_id_ISBN              ? 
_citation.book_publisher            ? 
_citation.book_publisher_city       ? 
_citation.book_title                ? 
_citation.coordinate_linkage        ? 
_citation.country                   ? 
_citation.database_id_Medline       ? 
_citation.details                   ? 
_citation.id                        primary 
_citation.journal_abbrev            'To Be Published' 
_citation.journal_id_ASTM           ? 
_citation.journal_id_CSD            0353 
_citation.journal_id_ISSN           ? 
_citation.journal_full              ? 
_citation.journal_issue             ? 
_citation.journal_volume            ? 
_citation.language                  ? 
_citation.page_first                ? 
_citation.page_last                 ? 
_citation.title                     'L-[Ru(phen)2(11-NO2-dppz)]2+ bound to the Oligonucleotide sequence d(TCGGCGCCGA)' 
_citation.year                      ? 
_citation.database_id_CSD           ? 
_citation.pdbx_database_id_DOI      ? 
_citation.pdbx_database_id_PubMed   ? 
_citation.unpublished_flag          ? 
# 
loop_
_citation_author.citation_id 
_citation_author.name 
_citation_author.ordinal 
_citation_author.identifier_ORCID 
primary 'McQuaid, K.T.' 1 0000-0002-3222-5584 
primary 'Hall, J.P.'    2 0000-0003-3716-4378 
primary 'Cardin, C.J.'  3 0000-0002-2556-9995 
# 
loop_
_entity.id 
_entity.type 
_entity.src_method 
_entity.pdbx_description 
_entity.formula_weight 
_entity.pdbx_number_of_molecules 
_entity.pdbx_ec 
_entity.pdbx_mutation 
_entity.pdbx_fragment 
_entity.details 
1 polymer     syn 
;DNA (5'-D(*TP*CP*GP*GP*CP*GP*CP*CP*GP*A)-3')
;
3045.992 2  ? ? ? ? 
2 non-polymer syn 'BARIUM ION'                                                    137.327  2  ? ? ? ? 
3 non-polymer syn 'Ruthenium (bis-(phenanthroline)) (11-nitro-dipyridophenazine)' 788.777  2  ? ? ? ? 
4 water       nat water                                                           18.015   41 ? ? ? ? 
# 
_entity_poly.entity_id                      1 
_entity_poly.type                           polydeoxyribonucleotide 
_entity_poly.nstd_linkage                   no 
_entity_poly.nstd_monomer                   no 
_entity_poly.pdbx_seq_one_letter_code       '(DT)(DC)(DG)(DG)(DC)(DG)(DC)(DC)(DG)(DA)' 
_entity_poly.pdbx_seq_one_letter_code_can   TCGGCGCCGA 
_entity_poly.pdbx_strand_id                 A,B 
_entity_poly.pdbx_target_identifier         ? 
# 
loop_
_pdbx_entity_nonpoly.entity_id 
_pdbx_entity_nonpoly.name 
_pdbx_entity_nonpoly.comp_id 
2 'BARIUM ION'                                                    BA  
3 'Ruthenium (bis-(phenanthroline)) (11-nitro-dipyridophenazine)' KHK 
4 water                                                           HOH 
# 
loop_
_entity_poly_seq.entity_id 
_entity_poly_seq.num 
_entity_poly_seq.mon_id 
_entity_poly_seq.hetero 
1 1  DT n 
1 2  DC n 
1 3  DG n 
1 4  DG n 
1 5  DC n 
1 6  DG n 
1 7  DC n 
1 8  DC n 
1 9  DG n 
1 10 DA n 
# 
_pdbx_entity_src_syn.entity_id              1 
_pdbx_entity_src_syn.pdbx_src_id            1 
_pdbx_entity_src_syn.pdbx_alt_source_flag   sample 
_pdbx_entity_src_syn.pdbx_beg_seq_num       1 
_pdbx_entity_src_syn.pdbx_end_seq_num       10 
_pdbx_entity_src_syn.organism_scientific    'synthetic construct' 
_pdbx_entity_src_syn.organism_common_name   ? 
_pdbx_entity_src_syn.ncbi_taxonomy_id       32630 
_pdbx_entity_src_syn.details                ? 
# 
loop_
_chem_comp.id 
_chem_comp.type 
_chem_comp.mon_nstd_flag 
_chem_comp.name 
_chem_comp.pdbx_synonyms 
_chem_comp.formula 
_chem_comp.formula_weight 
BA  non-polymer   . 'BARIUM ION'                                                    ? 'Ba 2'             137.327 
DA  'DNA linking' y "2'-DEOXYADENOSINE-5'-MONOPHOSPHATE"                            ? 'C10 H14 N5 O6 P'  331.222 
DC  'DNA linking' y "2'-DEOXYCYTIDINE-5'-MONOPHOSPHATE"                             ? 'C9 H14 N3 O7 P'   307.197 
DG  'DNA linking' y "2'-DEOXYGUANOSINE-5'-MONOPHOSPHATE"                            ? 'C10 H14 N5 O7 P'  347.221 
DT  'DNA linking' y "THYMIDINE-5'-MONOPHOSPHATE"                                    ? 'C10 H15 N2 O8 P'  322.208 
HOH non-polymer   . WATER                                                           ? 'H2 O'             18.015  
KHK non-polymer   . 'Ruthenium (bis-(phenanthroline)) (11-nitro-dipyridophenazine)' ? 'C42 H25 N9 O2 Ru' 788.777 
# 
loop_
_pdbx_poly_seq_scheme.asym_id 
_pdbx_poly_seq_scheme.entity_id 
_pdbx_poly_seq_scheme.seq_id 
_pdbx_poly_seq_scheme.mon_id 
_pdbx_poly_seq_scheme.ndb_seq_num 
_pdbx_poly_seq_scheme.pdb_seq_num 
_pdbx_poly_seq_scheme.auth_seq_num 
_pdbx_poly_seq_scheme.pdb_mon_id 
_pdbx_poly_seq_scheme.auth_mon_id 
_pdbx_poly_seq_scheme.pdb_strand_id 
_pdbx_poly_seq_scheme.pdb_ins_code 
_pdbx_poly_seq_scheme.hetero 
A 1 1  DT 1  1  1  DT DT A . n 
A 1 2  DC 2  2  2  DC DC A . n 
A 1 3  DG 3  3  3  DG DG A . n 
A 1 4  DG 4  4  4  DG DG A . n 
A 1 5  DC 5  5  5  DC DC A . n 
A 1 6  DG 6  6  6  DG DG A . n 
A 1 7  DC 7  7  7  DC DC A . n 
A 1 8  DC 8  8  8  DC DC A . n 
A 1 9  DG 9  9  9  DG DG A . n 
A 1 10 DA 10 10 10 DA DA A . n 
B 1 1  DT 1  1  1  DT DT B . n 
B 1 2  DC 2  2  2  DC DC B . n 
B 1 3  DG 3  3  3  DG DG B . n 
B 1 4  DG 4  4  4  DG DG B . n 
B 1 5  DC 5  5  5  DC DC B . n 
B 1 6  DG 6  6  6  DG DG B . n 
B 1 7  DC 7  7  7  DC DC B . n 
B 1 8  DC 8  8  8  DC DC B . n 
B 1 9  DG 9  9  9  DG DG B . n 
B 1 10 DA 10 10 10 DA DA B . n 
# 
loop_
_pdbx_nonpoly_scheme.asym_id 
_pdbx_nonpoly_scheme.entity_id 
_pdbx_nonpoly_scheme.mon_id 
_pdbx_nonpoly_scheme.ndb_seq_num 
_pdbx_nonpoly_scheme.pdb_seq_num 
_pdbx_nonpoly_scheme.auth_seq_num 
_pdbx_nonpoly_scheme.pdb_mon_id 
_pdbx_nonpoly_scheme.auth_mon_id 
_pdbx_nonpoly_scheme.pdb_strand_id 
_pdbx_nonpoly_scheme.pdb_ins_code 
C 2 BA  1  101 102 BA  BA  A . 
D 3 KHK 1  102 2   KHK 11N A . 
E 2 BA  1  101 103 BA  BA  B . 
F 3 KHK 1  102 1   KHK 11N B . 
G 4 HOH 1  201 24  HOH HOH A . 
G 4 HOH 2  202 28  HOH HOH A . 
G 4 HOH 3  203 14  HOH HOH A . 
G 4 HOH 4  204 37  HOH HOH A . 
G 4 HOH 5  205 26  HOH HOH A . 
G 4 HOH 6  206 10  HOH HOH A . 
G 4 HOH 7  207 15  HOH HOH A . 
G 4 HOH 8  208 6   HOH HOH A . 
G 4 HOH 9  209 23  HOH HOH A . 
G 4 HOH 10 210 3   HOH HOH A . 
G 4 HOH 11 211 8   HOH HOH A . 
G 4 HOH 12 212 18  HOH HOH A . 
G 4 HOH 13 213 38  HOH HOH A . 
G 4 HOH 14 214 44  HOH HOH A . 
G 4 HOH 15 215 36  HOH HOH A . 
G 4 HOH 16 216 31  HOH HOH A . 
G 4 HOH 17 217 21  HOH HOH A . 
G 4 HOH 18 218 30  HOH HOH A . 
G 4 HOH 19 219 17  HOH HOH A . 
G 4 HOH 20 220 27  HOH HOH A . 
H 4 HOH 1  201 25  HOH HOH B . 
H 4 HOH 2  202 35  HOH HOH B . 
H 4 HOH 3  203 33  HOH HOH B . 
H 4 HOH 4  204 13  HOH HOH B . 
H 4 HOH 5  205 29  HOH HOH B . 
H 4 HOH 6  206 34  HOH HOH B . 
H 4 HOH 7  207 7   HOH HOH B . 
H 4 HOH 8  208 16  HOH HOH B . 
H 4 HOH 9  209 5   HOH HOH B . 
H 4 HOH 10 210 9   HOH HOH B . 
H 4 HOH 11 211 20  HOH HOH B . 
H 4 HOH 12 212 4   HOH HOH B . 
H 4 HOH 13 213 40  HOH HOH B . 
H 4 HOH 14 214 22  HOH HOH B . 
H 4 HOH 15 215 32  HOH HOH B . 
H 4 HOH 16 216 19  HOH HOH B . 
H 4 HOH 17 217 45  HOH HOH B . 
H 4 HOH 18 218 42  HOH HOH B . 
H 4 HOH 19 219 39  HOH HOH B . 
H 4 HOH 20 220 46  HOH HOH B . 
H 4 HOH 21 221 41  HOH HOH B . 
# 
loop_
_software.citation_id 
_software.classification 
_software.compiler_name 
_software.compiler_version 
_software.contact_author 
_software.contact_author_email 
_software.date 
_software.description 
_software.dependencies 
_software.hardware 
_software.language 
_software.location 
_software.mods 
_software.name 
_software.os 
_software.os_version 
_software.type 
_software.version 
_software.pdbx_ordinal 
? refinement       ? ? ? ? ? ? ? ? ? ? ? PHENIX  ? ? ? '(1.15rc2_3433: ???)' 1 
? 'data reduction' ? ? ? ? ? ? ? ? ? ? ? xia2    ? ? ? .                     2 
? 'data reduction' ? ? ? ? ? ? ? ? ? ? ? DIALS   ? ? ? .                     3 
? 'data scaling'   ? ? ? ? ? ? ? ? ? ? ? Aimless ? ? ? .                     4 
? phasing          ? ? ? ? ? ? ? ? ? ? ? PHASER  ? ? ? .                     5 
? 'model building' ? ? ? ? ? ? ? ? ? ? ? Coot    ? ? ? .                     6 
# 
_cell.angle_alpha                  90.00 
_cell.angle_alpha_esd              ? 
_cell.angle_beta                   90.00 
_cell.angle_beta_esd               ? 
_cell.angle_gamma                  90.00 
_cell.angle_gamma_esd              ? 
_cell.entry_id                     6RSP 
_cell.details                      ? 
_cell.formula_units_Z              ? 
_cell.length_a                     47.108 
_cell.length_a_esd                 ? 
_cell.length_b                     47.108 
_cell.length_b_esd                 ? 
_cell.length_c                     32.460 
_cell.length_c_esd                 ? 
_cell.volume                       ? 
_cell.volume_esd                   ? 
_cell.Z_PDB                        8 
_cell.reciprocal_angle_alpha       ? 
_cell.reciprocal_angle_beta        ? 
_cell.reciprocal_angle_gamma       ? 
_cell.reciprocal_angle_alpha_esd   ? 
_cell.reciprocal_angle_beta_esd    ? 
_cell.reciprocal_angle_gamma_esd   ? 
_cell.reciprocal_length_a          ? 
_cell.reciprocal_length_b          ? 
_cell.reciprocal_length_c          ? 
_cell.reciprocal_length_a_esd      ? 
_cell.reciprocal_length_b_esd      ? 
_cell.reciprocal_length_c_esd      ? 
_cell.pdbx_unique_axis             ? 
# 
_symmetry.entry_id                         6RSP 
_symmetry.cell_setting                     ? 
_symmetry.Int_Tables_number                78 
_symmetry.space_group_name_Hall            ? 
_symmetry.space_group_name_H-M             'P 43' 
_symmetry.pdbx_full_space_group_name_H-M   ? 
# 
_exptl.absorpt_coefficient_mu     ? 
_exptl.absorpt_correction_T_max   ? 
_exptl.absorpt_correction_T_min   ? 
_exptl.absorpt_correction_type    ? 
_exptl.absorpt_process_details    ? 
_exptl.entry_id                   6RSP 
_exptl.crystals_number            1 
_exptl.details                    ? 
_exptl.method                     'X-RAY DIFFRACTION' 
_exptl.method_details             ? 
# 
_exptl_crystal.colour                      ? 
_exptl_crystal.density_diffrn              ? 
_exptl_crystal.density_Matthews            2.96 
_exptl_crystal.density_method              ? 
_exptl_crystal.density_percent_sol         40 
_exptl_crystal.description                 'Red Rhombohedra' 
_exptl_crystal.F_000                       ? 
_exptl_crystal.id                          1 
_exptl_crystal.preparation                 ? 
_exptl_crystal.size_max                    ? 
_exptl_crystal.size_mid                    ? 
_exptl_crystal.size_min                    ? 
_exptl_crystal.size_rad                    ? 
_exptl_crystal.colour_lustre               ? 
_exptl_crystal.colour_modifier             ? 
_exptl_crystal.colour_primary              ? 
_exptl_crystal.density_meas                ? 
_exptl_crystal.density_meas_esd            ? 
_exptl_crystal.density_meas_gt             ? 
_exptl_crystal.density_meas_lt             ? 
_exptl_crystal.density_meas_temp           ? 
_exptl_crystal.density_meas_temp_esd       ? 
_exptl_crystal.density_meas_temp_gt        ? 
_exptl_crystal.density_meas_temp_lt        ? 
_exptl_crystal.pdbx_crystal_image_url      ? 
_exptl_crystal.pdbx_crystal_image_format   ? 
_exptl_crystal.pdbx_mosaicity              ? 
_exptl_crystal.pdbx_mosaicity_esd          ? 
# 
_exptl_crystal_grow.apparatus       ? 
_exptl_crystal_grow.atmosphere      ? 
_exptl_crystal_grow.crystal_id      1 
_exptl_crystal_grow.details         ? 
_exptl_crystal_grow.method          'VAPOR DIFFUSION, SITTING DROP' 
_exptl_crystal_grow.method_ref      ? 
_exptl_crystal_grow.pH              7 
_exptl_crystal_grow.pressure        ? 
_exptl_crystal_grow.pressure_esd    ? 
_exptl_crystal_grow.seeding         ? 
_exptl_crystal_grow.seeding_ref     ? 
_exptl_crystal_grow.temp            293 
_exptl_crystal_grow.temp_details    ? 
_exptl_crystal_grow.temp_esd        ? 
_exptl_crystal_grow.time            ? 
_exptl_crystal_grow.pdbx_details    
;8 uL drop containing; 250 uM d(TCGGCGCCGA), 500 uM rac-[Ru(phen)2(11-NO2-dppz)]Cl2, 7.5% v/v MPD, 30 mM pH 7 sodium cacodylate, 9 mM spermine tetrahydrochloride, 60 mM KCl and 15 mM BaCl2, all equilibrated against 500 uL of 35% v/v MPD
;
_exptl_crystal_grow.pdbx_pH_range   ? 
# 
_diffrn.ambient_environment              ? 
_diffrn.ambient_temp                     100 
_diffrn.ambient_temp_details             ? 
_diffrn.ambient_temp_esd                 ? 
_diffrn.crystal_id                       1 
_diffrn.crystal_support                  ? 
_diffrn.crystal_treatment                ? 
_diffrn.details                          ? 
_diffrn.id                               1 
_diffrn.ambient_pressure                 ? 
_diffrn.ambient_pressure_esd             ? 
_diffrn.ambient_pressure_gt              ? 
_diffrn.ambient_pressure_lt              ? 
_diffrn.ambient_temp_gt                  ? 
_diffrn.ambient_temp_lt                  ? 
_diffrn.pdbx_serial_crystal_experiment   N 
# 
_diffrn_detector.details                      ? 
_diffrn_detector.detector                     PIXEL 
_diffrn_detector.diffrn_id                    1 
_diffrn_detector.type                         'DECTRIS PILATUS3 S 6M' 
_diffrn_detector.area_resol_mean              ? 
_diffrn_detector.dtime                        ? 
_diffrn_detector.pdbx_frames_total            ? 
_diffrn_detector.pdbx_collection_time_total   ? 
_diffrn_detector.pdbx_collection_date         2019-02-18 
_diffrn_detector.pdbx_frequency               ? 
# 
_diffrn_radiation.collimation                      ? 
_diffrn_radiation.diffrn_id                        1 
_diffrn_radiation.filter_edge                      ? 
_diffrn_radiation.inhomogeneity                    ? 
_diffrn_radiation.monochromator                    ? 
_diffrn_radiation.polarisn_norm                    ? 
_diffrn_radiation.polarisn_ratio                   ? 
_diffrn_radiation.probe                            ? 
_diffrn_radiation.type                             ? 
_diffrn_radiation.xray_symbol                      ? 
_diffrn_radiation.wavelength_id                    1 
_diffrn_radiation.pdbx_monochromatic_or_laue_m_l   M 
_diffrn_radiation.pdbx_wavelength_list             ? 
_diffrn_radiation.pdbx_wavelength                  ? 
_diffrn_radiation.pdbx_diffrn_protocol             'SINGLE WAVELENGTH' 
_diffrn_radiation.pdbx_analyzer                    ? 
_diffrn_radiation.pdbx_scattering_type             x-ray 
# 
_diffrn_radiation_wavelength.id           1 
_diffrn_radiation_wavelength.wavelength   0.9763 
_diffrn_radiation_wavelength.wt           1.0 
# 
_diffrn_source.current                     ? 
_diffrn_source.details                     ? 
_diffrn_source.diffrn_id                   1 
_diffrn_source.power                       ? 
_diffrn_source.size                        ? 
_diffrn_source.source                      SYNCHROTRON 
_diffrn_source.target                      ? 
_diffrn_source.type                        'DIAMOND BEAMLINE I03' 
_diffrn_source.voltage                     ? 
_diffrn_source.take-off_angle              ? 
_diffrn_source.pdbx_wavelength_list        0.9763 
_diffrn_source.pdbx_wavelength             ? 
_diffrn_source.pdbx_synchrotron_beamline   I03 
_diffrn_source.pdbx_synchrotron_site       Diamond 
# 
_reflns.B_iso_Wilson_estimate            ? 
_reflns.entry_id                         6RSP 
_reflns.data_reduction_details           ? 
_reflns.data_reduction_method            ? 
_reflns.d_resolution_high                1.91 
_reflns.d_resolution_low                 33.31 
_reflns.details                          ? 
_reflns.limit_h_max                      ? 
_reflns.limit_h_min                      ? 
_reflns.limit_k_max                      ? 
_reflns.limit_k_min                      ? 
_reflns.limit_l_max                      ? 
_reflns.limit_l_min                      ? 
_reflns.number_all                       ? 
_reflns.number_obs                       5650 
_reflns.observed_criterion               ? 
_reflns.observed_criterion_F_max         ? 
_reflns.observed_criterion_F_min         ? 
_reflns.observed_criterion_I_max         ? 
_reflns.observed_criterion_I_min         ? 
_reflns.observed_criterion_sigma_F       ? 
_reflns.observed_criterion_sigma_I       ? 
_reflns.percent_possible_obs             100 
_reflns.R_free_details                   ? 
_reflns.Rmerge_F_all                     ? 
_reflns.Rmerge_F_obs                     ? 
_reflns.Friedel_coverage                 ? 
_reflns.number_gt                        ? 
_reflns.threshold_expression             ? 
_reflns.pdbx_redundancy                  12.9 
_reflns.pdbx_Rmerge_I_obs                0.057 
_reflns.pdbx_Rmerge_I_all                ? 
_reflns.pdbx_Rsym_value                  ? 
_reflns.pdbx_netI_over_av_sigmaI         ? 
_reflns.pdbx_netI_over_sigmaI            19 
_reflns.pdbx_res_netI_over_av_sigmaI_2   ? 
_reflns.pdbx_res_netI_over_sigmaI_2      ? 
_reflns.pdbx_chi_squared                 ? 
_reflns.pdbx_scaling_rejects             ? 
_reflns.pdbx_d_res_high_opt              ? 
_reflns.pdbx_d_res_low_opt               ? 
_reflns.pdbx_d_res_opt_method            ? 
_reflns.phase_calculation_details        ? 
_reflns.pdbx_Rrim_I_all                  0.059 
_reflns.pdbx_Rpim_I_all                  0.016 
_reflns.pdbx_d_opt                       ? 
_reflns.pdbx_number_measured_all         ? 
_reflns.pdbx_diffrn_id                   1 
_reflns.pdbx_ordinal                     1 
_reflns.pdbx_CC_half                     1.00 
_reflns.pdbx_R_split                     ? 
# 
_reflns_shell.d_res_high                  1.91 
_reflns_shell.d_res_low                   1.94 
_reflns_shell.meanI_over_sigI_all         ? 
_reflns_shell.meanI_over_sigI_obs         ? 
_reflns_shell.number_measured_all         ? 
_reflns_shell.number_measured_obs         ? 
_reflns_shell.number_possible             ? 
_reflns_shell.number_unique_all           ? 
_reflns_shell.number_unique_obs           3398 
_reflns_shell.percent_possible_all        ? 
_reflns_shell.percent_possible_obs        ? 
_reflns_shell.Rmerge_F_all                ? 
_reflns_shell.Rmerge_F_obs                ? 
_reflns_shell.Rmerge_I_all                ? 
_reflns_shell.Rmerge_I_obs                ? 
_reflns_shell.meanI_over_sigI_gt          ? 
_reflns_shell.meanI_over_uI_all           ? 
_reflns_shell.meanI_over_uI_gt            ? 
_reflns_shell.number_measured_gt          ? 
_reflns_shell.number_unique_gt            ? 
_reflns_shell.percent_possible_gt         ? 
_reflns_shell.Rmerge_F_gt                 ? 
_reflns_shell.Rmerge_I_gt                 ? 
_reflns_shell.pdbx_redundancy             ? 
_reflns_shell.pdbx_Rsym_value             ? 
_reflns_shell.pdbx_chi_squared            ? 
_reflns_shell.pdbx_netI_over_sigmaI_all   ? 
_reflns_shell.pdbx_netI_over_sigmaI_obs   ? 
_reflns_shell.pdbx_Rrim_I_all             ? 
_reflns_shell.pdbx_Rpim_I_all             ? 
_reflns_shell.pdbx_rejects                ? 
_reflns_shell.pdbx_ordinal                1 
_reflns_shell.pdbx_diffrn_id              1 
_reflns_shell.pdbx_CC_half                ? 
_reflns_shell.pdbx_R_split                ? 
# 
_refine.aniso_B[1][1]                            ? 
_refine.aniso_B[1][2]                            ? 
_refine.aniso_B[1][3]                            ? 
_refine.aniso_B[2][2]                            ? 
_refine.aniso_B[2][3]                            ? 
_refine.aniso_B[3][3]                            ? 
_refine.B_iso_max                                ? 
_refine.B_iso_mean                               ? 
_refine.B_iso_min                                ? 
_refine.correlation_coeff_Fo_to_Fc               ? 
_refine.correlation_coeff_Fo_to_Fc_free          ? 
_refine.details                                  ? 
_refine.diff_density_max                         ? 
_refine.diff_density_max_esd                     ? 
_refine.diff_density_min                         ? 
_refine.diff_density_min_esd                     ? 
_refine.diff_density_rms                         ? 
_refine.diff_density_rms_esd                     ? 
_refine.entry_id                                 6RSP 
_refine.pdbx_refine_id                           'X-RAY DIFFRACTION' 
_refine.ls_abs_structure_details                 ? 
_refine.ls_abs_structure_Flack                   ? 
_refine.ls_abs_structure_Flack_esd               ? 
_refine.ls_abs_structure_Rogers                  ? 
_refine.ls_abs_structure_Rogers_esd              ? 
_refine.ls_d_res_high                            1.910 
_refine.ls_d_res_low                             33.310 
_refine.ls_extinction_coef                       ? 
_refine.ls_extinction_coef_esd                   ? 
_refine.ls_extinction_expression                 ? 
_refine.ls_extinction_method                     ? 
_refine.ls_goodness_of_fit_all                   ? 
_refine.ls_goodness_of_fit_all_esd               ? 
_refine.ls_goodness_of_fit_obs                   ? 
_refine.ls_goodness_of_fit_obs_esd               ? 
_refine.ls_hydrogen_treatment                    ? 
_refine.ls_matrix_type                           ? 
_refine.ls_number_constraints                    ? 
_refine.ls_number_parameters                     ? 
_refine.ls_number_reflns_all                     ? 
_refine.ls_number_reflns_obs                     10800 
_refine.ls_number_reflns_R_free                  504 
_refine.ls_number_reflns_R_work                  ? 
_refine.ls_number_restraints                     ? 
_refine.ls_percent_reflns_obs                    99.94 
_refine.ls_percent_reflns_R_free                 4.67 
_refine.ls_R_factor_all                          ? 
_refine.ls_R_factor_obs                          0.1876 
_refine.ls_R_factor_R_free                       0.2105 
_refine.ls_R_factor_R_free_error                 ? 
_refine.ls_R_factor_R_free_error_details         ? 
_refine.ls_R_factor_R_work                       0.1864 
_refine.ls_R_Fsqd_factor_obs                     ? 
_refine.ls_R_I_factor_obs                        ? 
_refine.ls_redundancy_reflns_all                 ? 
_refine.ls_redundancy_reflns_obs                 ? 
_refine.ls_restrained_S_all                      ? 
_refine.ls_restrained_S_obs                      ? 
_refine.ls_shift_over_esd_max                    ? 
_refine.ls_shift_over_esd_mean                   ? 
_refine.ls_structure_factor_coef                 ? 
_refine.ls_weighting_details                     ? 
_refine.ls_weighting_scheme                      ? 
_refine.ls_wR_factor_all                         ? 
_refine.ls_wR_factor_obs                         ? 
_refine.ls_wR_factor_R_free                      ? 
_refine.ls_wR_factor_R_work                      ? 
_refine.occupancy_max                            ? 
_refine.occupancy_min                            ? 
_refine.solvent_model_details                    ? 
_refine.solvent_model_param_bsol                 ? 
_refine.solvent_model_param_ksol                 ? 
_refine.ls_R_factor_gt                           ? 
_refine.ls_goodness_of_fit_gt                    ? 
_refine.ls_goodness_of_fit_ref                   ? 
_refine.ls_shift_over_su_max                     ? 
_refine.ls_shift_over_su_max_lt                  ? 
_refine.ls_shift_over_su_mean                    ? 
_refine.ls_shift_over_su_mean_lt                 ? 
_refine.pdbx_ls_sigma_I                          ? 
_refine.pdbx_ls_sigma_F                          1.34 
_refine.pdbx_ls_sigma_Fsqd                       ? 
_refine.pdbx_data_cutoff_high_absF               ? 
_refine.pdbx_data_cutoff_high_rms_absF           ? 
_refine.pdbx_data_cutoff_low_absF                ? 
_refine.pdbx_isotropic_thermal_model             ? 
_refine.pdbx_ls_cross_valid_method               'FREE R-VALUE' 
_refine.pdbx_method_to_determine_struct          SAD 
_refine.pdbx_starting_model                      ? 
_refine.pdbx_stereochemistry_target_values       ? 
_refine.pdbx_R_Free_selection_details            ? 
_refine.pdbx_stereochem_target_val_spec_case     ? 
_refine.pdbx_overall_ESU_R                       ? 
_refine.pdbx_overall_ESU_R_Free                  ? 
_refine.pdbx_solvent_vdw_probe_radii             1.11 
_refine.pdbx_solvent_ion_probe_radii             ? 
_refine.pdbx_solvent_shrinkage_radii             0.90 
_refine.pdbx_real_space_R                        ? 
_refine.pdbx_density_correlation                 ? 
_refine.pdbx_pd_number_of_powder_patterns        ? 
_refine.pdbx_pd_number_of_points                 ? 
_refine.pdbx_pd_meas_number_of_points            ? 
_refine.pdbx_pd_proc_ls_prof_R_factor            ? 
_refine.pdbx_pd_proc_ls_prof_wR_factor           ? 
_refine.pdbx_pd_Marquardt_correlation_coeff      ? 
_refine.pdbx_pd_Fsqrd_R_factor                   ? 
_refine.pdbx_pd_ls_matrix_band_width             ? 
_refine.pdbx_overall_phase_error                 32.66 
_refine.pdbx_overall_SU_R_free_Cruickshank_DPI   ? 
_refine.pdbx_overall_SU_R_free_Blow_DPI          ? 
_refine.pdbx_overall_SU_R_Blow_DPI               ? 
_refine.pdbx_TLS_residual_ADP_flag               ? 
_refine.pdbx_diffrn_id                           1 
_refine.overall_SU_B                             ? 
_refine.overall_SU_ML                            0.25 
_refine.overall_SU_R_Cruickshank_DPI             ? 
_refine.overall_SU_R_free                        ? 
_refine.overall_FOM_free_R_set                   ? 
_refine.overall_FOM_work_R_set                   ? 
_refine.pdbx_average_fsc_overall                 ? 
_refine.pdbx_average_fsc_work                    ? 
_refine.pdbx_average_fsc_free                    ? 
# 
_refine_hist.pdbx_refine_id                   'X-RAY DIFFRACTION' 
_refine_hist.cycle_id                         LAST 
_refine_hist.details                          ? 
_refine_hist.d_res_high                       1.910 
_refine_hist.d_res_low                        33.310 
_refine_hist.number_atoms_solvent             41 
_refine_hist.number_atoms_total               555 
_refine_hist.number_reflns_all                ? 
_refine_hist.number_reflns_obs                ? 
_refine_hist.number_reflns_R_free             ? 
_refine_hist.number_reflns_R_work             ? 
_refine_hist.R_factor_all                     ? 
_refine_hist.R_factor_obs                     ? 
_refine_hist.R_factor_R_free                  ? 
_refine_hist.R_factor_R_work                  ? 
_refine_hist.pdbx_number_residues_total       ? 
_refine_hist.pdbx_B_iso_mean_ligand           ? 
_refine_hist.pdbx_B_iso_mean_solvent          ? 
_refine_hist.pdbx_number_atoms_protein        0 
_refine_hist.pdbx_number_atoms_nucleic_acid   404 
_refine_hist.pdbx_number_atoms_ligand         110 
_refine_hist.pdbx_number_atoms_lipid          ? 
_refine_hist.pdbx_number_atoms_carb           ? 
_refine_hist.pdbx_pseudo_atom_details         ? 
# 
loop_
_refine_ls_restr.pdbx_refine_id 
_refine_ls_restr.criterion 
_refine_ls_restr.dev_ideal 
_refine_ls_restr.dev_ideal_target 
_refine_ls_restr.number 
_refine_ls_restr.rejects 
_refine_ls_restr.type 
_refine_ls_restr.weight 
_refine_ls_restr.pdbx_restraint_function 
'X-RAY DIFFRACTION' ? 0.012  ? 720  ? f_bond_d           ? ? 
'X-RAY DIFFRACTION' ? 1.225  ? 1150 ? f_angle_d          ? ? 
'X-RAY DIFFRACTION' ? 26.880 ? 216  ? f_dihedral_angle_d ? ? 
'X-RAY DIFFRACTION' ? 0.054  ? 78   ? f_chiral_restr     ? ? 
'X-RAY DIFFRACTION' ? 0.012  ? 36   ? f_plane_restr      ? ? 
# 
loop_
_refine_ls_shell.pdbx_refine_id 
_refine_ls_shell.d_res_high 
_refine_ls_shell.d_res_low 
_refine_ls_shell.number_reflns_all 
_refine_ls_shell.number_reflns_obs 
_refine_ls_shell.number_reflns_R_free 
_refine_ls_shell.number_reflns_R_work 
_refine_ls_shell.percent_reflns_obs 
_refine_ls_shell.percent_reflns_R_free 
_refine_ls_shell.R_factor_all 
_refine_ls_shell.R_factor_obs 
_refine_ls_shell.R_factor_R_free 
_refine_ls_shell.R_factor_R_free_error 
_refine_ls_shell.R_factor_R_work 
_refine_ls_shell.redundancy_reflns_all 
_refine_ls_shell.redundancy_reflns_obs 
_refine_ls_shell.wR_factor_all 
_refine_ls_shell.wR_factor_obs 
_refine_ls_shell.wR_factor_R_free 
_refine_ls_shell.wR_factor_R_work 
_refine_ls_shell.pdbx_total_number_of_bins_used 
_refine_ls_shell.pdbx_phase_error 
_refine_ls_shell.pdbx_fsc_work 
_refine_ls_shell.pdbx_fsc_free 
'X-RAY DIFFRACTION' 1.9100 2.1022  . . 105 2555 100.00 . . . 0.3290 . 0.2624 . . . . . . . . . . 
'X-RAY DIFFRACTION' 2.1022 2.4063  . . 105 2615 100.00 . . . 0.2588 . 0.1990 . . . . . . . . . . 
'X-RAY DIFFRACTION' 2.4063 3.0314  . . 152 2556 100.00 . . . 0.2057 . 0.2206 . . . . . . . . . . 
'X-RAY DIFFRACTION' 3.0314 33.3152 . . 142 2570 100.00 . . . 0.2016 . 0.1691 . . . . . . . . . . 
# 
_struct.entry_id                     6RSP 
_struct.title                        'L-[Ru(phen)2(11-NO2-dppz)]2+ bound to the Oligonucleotide sequence d(TCGGCGCCGA)' 
_struct.pdbx_model_details           ? 
_struct.pdbx_formula_weight          ? 
_struct.pdbx_formula_weight_method   ? 
_struct.pdbx_model_type_details      ? 
_struct.pdbx_CASP_flag               N 
# 
_struct_keywords.entry_id        6RSP 
_struct_keywords.text            'Ruthenium, intercalation, DNA, asymmetric' 
_struct_keywords.pdbx_keywords   DNA 
# 
loop_
_struct_asym.id 
_struct_asym.pdbx_blank_PDB_chainid_flag 
_struct_asym.pdbx_modified 
_struct_asym.entity_id 
_struct_asym.details 
A N N 1 ? 
B N N 1 ? 
C N N 2 ? 
D N N 3 ? 
E N N 2 ? 
F N N 3 ? 
G N N 4 ? 
H N N 4 ? 
# 
_struct_ref.id                         1 
_struct_ref.db_name                    PDB 
_struct_ref.db_code                    6RSP 
_struct_ref.pdbx_db_accession          6RSP 
_struct_ref.pdbx_db_isoform            ? 
_struct_ref.entity_id                  1 
_struct_ref.pdbx_seq_one_letter_code   ? 
_struct_ref.pdbx_align_begin           1 
# 
loop_
_struct_ref_seq.align_id 
_struct_ref_seq.ref_id 
_struct_ref_seq.pdbx_PDB_id_code 
_struct_ref_seq.pdbx_strand_id 
_struct_ref_seq.seq_align_beg 
_struct_ref_seq.pdbx_seq_align_beg_ins_code 
_struct_ref_seq.seq_align_end 
_struct_ref_seq.pdbx_seq_align_end_ins_code 
_struct_ref_seq.pdbx_db_accession 
_struct_ref_seq.db_align_beg 
_struct_ref_seq.pdbx_db_align_beg_ins_code 
_struct_ref_seq.db_align_end 
_struct_ref_seq.pdbx_db_align_end_ins_code 
_struct_ref_seq.pdbx_auth_seq_align_beg 
_struct_ref_seq.pdbx_auth_seq_align_end 
1 1 6RSP A 1 ? 10 ? 6RSP 1 ? 10 ? 1 10 
2 1 6RSP B 1 ? 10 ? 6RSP 1 ? 10 ? 1 10 
# 
_pdbx_struct_assembly.id                   1 
_pdbx_struct_assembly.details              author_and_software_defined_assembly 
_pdbx_struct_assembly.method_details       PISA 
_pdbx_struct_assembly.oligomeric_details   dimeric 
_pdbx_struct_assembly.oligomeric_count     2 
# 
loop_
_pdbx_struct_assembly_prop.biol_id 
_pdbx_struct_assembly_prop.type 
_pdbx_struct_assembly_prop.value 
_pdbx_struct_assembly_prop.details 
1 'ABSA (A^2)' 2090 ? 
1 MORE         -24  ? 
1 'SSA (A^2)'  4490 ? 
# 
_pdbx_struct_assembly_gen.assembly_id       1 
_pdbx_struct_assembly_gen.oper_expression   1 
_pdbx_struct_assembly_gen.asym_id_list      A,B,C,D,E,F,G,H 
# 
_pdbx_struct_assembly_auth_evidence.id                     1 
_pdbx_struct_assembly_auth_evidence.assembly_id            1 
_pdbx_struct_assembly_auth_evidence.experimental_support   none 
_pdbx_struct_assembly_auth_evidence.details                ? 
# 
_pdbx_struct_oper_list.id                   1 
_pdbx_struct_oper_list.type                 'identity operation' 
_pdbx_struct_oper_list.name                 1_555 
_pdbx_struct_oper_list.symmetry_operation   x,y,z 
_pdbx_struct_oper_list.matrix[1][1]         1.0000000000 
_pdbx_struct_oper_list.matrix[1][2]         0.0000000000 
_pdbx_struct_oper_list.matrix[1][3]         0.0000000000 
_pdbx_struct_oper_list.vector[1]            0.0000000000 
_pdbx_struct_oper_list.matrix[2][1]         0.0000000000 
_pdbx_struct_oper_list.matrix[2][2]         1.0000000000 
_pdbx_struct_oper_list.matrix[2][3]         0.0000000000 
_pdbx_struct_oper_list.vector[2]            0.0000000000 
_pdbx_struct_oper_list.matrix[3][1]         0.0000000000 
_pdbx_struct_oper_list.matrix[3][2]         0.0000000000 
_pdbx_struct_oper_list.matrix[3][3]         1.0000000000 
_pdbx_struct_oper_list.vector[3]            0.0000000000 
# 
loop_
_struct_conn.id 
_struct_conn.conn_type_id 
_struct_conn.pdbx_leaving_atom_flag 
_struct_conn.pdbx_PDB_id 
_struct_conn.ptnr1_label_asym_id 
_struct_conn.ptnr1_label_comp_id 
_struct_conn.ptnr1_label_seq_id 
_struct_conn.ptnr1_label_atom_id 
_struct_conn.pdbx_ptnr1_label_alt_id 
_struct_conn.pdbx_ptnr1_PDB_ins_code 
_struct_conn.pdbx_ptnr1_standard_comp_id 
_struct_conn.ptnr1_symmetry 
_struct_conn.ptnr2_label_asym_id 
_struct_conn.ptnr2_label_comp_id 
_struct_conn.ptnr2_label_seq_id 
_struct_conn.ptnr2_label_atom_id 
_struct_conn.pdbx_ptnr2_label_alt_id 
_struct_conn.pdbx_ptnr2_PDB_ins_code 
_struct_conn.ptnr1_auth_asym_id 
_struct_conn.ptnr1_auth_comp_id 
_struct_conn.ptnr1_auth_seq_id 
_struct_conn.ptnr2_auth_asym_id 
_struct_conn.ptnr2_auth_comp_id 
_struct_conn.ptnr2_auth_seq_id 
_struct_conn.ptnr2_symmetry 
_struct_conn.pdbx_ptnr3_label_atom_id 
_struct_conn.pdbx_ptnr3_label_seq_id 
_struct_conn.pdbx_ptnr3_label_comp_id 
_struct_conn.pdbx_ptnr3_label_asym_id 
_struct_conn.pdbx_ptnr3_label_alt_id 
_struct_conn.pdbx_ptnr3_PDB_ins_code 
_struct_conn.details 
_struct_conn.pdbx_dist_value 
_struct_conn.pdbx_value_order 
_struct_conn.pdbx_role 
metalc1  metalc ? ? A DG 4  O6 ? ? ? 1_555 C BA  .  BA ? ? A DG 4   A BA  101 1_555 ? ? ? ? ? ? ?            2.743 ? ? 
metalc2  metalc ? ? C BA .  BA ? ? ? 1_555 G HOH .  O  ? ? A BA 101 A HOH 201 1_555 ? ? ? ? ? ? ?            2.604 ? ? 
metalc3  metalc ? ? C BA .  BA ? ? ? 1_555 G HOH .  O  ? ? A BA 101 A HOH 208 1_555 ? ? ? ? ? ? ?            2.632 ? ? 
metalc4  metalc ? ? C BA .  BA ? ? ? 1_555 G HOH .  O  ? ? A BA 101 A HOH 209 1_555 ? ? ? ? ? ? ?            2.732 ? ? 
metalc5  metalc ? ? C BA .  BA ? ? ? 1_555 G HOH .  O  ? ? A BA 101 A HOH 220 1_555 ? ? ? ? ? ? ?            2.673 ? ? 
metalc6  metalc ? ? B DG 4  O6 ? ? ? 1_555 E BA  .  BA ? ? B DG 4   B BA  101 1_555 ? ? ? ? ? ? ?            2.775 ? ? 
metalc7  metalc ? ? E BA .  BA ? ? ? 1_555 H HOH .  O  ? ? B BA 101 B HOH 203 1_555 ? ? ? ? ? ? ?            2.631 ? ? 
metalc8  metalc ? ? E BA .  BA ? ? ? 1_555 H HOH .  O  ? ? B BA 101 B HOH 204 1_555 ? ? ? ? ? ? ?            2.584 ? ? 
metalc9  metalc ? ? E BA .  BA ? ? ? 1_555 H HOH .  O  ? ? B BA 101 B HOH 209 1_555 ? ? ? ? ? ? ?            2.687 ? ? 
metalc10 metalc ? ? E BA .  BA ? ? ? 1_555 H HOH .  O  ? ? B BA 101 B HOH 214 1_555 ? ? ? ? ? ? ?            2.800 ? ? 
metalc11 metalc ? ? E BA .  BA ? ? ? 1_555 H HOH .  O  ? ? B BA 101 B HOH 221 1_555 ? ? ? ? ? ? ?            2.534 ? ? 
hydrog1  hydrog ? ? A DT 1  O4 ? ? ? 1_555 B DA  10 N6 ? ? A DT 1   B DA  10  1_555 ? ? ? ? ? ? 'DT-DA PAIR' ?     ? ? 
hydrog2  hydrog ? ? A DC 2  N3 ? ? ? 1_555 B DG  9  N1 ? ? A DC 2   B DG  9   1_555 ? ? ? ? ? ? WATSON-CRICK ?     ? ? 
hydrog3  hydrog ? ? A DC 2  N4 ? ? ? 1_555 B DG  9  O6 ? ? A DC 2   B DG  9   1_555 ? ? ? ? ? ? WATSON-CRICK ?     ? ? 
hydrog4  hydrog ? ? A DC 2  O2 ? ? ? 1_555 B DG  9  N2 ? ? A DC 2   B DG  9   1_555 ? ? ? ? ? ? WATSON-CRICK ?     ? ? 
hydrog5  hydrog ? ? A DG 3  N1 ? ? ? 1_555 B DC  8  N3 ? ? A DG 3   B DC  8   1_555 ? ? ? ? ? ? WATSON-CRICK ?     ? ? 
hydrog6  hydrog ? ? A DG 3  N2 ? ? ? 1_555 B DC  8  O2 ? ? A DG 3   B DC  8   1_555 ? ? ? ? ? ? WATSON-CRICK ?     ? ? 
hydrog7  hydrog ? ? A DG 3  O6 ? ? ? 1_555 B DC  8  N4 ? ? A DG 3   B DC  8   1_555 ? ? ? ? ? ? WATSON-CRICK ?     ? ? 
hydrog8  hydrog ? ? A DG 4  N1 ? ? ? 1_555 B DC  7  N3 ? ? A DG 4   B DC  7   1_555 ? ? ? ? ? ? WATSON-CRICK ?     ? ? 
hydrog9  hydrog ? ? A DG 4  N2 ? ? ? 1_555 B DC  7  O2 ? ? A DG 4   B DC  7   1_555 ? ? ? ? ? ? WATSON-CRICK ?     ? ? 
hydrog10 hydrog ? ? A DG 4  O6 ? ? ? 1_555 B DC  7  N4 ? ? A DG 4   B DC  7   1_555 ? ? ? ? ? ? WATSON-CRICK ?     ? ? 
hydrog11 hydrog ? ? A DC 5  N3 ? ? ? 1_555 B DG  6  N1 ? ? A DC 5   B DG  6   1_555 ? ? ? ? ? ? WATSON-CRICK ?     ? ? 
hydrog12 hydrog ? ? A DC 5  N4 ? ? ? 1_555 B DG  6  O6 ? ? A DC 5   B DG  6   1_555 ? ? ? ? ? ? WATSON-CRICK ?     ? ? 
hydrog13 hydrog ? ? A DC 5  O2 ? ? ? 1_555 B DG  6  N2 ? ? A DC 5   B DG  6   1_555 ? ? ? ? ? ? WATSON-CRICK ?     ? ? 
hydrog14 hydrog ? ? A DG 6  N1 ? ? ? 1_555 B DC  5  N3 ? ? A DG 6   B DC  5   1_555 ? ? ? ? ? ? WATSON-CRICK ?     ? ? 
hydrog15 hydrog ? ? A DG 6  N2 ? ? ? 1_555 B DC  5  O2 ? ? A DG 6   B DC  5   1_555 ? ? ? ? ? ? WATSON-CRICK ?     ? ? 
hydrog16 hydrog ? ? A DG 6  O6 ? ? ? 1_555 B DC  5  N4 ? ? A DG 6   B DC  5   1_555 ? ? ? ? ? ? WATSON-CRICK ?     ? ? 
hydrog17 hydrog ? ? A DC 7  N3 ? ? ? 1_555 B DG  4  N1 ? ? A DC 7   B DG  4   1_555 ? ? ? ? ? ? WATSON-CRICK ?     ? ? 
hydrog18 hydrog ? ? A DC 7  N4 ? ? ? 1_555 B DG  4  O6 ? ? A DC 7   B DG  4   1_555 ? ? ? ? ? ? WATSON-CRICK ?     ? ? 
hydrog19 hydrog ? ? A DC 7  O2 ? ? ? 1_555 B DG  4  N2 ? ? A DC 7   B DG  4   1_555 ? ? ? ? ? ? WATSON-CRICK ?     ? ? 
hydrog20 hydrog ? ? A DC 8  N3 ? ? ? 1_555 B DG  3  N1 ? ? A DC 8   B DG  3   1_555 ? ? ? ? ? ? WATSON-CRICK ?     ? ? 
hydrog21 hydrog ? ? A DC 8  N4 ? ? ? 1_555 B DG  3  O6 ? ? A DC 8   B DG  3   1_555 ? ? ? ? ? ? WATSON-CRICK ?     ? ? 
hydrog22 hydrog ? ? A DC 8  O2 ? ? ? 1_555 B DG  3  N2 ? ? A DC 8   B DG  3   1_555 ? ? ? ? ? ? WATSON-CRICK ?     ? ? 
hydrog23 hydrog ? ? A DG 9  N1 ? ? ? 1_555 B DC  2  N3 ? ? A DG 9   B DC  2   1_555 ? ? ? ? ? ? WATSON-CRICK ?     ? ? 
hydrog24 hydrog ? ? A DG 9  N2 ? ? ? 1_555 B DC  2  O2 ? ? A DG 9   B DC  2   1_555 ? ? ? ? ? ? WATSON-CRICK ?     ? ? 
hydrog25 hydrog ? ? A DG 9  O6 ? ? ? 1_555 B DC  2  N4 ? ? A DG 9   B DC  2   1_555 ? ? ? ? ? ? WATSON-CRICK ?     ? ? 
hydrog26 hydrog ? ? A DA 10 N6 ? ? ? 1_555 B DT  1  O4 ? ? A DA 10  B DT  1   1_555 ? ? ? ? ? ? 'DA-DT PAIR' ?     ? ? 
# 
loop_
_struct_conn_type.id 
_struct_conn_type.criteria 
_struct_conn_type.reference 
metalc ? ? 
hydrog ? ? 
# 
loop_
_pdbx_struct_conn_angle.id 
_pdbx_struct_conn_angle.ptnr1_label_atom_id 
_pdbx_struct_conn_angle.ptnr1_label_alt_id 
_pdbx_struct_conn_angle.ptnr1_label_asym_id 
_pdbx_struct_conn_angle.ptnr1_label_comp_id 
_pdbx_struct_conn_angle.ptnr1_label_seq_id 
_pdbx_struct_conn_angle.ptnr1_auth_atom_id 
_pdbx_struct_conn_angle.ptnr1_auth_asym_id 
_pdbx_struct_conn_angle.ptnr1_auth_comp_id 
_pdbx_struct_conn_angle.ptnr1_auth_seq_id 
_pdbx_struct_conn_angle.ptnr1_PDB_ins_code 
_pdbx_struct_conn_angle.ptnr1_symmetry 
_pdbx_struct_conn_angle.ptnr2_label_atom_id 
_pdbx_struct_conn_angle.ptnr2_label_alt_id 
_pdbx_struct_conn_angle.ptnr2_label_asym_id 
_pdbx_struct_conn_angle.ptnr2_label_comp_id 
_pdbx_struct_conn_angle.ptnr2_label_seq_id 
_pdbx_struct_conn_angle.ptnr2_auth_atom_id 
_pdbx_struct_conn_angle.ptnr2_auth_asym_id 
_pdbx_struct_conn_angle.ptnr2_auth_comp_id 
_pdbx_struct_conn_angle.ptnr2_auth_seq_id 
_pdbx_struct_conn_angle.ptnr2_PDB_ins_code 
_pdbx_struct_conn_angle.ptnr2_symmetry 
_pdbx_struct_conn_angle.ptnr3_label_atom_id 
_pdbx_struct_conn_angle.ptnr3_label_alt_id 
_pdbx_struct_conn_angle.ptnr3_label_asym_id 
_pdbx_struct_conn_angle.ptnr3_label_comp_id 
_pdbx_struct_conn_angle.ptnr3_label_seq_id 
_pdbx_struct_conn_angle.ptnr3_auth_atom_id 
_pdbx_struct_conn_angle.ptnr3_auth_asym_id 
_pdbx_struct_conn_angle.ptnr3_auth_comp_id 
_pdbx_struct_conn_angle.ptnr3_auth_seq_id 
_pdbx_struct_conn_angle.ptnr3_PDB_ins_code 
_pdbx_struct_conn_angle.ptnr3_symmetry 
_pdbx_struct_conn_angle.value 
_pdbx_struct_conn_angle.value_esd 
1  O6 ? A DG  4 ? A DG  4   ? 1_555 BA ? C BA . ? A BA 101 ? 1_555 O ? G HOH . ? A HOH 201 ? 1_555 150.1 ? 
2  O6 ? A DG  4 ? A DG  4   ? 1_555 BA ? C BA . ? A BA 101 ? 1_555 O ? G HOH . ? A HOH 208 ? 1_555 64.3  ? 
3  O  ? G HOH . ? A HOH 201 ? 1_555 BA ? C BA . ? A BA 101 ? 1_555 O ? G HOH . ? A HOH 208 ? 1_555 132.3 ? 
4  O6 ? A DG  4 ? A DG  4   ? 1_555 BA ? C BA . ? A BA 101 ? 1_555 O ? G HOH . ? A HOH 209 ? 1_555 91.6  ? 
5  O  ? G HOH . ? A HOH 201 ? 1_555 BA ? C BA . ? A BA 101 ? 1_555 O ? G HOH . ? A HOH 209 ? 1_555 117.1 ? 
6  O  ? G HOH . ? A HOH 208 ? 1_555 BA ? C BA . ? A BA 101 ? 1_555 O ? G HOH . ? A HOH 209 ? 1_555 67.9  ? 
7  O6 ? A DG  4 ? A DG  4   ? 1_555 BA ? C BA . ? A BA 101 ? 1_555 O ? G HOH . ? A HOH 220 ? 1_555 121.6 ? 
8  O  ? G HOH . ? A HOH 201 ? 1_555 BA ? C BA . ? A BA 101 ? 1_555 O ? G HOH . ? A HOH 220 ? 1_555 77.2  ? 
9  O  ? G HOH . ? A HOH 208 ? 1_555 BA ? C BA . ? A BA 101 ? 1_555 O ? G HOH . ? A HOH 220 ? 1_555 57.8  ? 
10 O  ? G HOH . ? A HOH 209 ? 1_555 BA ? C BA . ? A BA 101 ? 1_555 O ? G HOH . ? A HOH 220 ? 1_555 74.4  ? 
11 O6 ? B DG  4 ? B DG  4   ? 1_555 BA ? E BA . ? B BA 101 ? 1_555 O ? H HOH . ? B HOH 203 ? 1_555 148.7 ? 
12 O6 ? B DG  4 ? B DG  4   ? 1_555 BA ? E BA . ? B BA 101 ? 1_555 O ? H HOH . ? B HOH 204 ? 1_555 130.7 ? 
13 O  ? H HOH . ? B HOH 203 ? 1_555 BA ? E BA . ? B BA 101 ? 1_555 O ? H HOH . ? B HOH 204 ? 1_555 60.8  ? 
14 O6 ? B DG  4 ? B DG  4   ? 1_555 BA ? E BA . ? B BA 101 ? 1_555 O ? H HOH . ? B HOH 209 ? 1_555 61.7  ? 
15 O  ? H HOH . ? B HOH 203 ? 1_555 BA ? E BA . ? B BA 101 ? 1_555 O ? H HOH . ? B HOH 209 ? 1_555 131.5 ? 
16 O  ? H HOH . ? B HOH 204 ? 1_555 BA ? E BA . ? B BA 101 ? 1_555 O ? H HOH . ? B HOH 209 ? 1_555 142.0 ? 
17 O6 ? B DG  4 ? B DG  4   ? 1_555 BA ? E BA . ? B BA 101 ? 1_555 O ? H HOH . ? B HOH 214 ? 1_555 96.2  ? 
18 O  ? H HOH . ? B HOH 203 ? 1_555 BA ? E BA . ? B BA 101 ? 1_555 O ? H HOH . ? B HOH 214 ? 1_555 114.7 ? 
19 O  ? H HOH . ? B HOH 204 ? 1_555 BA ? E BA . ? B BA 101 ? 1_555 O ? H HOH . ? B HOH 214 ? 1_555 71.4  ? 
20 O  ? H HOH . ? B HOH 209 ? 1_555 BA ? E BA . ? B BA 101 ? 1_555 O ? H HOH . ? B HOH 214 ? 1_555 71.4  ? 
21 O6 ? B DG  4 ? B DG  4   ? 1_555 BA ? E BA . ? B BA 101 ? 1_555 O ? H HOH . ? B HOH 221 ? 1_555 129.8 ? 
22 O  ? H HOH . ? B HOH 203 ? 1_555 BA ? E BA . ? B BA 101 ? 1_555 O ? H HOH . ? B HOH 221 ? 1_555 69.8  ? 
23 O  ? H HOH . ? B HOH 204 ? 1_555 BA ? E BA . ? B BA 101 ? 1_555 O ? H HOH . ? B HOH 221 ? 1_555 91.6  ? 
24 O  ? H HOH . ? B HOH 209 ? 1_555 BA ? E BA . ? B BA 101 ? 1_555 O ? H HOH . ? B HOH 221 ? 1_555 68.2  ? 
25 O  ? H HOH . ? B HOH 214 ? 1_555 BA ? E BA . ? B BA 101 ? 1_555 O ? H HOH . ? B HOH 221 ? 1_555 69.9  ? 
# 
loop_
_struct_site.id 
_struct_site.pdbx_evidence_code 
_struct_site.pdbx_auth_asym_id 
_struct_site.pdbx_auth_comp_id 
_struct_site.pdbx_auth_seq_id 
_struct_site.pdbx_auth_ins_code 
_struct_site.pdbx_num_residues 
_struct_site.details 
AC1 Software A BA  101 ? 8  'binding site for residue BA A 101'  
AC2 Software A KHK 102 ? 10 'binding site for residue KHK A 102' 
AC3 Software B BA  101 ? 8  'binding site for residue BA B 101'  
AC4 Software B KHK 102 ? 9  'binding site for residue KHK B 102' 
# 
loop_
_struct_site_gen.id 
_struct_site_gen.site_id 
_struct_site_gen.pdbx_num_res 
_struct_site_gen.label_comp_id 
_struct_site_gen.label_asym_id 
_struct_site_gen.label_seq_id 
_struct_site_gen.pdbx_auth_ins_code 
_struct_site_gen.auth_comp_id 
_struct_site_gen.auth_asym_id 
_struct_site_gen.auth_seq_id 
_struct_site_gen.label_atom_id 
_struct_site_gen.label_alt_id 
_struct_site_gen.symmetry 
_struct_site_gen.details 
1  AC1 8  DG  A 3  ? DG  A 3   . ? 1_555 ? 
2  AC1 8  DG  A 4  ? DG  A 4   . ? 1_555 ? 
3  AC1 8  HOH G .  ? HOH A 201 . ? 1_555 ? 
4  AC1 8  HOH G .  ? HOH A 203 . ? 1_555 ? 
5  AC1 8  HOH G .  ? HOH A 208 . ? 1_555 ? 
6  AC1 8  HOH G .  ? HOH A 209 . ? 1_555 ? 
7  AC1 8  HOH G .  ? HOH A 210 . ? 1_555 ? 
8  AC1 8  HOH G .  ? HOH A 220 . ? 1_555 ? 
9  AC2 10 DC  A 7  ? DC  A 7   . ? 4_555 ? 
10 AC2 10 DC  A 8  ? DC  A 8   . ? 4_555 ? 
11 AC2 10 DG  A 9  ? DG  A 9   . ? 1_555 ? 
12 AC2 10 DA  A 10 ? DA  A 10  . ? 1_555 ? 
13 AC2 10 DT  B 1  ? DT  B 1   . ? 1_555 ? 
14 AC2 10 DC  B 2  ? DC  B 2   . ? 1_555 ? 
15 AC2 10 DG  B 3  ? DG  B 3   . ? 1_555 ? 
16 AC2 10 DG  B 3  ? DG  B 3   . ? 4_555 ? 
17 AC2 10 DG  B 4  ? DG  B 4   . ? 4_555 ? 
18 AC2 10 DC  B 5  ? DC  B 5   . ? 4_555 ? 
19 AC3 8  DG  B 3  ? DG  B 3   . ? 1_555 ? 
20 AC3 8  DG  B 4  ? DG  B 4   . ? 1_555 ? 
21 AC3 8  HOH H .  ? HOH B 203 . ? 1_555 ? 
22 AC3 8  HOH H .  ? HOH B 204 . ? 1_555 ? 
23 AC3 8  HOH H .  ? HOH B 209 . ? 1_555 ? 
24 AC3 8  HOH H .  ? HOH B 212 . ? 1_555 ? 
25 AC3 8  HOH H .  ? HOH B 214 . ? 1_555 ? 
26 AC3 8  HOH H .  ? HOH B 221 . ? 1_555 ? 
27 AC4 9  DT  A 1  ? DT  A 1   . ? 1_555 ? 
28 AC4 9  DC  A 2  ? DC  A 2   . ? 1_555 ? 
29 AC4 9  DG  A 3  ? DG  A 3   . ? 3_544 ? 
30 AC4 9  DG  A 3  ? DG  A 3   . ? 1_555 ? 
31 AC4 9  DG  A 4  ? DG  A 4   . ? 3_544 ? 
32 AC4 9  DC  B 7  ? DC  B 7   . ? 3_544 ? 
33 AC4 9  DC  B 8  ? DC  B 8   . ? 3_544 ? 
34 AC4 9  DG  B 9  ? DG  B 9   . ? 1_555 ? 
35 AC4 9  DA  B 10 ? DA  B 10  . ? 1_555 ? 
# 
loop_
_pdbx_refine_tls.id 
_pdbx_refine_tls.pdbx_refine_id 
_pdbx_refine_tls.details 
_pdbx_refine_tls.method 
_pdbx_refine_tls.origin_x 
_pdbx_refine_tls.origin_y 
_pdbx_refine_tls.origin_z 
_pdbx_refine_tls.T[1][1] 
_pdbx_refine_tls.T[1][1]_esd 
_pdbx_refine_tls.T[1][2] 
_pdbx_refine_tls.T[1][2]_esd 
_pdbx_refine_tls.T[1][3] 
_pdbx_refine_tls.T[1][3]_esd 
_pdbx_refine_tls.T[2][2] 
_pdbx_refine_tls.T[2][2]_esd 
_pdbx_refine_tls.T[2][3] 
_pdbx_refine_tls.T[2][3]_esd 
_pdbx_refine_tls.T[3][3] 
_pdbx_refine_tls.T[3][3]_esd 
_pdbx_refine_tls.L[1][1] 
_pdbx_refine_tls.L[1][1]_esd 
_pdbx_refine_tls.L[1][2] 
_pdbx_refine_tls.L[1][2]_esd 
_pdbx_refine_tls.L[1][3] 
_pdbx_refine_tls.L[1][3]_esd 
_pdbx_refine_tls.L[2][2] 
_pdbx_refine_tls.L[2][2]_esd 
_pdbx_refine_tls.L[2][3] 
_pdbx_refine_tls.L[2][3]_esd 
_pdbx_refine_tls.L[3][3] 
_pdbx_refine_tls.L[3][3]_esd 
_pdbx_refine_tls.S[1][1] 
_pdbx_refine_tls.S[1][1]_esd 
_pdbx_refine_tls.S[1][2] 
_pdbx_refine_tls.S[1][2]_esd 
_pdbx_refine_tls.S[1][3] 
_pdbx_refine_tls.S[1][3]_esd 
_pdbx_refine_tls.S[2][1] 
_pdbx_refine_tls.S[2][1]_esd 
_pdbx_refine_tls.S[2][2] 
_pdbx_refine_tls.S[2][2]_esd 
_pdbx_refine_tls.S[2][3] 
_pdbx_refine_tls.S[2][3]_esd 
_pdbx_refine_tls.S[3][1] 
_pdbx_refine_tls.S[3][1]_esd 
_pdbx_refine_tls.S[3][2] 
_pdbx_refine_tls.S[3][2]_esd 
_pdbx_refine_tls.S[3][3] 
_pdbx_refine_tls.S[3][3]_esd 
1 'X-RAY DIFFRACTION' ? refined 1.4062  1.7049 3.8641  0.4251 ? -0.0614 ? -0.0177 ? 0.3545 ? 0.0506  ? 0.4538 ? 4.5274 ? -0.6242 ? -4.4904 ? 2.5758 ? -3.3527 ? 11.8019 ? 0.1972  ? -0.3700 ? -0.1991 ? 0.3678  ? -0.2233 ? -0.2472 ? 0.1754  ? 0.2033  ? 0.0808 ? 
2 'X-RAY DIFFRACTION' ? refined -1.0408 3.2109 -3.0027 0.4019 ? 0.0419  ? 0.0008  ? 0.4040 ? -0.0702 ? 0.3984 ? 4.2002 ? 1.3671  ? -4.0946 ? 1.8263 ? -0.5007 ? 13.8829 ? -0.0184 ? 0.3533  ? -0.2047 ? -0.4725 ? -0.2517 ? 0.0519  ? -0.0814 ? -0.3109 ? 0.1782 ? 
# 
loop_
_pdbx_refine_tls_group.id 
_pdbx_refine_tls_group.pdbx_refine_id 
_pdbx_refine_tls_group.refine_tls_id 
_pdbx_refine_tls_group.beg_label_asym_id 
_pdbx_refine_tls_group.beg_label_seq_id 
_pdbx_refine_tls_group.beg_auth_asym_id 
_pdbx_refine_tls_group.beg_auth_seq_id 
_pdbx_refine_tls_group.end_label_asym_id 
_pdbx_refine_tls_group.end_label_seq_id 
_pdbx_refine_tls_group.end_auth_asym_id 
_pdbx_refine_tls_group.end_auth_seq_id 
_pdbx_refine_tls_group.selection 
_pdbx_refine_tls_group.selection_details 
1 'X-RAY DIFFRACTION' 1 ? ? ? ? ? ? ? ? ? 
;chain 'A' and (resid 1 through 10 )
;
2 'X-RAY DIFFRACTION' 2 ? ? ? ? ? ? ? ? ? 
;chain 'B' and (resid 1 through 10 )
;
# 
loop_
_chem_comp_atom.comp_id 
_chem_comp_atom.atom_id 
_chem_comp_atom.type_symbol 
_chem_comp_atom.pdbx_aromatic_flag 
_chem_comp_atom.pdbx_stereo_config 
_chem_comp_atom.pdbx_ordinal 
BA  BA     BA N N 1   
DA  OP3    O  N N 2   
DA  P      P  N N 3   
DA  OP1    O  N N 4   
DA  OP2    O  N N 5   
DA  "O5'"  O  N N 6   
DA  "C5'"  C  N N 7   
DA  "C4'"  C  N R 8   
DA  "O4'"  O  N N 9   
DA  "C3'"  C  N S 10  
DA  "O3'"  O  N N 11  
DA  "C2'"  C  N N 12  
DA  "C1'"  C  N R 13  
DA  N9     N  Y N 14  
DA  C8     C  Y N 15  
DA  N7     N  Y N 16  
DA  C5     C  Y N 17  
DA  C6     C  Y N 18  
DA  N6     N  N N 19  
DA  N1     N  Y N 20  
DA  C2     C  Y N 21  
DA  N3     N  Y N 22  
DA  C4     C  Y N 23  
DA  HOP3   H  N N 24  
DA  HOP2   H  N N 25  
DA  "H5'"  H  N N 26  
DA  "H5''" H  N N 27  
DA  "H4'"  H  N N 28  
DA  "H3'"  H  N N 29  
DA  "HO3'" H  N N 30  
DA  "H2'"  H  N N 31  
DA  "H2''" H  N N 32  
DA  "H1'"  H  N N 33  
DA  H8     H  N N 34  
DA  H61    H  N N 35  
DA  H62    H  N N 36  
DA  H2     H  N N 37  
DC  OP3    O  N N 38  
DC  P      P  N N 39  
DC  OP1    O  N N 40  
DC  OP2    O  N N 41  
DC  "O5'"  O  N N 42  
DC  "C5'"  C  N N 43  
DC  "C4'"  C  N R 44  
DC  "O4'"  O  N N 45  
DC  "C3'"  C  N S 46  
DC  "O3'"  O  N N 47  
DC  "C2'"  C  N N 48  
DC  "C1'"  C  N R 49  
DC  N1     N  N N 50  
DC  C2     C  N N 51  
DC  O2     O  N N 52  
DC  N3     N  N N 53  
DC  C4     C  N N 54  
DC  N4     N  N N 55  
DC  C5     C  N N 56  
DC  C6     C  N N 57  
DC  HOP3   H  N N 58  
DC  HOP2   H  N N 59  
DC  "H5'"  H  N N 60  
DC  "H5''" H  N N 61  
DC  "H4'"  H  N N 62  
DC  "H3'"  H  N N 63  
DC  "HO3'" H  N N 64  
DC  "H2'"  H  N N 65  
DC  "H2''" H  N N 66  
DC  "H1'"  H  N N 67  
DC  H41    H  N N 68  
DC  H42    H  N N 69  
DC  H5     H  N N 70  
DC  H6     H  N N 71  
DG  OP3    O  N N 72  
DG  P      P  N N 73  
DG  OP1    O  N N 74  
DG  OP2    O  N N 75  
DG  "O5'"  O  N N 76  
DG  "C5'"  C  N N 77  
DG  "C4'"  C  N R 78  
DG  "O4'"  O  N N 79  
DG  "C3'"  C  N S 80  
DG  "O3'"  O  N N 81  
DG  "C2'"  C  N N 82  
DG  "C1'"  C  N R 83  
DG  N9     N  Y N 84  
DG  C8     C  Y N 85  
DG  N7     N  Y N 86  
DG  C5     C  Y N 87  
DG  C6     C  N N 88  
DG  O6     O  N N 89  
DG  N1     N  N N 90  
DG  C2     C  N N 91  
DG  N2     N  N N 92  
DG  N3     N  N N 93  
DG  C4     C  Y N 94  
DG  HOP3   H  N N 95  
DG  HOP2   H  N N 96  
DG  "H5'"  H  N N 97  
DG  "H5''" H  N N 98  
DG  "H4'"  H  N N 99  
DG  "H3'"  H  N N 100 
DG  "HO3'" H  N N 101 
DG  "H2'"  H  N N 102 
DG  "H2''" H  N N 103 
DG  "H1'"  H  N N 104 
DG  H8     H  N N 105 
DG  H1     H  N N 106 
DG  H21    H  N N 107 
DG  H22    H  N N 108 
DT  OP3    O  N N 109 
DT  P      P  N N 110 
DT  OP1    O  N N 111 
DT  OP2    O  N N 112 
DT  "O5'"  O  N N 113 
DT  "C5'"  C  N N 114 
DT  "C4'"  C  N R 115 
DT  "O4'"  O  N N 116 
DT  "C3'"  C  N S 117 
DT  "O3'"  O  N N 118 
DT  "C2'"  C  N N 119 
DT  "C1'"  C  N R 120 
DT  N1     N  N N 121 
DT  C2     C  N N 122 
DT  O2     O  N N 123 
DT  N3     N  N N 124 
DT  C4     C  N N 125 
DT  O4     O  N N 126 
DT  C5     C  N N 127 
DT  C7     C  N N 128 
DT  C6     C  N N 129 
DT  HOP3   H  N N 130 
DT  HOP2   H  N N 131 
DT  "H5'"  H  N N 132 
DT  "H5''" H  N N 133 
DT  "H4'"  H  N N 134 
DT  "H3'"  H  N N 135 
DT  "HO3'" H  N N 136 
DT  "H2'"  H  N N 137 
DT  "H2''" H  N N 138 
DT  "H1'"  H  N N 139 
DT  H3     H  N N 140 
DT  H71    H  N N 141 
DT  H72    H  N N 142 
DT  H73    H  N N 143 
DT  H6     H  N N 144 
HOH O      O  N N 145 
HOH H1     H  N N 146 
HOH H2     H  N N 147 
KHK C13    C  Y N 148 
KHK C17    C  Y N 149 
KHK C22    C  Y N 150 
KHK C26    C  Y N 151 
KHK C11    C  Y N 152 
KHK C14    C  Y N 153 
KHK C41    C  Y N 154 
KHK C23    C  Y N 155 
KHK C25    C  Y N 156 
KHK C01    C  Y N 157 
KHK C02    C  Y N 158 
KHK C03    C  Y N 159 
KHK C04    C  Y N 160 
KHK C05    C  Y N 161 
KHK C06    C  Y N 162 
KHK C08    C  Y N 163 
KHK C09    C  Y N 164 
KHK C12    C  Y N 165 
KHK C16    C  Y N 166 
KHK C18    C  Y N 167 
KHK C21    C  Y N 168 
KHK C27    C  Y N 169 
KHK C28    C  Y N 170 
KHK C29    C  Y N 171 
KHK C30    C  Y N 172 
KHK C31    C  Y N 173 
KHK C32    C  Y N 174 
KHK C33    C  Y N 175 
KHK C34    C  Y N 176 
KHK C35    C  Y N 177 
KHK C36    C  Y N 178 
KHK C39    C  Y N 179 
KHK C40    C  Y N 180 
KHK C42    C  Y N 181 
KHK C43    C  Y N 182 
KHK C44    C  Y N 183 
KHK C45    C  Y N 184 
KHK C46    C  Y N 185 
KHK C47    C  Y N 186 
KHK C49    C  Y N 187 
KHK C50    C  Y N 188 
KHK C51    C  Y N 189 
KHK N07    N  Y N 190 
KHK N10    N  Y N 191 
KHK N15    N  Y N 192 
KHK N20    N  Y N 193 
KHK N24    N  Y N 194 
KHK N37    N  Y N 195 
KHK N38    N  Y N 196 
KHK N48    N  Y N 197 
KHK N74    N  N N 198 
KHK O75    O  N N 199 
KHK O76    O  N N 200 
KHK RU19   RU N N 201 
KHK H55    H  N N 202 
KHK H79    H  N N 203 
KHK H59    H  N N 204 
KHK H56    H  N N 205 
KHK H68    H  N N 206 
KHK H57    H  N N 207 
KHK H58    H  N N 208 
KHK H52    H  N N 209 
KHK H53    H  N N 210 
KHK H77    H  N N 211 
KHK H54    H  N N 212 
KHK H78    H  N N 213 
KHK H60    H  N N 214 
KHK H61    H  N N 215 
KHK H62    H  N N 216 
KHK H63    H  N N 217 
KHK H64    H  N N 218 
KHK H65    H  N N 219 
KHK H66    H  N N 220 
KHK H67    H  N N 221 
KHK H69    H  N N 222 
KHK H70    H  N N 223 
KHK H71    H  N N 224 
KHK H72    H  N N 225 
KHK H73    H  N N 226 
# 
loop_
_chem_comp_bond.comp_id 
_chem_comp_bond.atom_id_1 
_chem_comp_bond.atom_id_2 
_chem_comp_bond.value_order 
_chem_comp_bond.pdbx_aromatic_flag 
_chem_comp_bond.pdbx_stereo_config 
_chem_comp_bond.pdbx_ordinal 
DA  OP3   P      sing N N 1   
DA  OP3   HOP3   sing N N 2   
DA  P     OP1    doub N N 3   
DA  P     OP2    sing N N 4   
DA  P     "O5'"  sing N N 5   
DA  OP2   HOP2   sing N N 6   
DA  "O5'" "C5'"  sing N N 7   
DA  "C5'" "C4'"  sing N N 8   
DA  "C5'" "H5'"  sing N N 9   
DA  "C5'" "H5''" sing N N 10  
DA  "C4'" "O4'"  sing N N 11  
DA  "C4'" "C3'"  sing N N 12  
DA  "C4'" "H4'"  sing N N 13  
DA  "O4'" "C1'"  sing N N 14  
DA  "C3'" "O3'"  sing N N 15  
DA  "C3'" "C2'"  sing N N 16  
DA  "C3'" "H3'"  sing N N 17  
DA  "O3'" "HO3'" sing N N 18  
DA  "C2'" "C1'"  sing N N 19  
DA  "C2'" "H2'"  sing N N 20  
DA  "C2'" "H2''" sing N N 21  
DA  "C1'" N9     sing N N 22  
DA  "C1'" "H1'"  sing N N 23  
DA  N9    C8     sing Y N 24  
DA  N9    C4     sing Y N 25  
DA  C8    N7     doub Y N 26  
DA  C8    H8     sing N N 27  
DA  N7    C5     sing Y N 28  
DA  C5    C6     sing Y N 29  
DA  C5    C4     doub Y N 30  
DA  C6    N6     sing N N 31  
DA  C6    N1     doub Y N 32  
DA  N6    H61    sing N N 33  
DA  N6    H62    sing N N 34  
DA  N1    C2     sing Y N 35  
DA  C2    N3     doub Y N 36  
DA  C2    H2     sing N N 37  
DA  N3    C4     sing Y N 38  
DC  OP3   P      sing N N 39  
DC  OP3   HOP3   sing N N 40  
DC  P     OP1    doub N N 41  
DC  P     OP2    sing N N 42  
DC  P     "O5'"  sing N N 43  
DC  OP2   HOP2   sing N N 44  
DC  "O5'" "C5'"  sing N N 45  
DC  "C5'" "C4'"  sing N N 46  
DC  "C5'" "H5'"  sing N N 47  
DC  "C5'" "H5''" sing N N 48  
DC  "C4'" "O4'"  sing N N 49  
DC  "C4'" "C3'"  sing N N 50  
DC  "C4'" "H4'"  sing N N 51  
DC  "O4'" "C1'"  sing N N 52  
DC  "C3'" "O3'"  sing N N 53  
DC  "C3'" "C2'"  sing N N 54  
DC  "C3'" "H3'"  sing N N 55  
DC  "O3'" "HO3'" sing N N 56  
DC  "C2'" "C1'"  sing N N 57  
DC  "C2'" "H2'"  sing N N 58  
DC  "C2'" "H2''" sing N N 59  
DC  "C1'" N1     sing N N 60  
DC  "C1'" "H1'"  sing N N 61  
DC  N1    C2     sing N N 62  
DC  N1    C6     sing N N 63  
DC  C2    O2     doub N N 64  
DC  C2    N3     sing N N 65  
DC  N3    C4     doub N N 66  
DC  C4    N4     sing N N 67  
DC  C4    C5     sing N N 68  
DC  N4    H41    sing N N 69  
DC  N4    H42    sing N N 70  
DC  C5    C6     doub N N 71  
DC  C5    H5     sing N N 72  
DC  C6    H6     sing N N 73  
DG  OP3   P      sing N N 74  
DG  OP3   HOP3   sing N N 75  
DG  P     OP1    doub N N 76  
DG  P     OP2    sing N N 77  
DG  P     "O5'"  sing N N 78  
DG  OP2   HOP2   sing N N 79  
DG  "O5'" "C5'"  sing N N 80  
DG  "C5'" "C4'"  sing N N 81  
DG  "C5'" "H5'"  sing N N 82  
DG  "C5'" "H5''" sing N N 83  
DG  "C4'" "O4'"  sing N N 84  
DG  "C4'" "C3'"  sing N N 85  
DG  "C4'" "H4'"  sing N N 86  
DG  "O4'" "C1'"  sing N N 87  
DG  "C3'" "O3'"  sing N N 88  
DG  "C3'" "C2'"  sing N N 89  
DG  "C3'" "H3'"  sing N N 90  
DG  "O3'" "HO3'" sing N N 91  
DG  "C2'" "C1'"  sing N N 92  
DG  "C2'" "H2'"  sing N N 93  
DG  "C2'" "H2''" sing N N 94  
DG  "C1'" N9     sing N N 95  
DG  "C1'" "H1'"  sing N N 96  
DG  N9    C8     sing Y N 97  
DG  N9    C4     sing Y N 98  
DG  C8    N7     doub Y N 99  
DG  C8    H8     sing N N 100 
DG  N7    C5     sing Y N 101 
DG  C5    C6     sing N N 102 
DG  C5    C4     doub Y N 103 
DG  C6    O6     doub N N 104 
DG  C6    N1     sing N N 105 
DG  N1    C2     sing N N 106 
DG  N1    H1     sing N N 107 
DG  C2    N2     sing N N 108 
DG  C2    N3     doub N N 109 
DG  N2    H21    sing N N 110 
DG  N2    H22    sing N N 111 
DG  N3    C4     sing N N 112 
DT  OP3   P      sing N N 113 
DT  OP3   HOP3   sing N N 114 
DT  P     OP1    doub N N 115 
DT  P     OP2    sing N N 116 
DT  P     "O5'"  sing N N 117 
DT  OP2   HOP2   sing N N 118 
DT  "O5'" "C5'"  sing N N 119 
DT  "C5'" "C4'"  sing N N 120 
DT  "C5'" "H5'"  sing N N 121 
DT  "C5'" "H5''" sing N N 122 
DT  "C4'" "O4'"  sing N N 123 
DT  "C4'" "C3'"  sing N N 124 
DT  "C4'" "H4'"  sing N N 125 
DT  "O4'" "C1'"  sing N N 126 
DT  "C3'" "O3'"  sing N N 127 
DT  "C3'" "C2'"  sing N N 128 
DT  "C3'" "H3'"  sing N N 129 
DT  "O3'" "HO3'" sing N N 130 
DT  "C2'" "C1'"  sing N N 131 
DT  "C2'" "H2'"  sing N N 132 
DT  "C2'" "H2''" sing N N 133 
DT  "C1'" N1     sing N N 134 
DT  "C1'" "H1'"  sing N N 135 
DT  N1    C2     sing N N 136 
DT  N1    C6     sing N N 137 
DT  C2    O2     doub N N 138 
DT  C2    N3     sing N N 139 
DT  N3    C4     sing N N 140 
DT  N3    H3     sing N N 141 
DT  C4    O4     doub N N 142 
DT  C4    C5     sing N N 143 
DT  C5    C7     sing N N 144 
DT  C5    C6     doub N N 145 
DT  C7    H71    sing N N 146 
DT  C7    H72    sing N N 147 
DT  C7    H73    sing N N 148 
DT  C6    H6     sing N N 149 
HOH O     H1     sing N N 150 
HOH O     H2     sing N N 151 
KHK O76   N74    doub N N 152 
KHK O75   N74    doub N N 153 
KHK N74   C01    sing N N 154 
KHK C01   C02    doub Y N 155 
KHK C01   C04    sing Y N 156 
KHK C02   C03    sing Y N 157 
KHK C04   C05    doub Y N 158 
KHK C03   C06    doub Y N 159 
KHK C05   C06    sing Y N 160 
KHK C05   N07    sing Y N 161 
KHK C06   N10    sing Y N 162 
KHK N07   C08    doub Y N 163 
KHK C41   C40    doub Y N 164 
KHK C41   C42    sing Y N 165 
KHK C40   C39    sing Y N 166 
KHK N10   C09    doub Y N 167 
KHK C08   C09    sing Y N 168 
KHK C08   C11    sing Y N 169 
KHK C09   C18    sing Y N 170 
KHK C42   C44    doub Y N 171 
KHK C42   C43    sing Y N 172 
KHK C39   N38    doub Y N 173 
KHK C44   C45    sing Y N 174 
KHK C12   C11    doub Y N 175 
KHK C12   C13    sing Y N 176 
KHK C11   C16    sing Y N 177 
KHK C18   C23    doub Y N 178 
KHK C18   C17    sing Y N 179 
KHK C13   C14    doub Y N 180 
KHK C23   C22    sing Y N 181 
KHK C43   N38    sing Y N 182 
KHK C43   C47    doub Y N 183 
KHK C45   C46    doub Y N 184 
KHK N38   RU19   sing N N 185 
KHK C16   C17    sing Y N 186 
KHK C16   N15    doub Y N 187 
KHK C17   N20    doub Y N 188 
KHK C14   N15    sing Y N 189 
KHK N15   RU19   sing N N 190 
KHK C22   C21    doub Y N 191 
KHK C47   C46    sing Y N 192 
KHK C47   N48    sing Y N 193 
KHK N20   C21    sing Y N 194 
KHK N20   RU19   sing N N 195 
KHK C46   C49    sing Y N 196 
KHK RU19  N48    sing N N 197 
KHK RU19  N24    sing N N 198 
KHK RU19  N37    sing N N 199 
KHK C25   N24    doub Y N 200 
KHK C25   C26    sing Y N 201 
KHK N48   C51    doub Y N 202 
KHK C49   C50    doub Y N 203 
KHK N24   C28    sing Y N 204 
KHK C26   C27    doub Y N 205 
KHK C51   C50    sing Y N 206 
KHK N37   C35    doub Y N 207 
KHK N37   C36    sing Y N 208 
KHK C35   C34    sing Y N 209 
KHK C28   C36    doub Y N 210 
KHK C28   C29    sing Y N 211 
KHK C27   C29    sing Y N 212 
KHK C36   C32    sing Y N 213 
KHK C29   C30    doub Y N 214 
KHK C34   C33    doub Y N 215 
KHK C32   C33    sing Y N 216 
KHK C32   C31    doub Y N 217 
KHK C30   C31    sing Y N 218 
KHK C13   H55    sing N N 219 
KHK C22   H79    sing N N 220 
KHK C26   H59    sing N N 221 
KHK C14   H56    sing N N 222 
KHK C41   H68    sing N N 223 
KHK C23   H57    sing N N 224 
KHK C25   H58    sing N N 225 
KHK C02   H52    sing N N 226 
KHK C03   H53    sing N N 227 
KHK C04   H77    sing N N 228 
KHK C12   H54    sing N N 229 
KHK C21   H78    sing N N 230 
KHK C27   H60    sing N N 231 
KHK C30   H61    sing N N 232 
KHK C31   H62    sing N N 233 
KHK C33   H63    sing N N 234 
KHK C34   H64    sing N N 235 
KHK C35   H65    sing N N 236 
KHK C39   H66    sing N N 237 
KHK C40   H67    sing N N 238 
KHK C44   H69    sing N N 239 
KHK C45   H70    sing N N 240 
KHK C49   H71    sing N N 241 
KHK C50   H72    sing N N 242 
KHK C51   H73    sing N N 243 
# 
loop_
_ndb_struct_conf_na.entry_id 
_ndb_struct_conf_na.feature 
6RSP 'double helix'        
6RSP 'b-form double helix' 
# 
loop_
_ndb_struct_na_base_pair.model_number 
_ndb_struct_na_base_pair.i_label_asym_id 
_ndb_struct_na_base_pair.i_label_comp_id 
_ndb_struct_na_base_pair.i_label_seq_id 
_ndb_struct_na_base_pair.i_symmetry 
_ndb_struct_na_base_pair.j_label_asym_id 
_ndb_struct_na_base_pair.j_label_comp_id 
_ndb_struct_na_base_pair.j_label_seq_id 
_ndb_struct_na_base_pair.j_symmetry 
_ndb_struct_na_base_pair.shear 
_ndb_struct_na_base_pair.stretch 
_ndb_struct_na_base_pair.stagger 
_ndb_struct_na_base_pair.buckle 
_ndb_struct_na_base_pair.propeller 
_ndb_struct_na_base_pair.opening 
_ndb_struct_na_base_pair.pair_number 
_ndb_struct_na_base_pair.pair_name 
_ndb_struct_na_base_pair.i_auth_asym_id 
_ndb_struct_na_base_pair.i_auth_seq_id 
_ndb_struct_na_base_pair.i_PDB_ins_code 
_ndb_struct_na_base_pair.j_auth_asym_id 
_ndb_struct_na_base_pair.j_auth_seq_id 
_ndb_struct_na_base_pair.j_PDB_ins_code 
_ndb_struct_na_base_pair.hbond_type_28 
_ndb_struct_na_base_pair.hbond_type_12 
1 A DT 1  1_555 B DA 10 1_555 1.091  1.888  -1.133 0.397   -24.870 -84.508 1  A_DT1:DA10_B A 1  ? B 10 ? ?  ? 
1 A DC 2  1_555 B DG 9  1_555 0.227  -0.198 0.199  -14.242 8.142   0.098   2  A_DC2:DG9_B  A 2  ? B 9  ? 19 1 
1 A DG 3  1_555 B DC 8  1_555 -0.301 -0.084 0.401  25.008  -2.407  -3.195  3  A_DG3:DC8_B  A 3  ? B 8  ? 19 1 
1 A DG 4  1_555 B DC 7  1_555 -0.109 -0.144 -0.217 -12.934 1.113   -0.791  4  A_DG4:DC7_B  A 4  ? B 7  ? 19 1 
1 A DC 5  1_555 B DG 6  1_555 0.470  -0.041 -0.031 8.094   -4.183  -0.333  5  A_DC5:DG6_B  A 5  ? B 6  ? 19 1 
1 A DG 6  1_555 B DC 5  1_555 -0.360 -0.010 -0.104 -9.103  -2.669  0.582   6  A_DG6:DC5_B  A 6  ? B 5  ? 19 1 
1 A DC 7  1_555 B DG 4  1_555 0.182  -0.143 -0.148 11.349  2.248   -0.461  7  A_DC7:DG4_B  A 7  ? B 4  ? 19 1 
1 A DC 8  1_555 B DG 3  1_555 0.254  -0.077 0.511  -25.741 -2.064  -2.403  8  A_DC8:DG3_B  A 8  ? B 3  ? 19 1 
1 A DG 9  1_555 B DC 2  1_555 -0.175 -0.153 0.081  12.925  6.821   1.356   9  A_DG9:DC2_B  A 9  ? B 2  ? 19 1 
1 A DA 10 1_555 B DT 1  1_555 -1.080 -1.864 1.151  -0.158  22.102  87.187  10 A_DA10:DT1_B A 10 ? B 1  ? ?  ? 
# 
loop_
_ndb_struct_na_base_pair_step.model_number 
_ndb_struct_na_base_pair_step.i_label_asym_id_1 
_ndb_struct_na_base_pair_step.i_label_comp_id_1 
_ndb_struct_na_base_pair_step.i_label_seq_id_1 
_ndb_struct_na_base_pair_step.i_symmetry_1 
_ndb_struct_na_base_pair_step.j_label_asym_id_1 
_ndb_struct_na_base_pair_step.j_label_comp_id_1 
_ndb_struct_na_base_pair_step.j_label_seq_id_1 
_ndb_struct_na_base_pair_step.j_symmetry_1 
_ndb_struct_na_base_pair_step.i_label_asym_id_2 
_ndb_struct_na_base_pair_step.i_label_comp_id_2 
_ndb_struct_na_base_pair_step.i_label_seq_id_2 
_ndb_struct_na_base_pair_step.i_symmetry_2 
_ndb_struct_na_base_pair_step.j_label_asym_id_2 
_ndb_struct_na_base_pair_step.j_label_comp_id_2 
_ndb_struct_na_base_pair_step.j_label_seq_id_2 
_ndb_struct_na_base_pair_step.j_symmetry_2 
_ndb_struct_na_base_pair_step.shift 
_ndb_struct_na_base_pair_step.slide 
_ndb_struct_na_base_pair_step.rise 
_ndb_struct_na_base_pair_step.tilt 
_ndb_struct_na_base_pair_step.roll 
_ndb_struct_na_base_pair_step.twist 
_ndb_struct_na_base_pair_step.x_displacement 
_ndb_struct_na_base_pair_step.y_displacement 
_ndb_struct_na_base_pair_step.helical_rise 
_ndb_struct_na_base_pair_step.inclination 
_ndb_struct_na_base_pair_step.tip 
_ndb_struct_na_base_pair_step.helical_twist 
_ndb_struct_na_base_pair_step.step_number 
_ndb_struct_na_base_pair_step.step_name 
_ndb_struct_na_base_pair_step.i_auth_asym_id_1 
_ndb_struct_na_base_pair_step.i_auth_seq_id_1 
_ndb_struct_na_base_pair_step.i_PDB_ins_code_1 
_ndb_struct_na_base_pair_step.j_auth_asym_id_1 
_ndb_struct_na_base_pair_step.j_auth_seq_id_1 
_ndb_struct_na_base_pair_step.j_PDB_ins_code_1 
_ndb_struct_na_base_pair_step.i_auth_asym_id_2 
_ndb_struct_na_base_pair_step.i_auth_seq_id_2 
_ndb_struct_na_base_pair_step.i_PDB_ins_code_2 
_ndb_struct_na_base_pair_step.j_auth_asym_id_2 
_ndb_struct_na_base_pair_step.j_auth_seq_id_2 
_ndb_struct_na_base_pair_step.j_PDB_ins_code_2 
1 A DC 2 1_555 B DG 9 1_555 A DG 3 1_555 B DC 8 1_555 -0.022 1.488 2.549 0.595  2.631  20.845 3.183  0.264  2.712 7.232  -1.636 
21.017 1 AA_DC2DG3:DC8DG9_BB A 2 ? B 9 ? A 3 ? B 8 ? 
1 A DG 3 1_555 B DC 8 1_555 A DG 4 1_555 B DC 7 1_555 0.055  0.666 5.363 0.004  52.966 16.592 -5.267 -0.058 2.300 73.849 -0.005 
55.324 2 AA_DG3DG4:DC7DC8_BB A 3 ? B 8 ? A 4 ? B 7 ? 
1 A DG 4 1_555 B DC 7 1_555 A DC 5 1_555 B DG 6 1_555 -0.697 0.561 2.878 -1.120 -0.185 38.623 0.868  0.932  2.894 -0.280 1.693  
38.639 3 AA_DG4DC5:DG6DC7_BB A 4 ? B 7 ? A 5 ? B 6 ? 
1 A DC 5 1_555 B DG 6 1_555 A DG 6 1_555 B DC 5 1_555 0.006  1.610 4.506 0.939  36.099 15.264 -5.222 0.189  3.265 67.811 -1.763 
39.105 4 AA_DC5DG6:DC5DG6_BB A 5 ? B 6 ? A 6 ? B 5 ? 
1 A DG 6 1_555 B DC 5 1_555 A DC 7 1_555 B DG 4 1_555 0.728  0.541 2.901 -0.126 0.898  38.102 0.727  -1.130 2.911 1.375  0.193  
38.112 5 AA_DG6DC7:DG4DC5_BB A 6 ? B 5 ? A 7 ? B 4 ? 
1 A DC 7 1_555 B DG 4 1_555 A DC 8 1_555 B DG 3 1_555 -0.046 0.638 5.331 -0.293 52.168 16.227 -5.326 0.017  2.252 73.917 0.415  
54.465 6 AA_DC7DC8:DG3DG4_BB A 7 ? B 4 ? A 8 ? B 3 ? 
1 A DC 8 1_555 B DG 3 1_555 A DG 9 1_555 B DC 2 1_555 -0.033 1.534 2.568 0.666  3.143  21.299 3.072  0.307  2.760 8.441  -1.788 
21.538 7 AA_DC8DG9:DC2DG3_BB A 8 ? B 3 ? A 9 ? B 2 ? 
# 
loop_
_pdbx_audit_support.funding_organization 
_pdbx_audit_support.country 
_pdbx_audit_support.grant_number 
_pdbx_audit_support.ordinal 
'Biotechnology and Biological Sciences Research Council' 'United Kingdom' BB/K019279/1 1 
'Biotechnology and Biological Sciences Research Council' 'United Kingdom' BB/M004635/1 2 
# 
_pdbx_entity_instance_feature.ordinal        1 
_pdbx_entity_instance_feature.comp_id        KHK 
_pdbx_entity_instance_feature.asym_id        ? 
_pdbx_entity_instance_feature.seq_num        ? 
_pdbx_entity_instance_feature.auth_comp_id   KHK 
_pdbx_entity_instance_feature.auth_asym_id   ? 
_pdbx_entity_instance_feature.auth_seq_num   ? 
_pdbx_entity_instance_feature.feature_type   'SUBJECT OF INVESTIGATION' 
_pdbx_entity_instance_feature.details        ? 
# 
_atom_sites.entry_id                    6RSP 
_atom_sites.fract_transf_matrix[1][1]   0.01361846 
_atom_sites.fract_transf_matrix[1][2]   0.01549495 
_atom_sites.fract_transf_matrix[1][3]   -0.00500720 
_atom_sites.fract_transf_matrix[2][1]   -0.01182569 
_atom_sites.fract_transf_matrix[2][2]   0.01389823 
_atom_sites.fract_transf_matrix[2][3]   0.01084530 
_atom_sites.fract_transf_matrix[3][1]   0.01624606 
_atom_sites.fract_transf_matrix[3][2]   -0.00604908 
_atom_sites.fract_transf_matrix[3][3]   0.02546656 
_atom_sites.fract_transf_vector[1]      0.220788 
_atom_sites.fract_transf_vector[2]      -0.277513 
_atom_sites.fract_transf_vector[3]      -0.014280 
# 
loop_
_atom_type.symbol 
BA 
C  
H  
N  
O  
P  
RU 
# 
loop_
_atom_site.group_PDB 
_atom_site.id 
_atom_site.type_symbol 
_atom_site.label_atom_id 
_atom_site.label_alt_id 
_atom_site.label_comp_id 
_atom_site.label_asym_id 
_atom_site.label_entity_id 
_atom_site.label_seq_id 
_atom_site.pdbx_PDB_ins_code 
_atom_site.Cartn_x 
_atom_site.Cartn_y 
_atom_site.Cartn_z 
_atom_site.occupancy 
_atom_site.B_iso_or_equiv 
_atom_site.pdbx_formal_charge 
_atom_site.auth_seq_id 
_atom_site.auth_comp_id 
_atom_site.auth_asym_id 
_atom_site.auth_atom_id 
_atom_site.pdbx_PDB_model_num 
ATOM   1   O  "O5'" . DT  A 1 1  ? -4.705  -5.222  -15.803 1.00 113.45 ? 1   DT  A "O5'" 1 
ATOM   2   C  "C5'" . DT  A 1 1  ? -4.058  -6.017  -14.797 1.00 109.35 ? 1   DT  A "C5'" 1 
ATOM   3   C  "C4'" . DT  A 1 1  ? -2.573  -5.677  -14.692 1.00 100.75 ? 1   DT  A "C4'" 1 
ATOM   4   O  "O4'" . DT  A 1 1  ? -2.168  -4.923  -15.870 1.00 97.28  ? 1   DT  A "O4'" 1 
ATOM   5   C  "C3'" . DT  A 1 1  ? -2.184  -4.821  -13.480 1.00 94.40  ? 1   DT  A "C3'" 1 
ATOM   6   O  "O3'" . DT  A 1 1  ? -1.730  -5.650  -12.389 1.00 98.79  ? 1   DT  A "O3'" 1 
ATOM   7   C  "C2'" . DT  A 1 1  ? -1.047  -3.964  -14.021 1.00 88.81  ? 1   DT  A "C2'" 1 
ATOM   8   C  "C1'" . DT  A 1 1  ? -1.418  -3.789  -15.491 1.00 92.03  ? 1   DT  A "C1'" 1 
ATOM   9   N  N1    . DT  A 1 1  ? -2.223  -2.555  -15.772 1.00 93.66  ? 1   DT  A N1    1 
ATOM   10  C  C2    . DT  A 1 1  ? -1.912  -1.795  -16.867 1.00 93.18  ? 1   DT  A C2    1 
ATOM   11  O  O2    . DT  A 1 1  ? -1.016  -2.073  -17.633 1.00 93.08  ? 1   DT  A O2    1 
ATOM   12  N  N3    . DT  A 1 1  ? -2.691  -0.690  -17.037 1.00 95.11  ? 1   DT  A N3    1 
ATOM   13  C  C4    . DT  A 1 1  ? -3.732  -0.267  -16.236 1.00 97.70  ? 1   DT  A C4    1 
ATOM   14  O  O4    . DT  A 1 1  ? -4.375  0.747   -16.480 1.00 100.93 ? 1   DT  A O4    1 
ATOM   15  C  C5    . DT  A 1 1  ? -4.012  -1.104  -15.095 1.00 96.84  ? 1   DT  A C5    1 
ATOM   16  C  C7    . DT  A 1 1  ? -5.122  -0.746  -14.146 1.00 95.53  ? 1   DT  A C7    1 
ATOM   17  C  C6    . DT  A 1 1  ? -3.248  -2.196  -14.918 1.00 96.07  ? 1   DT  A C6    1 
ATOM   18  P  P     . DC  A 1 2  ? -1.978  -5.205  -10.857 1.00 99.07  ? 2   DC  A P     1 
ATOM   19  O  OP1   . DC  A 1 2  ? -2.063  -6.444  -10.044 1.00 103.20 ? 2   DC  A OP1   1 
ATOM   20  O  OP2   . DC  A 1 2  ? -3.087  -4.222  -10.845 1.00 94.43  ? 2   DC  A OP2   1 
ATOM   21  O  "O5'" . DC  A 1 2  ? -0.675  -4.359  -10.438 1.00 81.30  ? 2   DC  A "O5'" 1 
ATOM   22  C  "C5'" . DC  A 1 2  ? 0.634   -4.852  -10.687 1.00 68.79  ? 2   DC  A "C5'" 1 
ATOM   23  C  "C4'" . DC  A 1 2  ? 1.674   -3.873  -10.159 1.00 56.13  ? 2   DC  A "C4'" 1 
ATOM   24  O  "O4'" . DC  A 1 2  ? 1.594   -2.633  -10.889 1.00 51.46  ? 2   DC  A "O4'" 1 
ATOM   25  C  "C3'" . DC  A 1 2  ? 1.486   -3.484  -8.717  1.00 50.97  ? 2   DC  A "C3'" 1 
ATOM   26  O  "O3'" . DC  A 1 2  ? 2.144   -4.460  -7.916  1.00 54.53  ? 2   DC  A "O3'" 1 
ATOM   27  C  "C2'" . DC  A 1 2  ? 2.152   -2.110  -8.637  1.00 47.28  ? 2   DC  A "C2'" 1 
ATOM   28  C  "C1'" . DC  A 1 2  ? 2.136   -1.601  -10.110 1.00 49.33  ? 2   DC  A "C1'" 1 
ATOM   29  N  N1    . DC  A 1 2  ? 1.270   -0.445  -10.295 1.00 50.05  ? 2   DC  A N1    1 
ATOM   30  C  C2    . DC  A 1 2  ? 1.742   0.702   -10.935 1.00 48.01  ? 2   DC  A C2    1 
ATOM   31  O  O2    . DC  A 1 2  ? 2.884   0.759   -11.308 1.00 48.36  ? 2   DC  A O2    1 
ATOM   32  N  N3    . DC  A 1 2  ? 0.931   1.724   -11.098 1.00 48.62  ? 2   DC  A N3    1 
ATOM   33  C  C4    . DC  A 1 2  ? -0.303  1.661   -10.674 1.00 51.96  ? 2   DC  A C4    1 
ATOM   34  N  N4    . DC  A 1 2  ? -1.070  2.729   -10.865 1.00 52.06  ? 2   DC  A N4    1 
ATOM   35  C  C5    . DC  A 1 2  ? -0.820  0.512   -10.028 1.00 54.06  ? 2   DC  A C5    1 
ATOM   36  C  C6    . DC  A 1 2  ? -0.001  -0.516  -9.873  1.00 53.95  ? 2   DC  A C6    1 
ATOM   37  P  P     . DG  A 1 3  ? 2.272   -4.337  -6.327  1.00 55.55  ? 3   DG  A P     1 
ATOM   38  O  OP1   . DG  A 1 3  ? 2.575   -5.696  -5.847  1.00 60.64  ? 3   DG  A OP1   1 
ATOM   39  O  OP2   . DG  A 1 3  ? 1.170   -3.544  -5.719  1.00 53.84  ? 3   DG  A OP2   1 
ATOM   40  O  "O5'" . DG  A 1 3  ? 3.576   -3.457  -6.145  1.00 50.65  ? 3   DG  A "O5'" 1 
ATOM   41  C  "C5'" . DG  A 1 3  ? 4.835   -3.950  -6.554  1.00 51.91  ? 3   DG  A "C5'" 1 
ATOM   42  C  "C4'" . DG  A 1 3  ? 5.850   -2.822  -6.484  1.00 52.55  ? 3   DG  A "C4'" 1 
ATOM   43  O  "O4'" . DG  A 1 3  ? 5.473   -1.798  -7.420  1.00 51.42  ? 3   DG  A "O4'" 1 
ATOM   44  C  "C3'" . DG  A 1 3  ? 5.927   -2.107  -5.125  1.00 53.44  ? 3   DG  A "C3'" 1 
ATOM   45  O  "O3'" . DG  A 1 3  ? 6.893   -2.740  -4.307  1.00 56.57  ? 3   DG  A "O3'" 1 
ATOM   46  C  "C2'" . DG  A 1 3  ? 6.368   -0.690  -5.506  1.00 52.00  ? 3   DG  A "C2'" 1 
ATOM   47  C  "C1'" . DG  A 1 3  ? 5.690   -0.501  -6.871  1.00 50.72  ? 3   DG  A "C1'" 1 
ATOM   48  N  N9    . DG  A 1 3  ? 4.392   0.219   -6.883  1.00 48.80  ? 3   DG  A N9    1 
ATOM   49  C  C8    . DG  A 1 3  ? 3.242   -0.039  -6.130  1.00 48.29  ? 3   DG  A C8    1 
ATOM   50  N  N7    . DG  A 1 3  ? 2.233   0.760   -6.429  1.00 47.40  ? 3   DG  A N7    1 
ATOM   51  C  C5    . DG  A 1 3  ? 2.756   1.601   -7.446  1.00 46.38  ? 3   DG  A C5    1 
ATOM   52  C  C6    . DG  A 1 3  ? 2.160   2.657   -8.174  1.00 44.41  ? 3   DG  A C6    1 
ATOM   53  O  O6    . DG  A 1 3  ? 1.036   3.085   -8.087  1.00 46.36  ? 3   DG  A O6    1 
ATOM   54  N  N1    . DG  A 1 3  ? 3.038   3.250   -9.087  1.00 43.78  ? 3   DG  A N1    1 
ATOM   55  C  C2    . DG  A 1 3  ? 4.309   2.857   -9.306  1.00 45.18  ? 3   DG  A C2    1 
ATOM   56  N  N2    . DG  A 1 3  ? 4.994   3.562   -10.236 1.00 47.52  ? 3   DG  A N2    1 
ATOM   57  N  N3    . DG  A 1 3  ? 4.909   1.867   -8.632  1.00 45.65  ? 3   DG  A N3    1 
ATOM   58  C  C4    . DG  A 1 3  ? 4.064   1.271   -7.730  1.00 46.91  ? 3   DG  A C4    1 
ATOM   59  P  P     . DG  A 1 4  ? 6.664   -2.887  -2.729  1.00 57.65  ? 4   DG  A P     1 
ATOM   60  O  OP1   . DG  A 1 4  ? 7.805   -3.655  -2.180  1.00 57.38  ? 4   DG  A OP1   1 
ATOM   61  O  OP2   . DG  A 1 4  ? 5.268   -3.277  -2.468  1.00 55.95  ? 4   DG  A OP2   1 
ATOM   62  O  "O5'" . DG  A 1 4  ? 6.815   -1.403  -2.209  1.00 56.56  ? 4   DG  A "O5'" 1 
ATOM   63  C  "C5'" . DG  A 1 4  ? 8.043   -0.806  -2.253  1.00 58.13  ? 4   DG  A "C5'" 1 
ATOM   64  C  "C4'" . DG  A 1 4  ? 7.952   0.593   -1.710  1.00 55.30  ? 4   DG  A "C4'" 1 
ATOM   65  O  "O4'" . DG  A 1 4  ? 6.958   1.333   -2.447  1.00 51.23  ? 4   DG  A "O4'" 1 
ATOM   66  C  "C3'" . DG  A 1 4  ? 7.583   0.690   -0.233  1.00 56.53  ? 4   DG  A "C3'" 1 
ATOM   67  O  "O3'" . DG  A 1 4  ? 8.511   1.596   0.388   1.00 60.78  ? 4   DG  A "O3'" 1 
ATOM   68  C  "C2'" . DG  A 1 4  ? 6.127   1.213   -0.247  1.00 51.09  ? 4   DG  A "C2'" 1 
ATOM   69  C  "C1'" . DG  A 1 4  ? 6.072   1.998   -1.561  1.00 49.08  ? 4   DG  A "C1'" 1 
ATOM   70  N  N9    . DG  A 1 4  ? 4.762   2.045   -2.221  1.00 49.02  ? 4   DG  A N9    1 
ATOM   71  C  C8    . DG  A 1 4  ? 3.958   0.977   -2.544  1.00 48.92  ? 4   DG  A C8    1 
ATOM   72  N  N7    . DG  A 1 4  ? 2.866   1.319   -3.175  1.00 49.35  ? 4   DG  A N7    1 
ATOM   73  C  C5    . DG  A 1 4  ? 2.952   2.690   -3.277  1.00 48.09  ? 4   DG  A C5    1 
ATOM   74  C  C6    . DG  A 1 4  ? 2.048   3.605   -3.846  1.00 46.59  ? 4   DG  A C6    1 
ATOM   75  O  O6    . DG  A 1 4  ? 0.958   3.360   -4.410  1.00 46.92  ? 4   DG  A O6    1 
ATOM   76  N  N1    . DG  A 1 4  ? 2.520   4.923   -3.740  1.00 46.57  ? 4   DG  A N1    1 
ATOM   77  C  C2    . DG  A 1 4  ? 3.712   5.273   -3.135  1.00 46.28  ? 4   DG  A C2    1 
ATOM   78  N  N2    . DG  A 1 4  ? 4.033   6.568   -3.117  1.00 46.51  ? 4   DG  A N2    1 
ATOM   79  N  N3    . DG  A 1 4  ? 4.535   4.418   -2.588  1.00 47.13  ? 4   DG  A N3    1 
ATOM   80  C  C4    . DG  A 1 4  ? 4.112   3.154   -2.702  1.00 48.11  ? 4   DG  A C4    1 
ATOM   81  P  P     . DC  A 1 5  ? 8.519   1.821   1.976   1.00 61.15  ? 5   DC  A P     1 
ATOM   82  O  OP1   . DC  A 1 5  ? 9.929   1.758   2.404   1.00 65.16  ? 5   DC  A OP1   1 
ATOM   83  O  OP2   . DC  A 1 5  ? 7.503   0.944   2.602   1.00 59.65  ? 5   DC  A OP2   1 
ATOM   84  O  "O5'" . DC  A 1 5  ? 7.956   3.305   2.115   1.00 58.28  ? 5   DC  A "O5'" 1 
ATOM   85  C  "C5'" . DC  A 1 5  ? 8.754   4.411   1.758   1.00 59.36  ? 5   DC  A "C5'" 1 
ATOM   86  C  "C4'" . DC  A 1 5  ? 8.023   5.686   2.096   1.00 61.75  ? 5   DC  A "C4'" 1 
ATOM   87  O  "O4'" . DC  A 1 5  ? 6.986   5.899   1.129   1.00 57.72  ? 5   DC  A "O4'" 1 
ATOM   88  C  "C3'" . DC  A 1 5  ? 7.336   5.642   3.448   1.00 64.57  ? 5   DC  A "C3'" 1 
ATOM   89  O  "O3'" . DC  A 1 5  ? 8.210   6.187   4.425   1.00 74.54  ? 5   DC  A "O3'" 1 
ATOM   90  C  "C2'" . DC  A 1 5  ? 6.086   6.496   3.256   1.00 60.43  ? 5   DC  A "C2'" 1 
ATOM   91  C  "C1'" . DC  A 1 5  ? 5.830   6.404   1.753   1.00 56.90  ? 5   DC  A "C1'" 1 
ATOM   92  N  N1    . DC  A 1 5  ? 4.728   5.526   1.353   1.00 53.31  ? 5   DC  A N1    1 
ATOM   93  C  C2    . DC  A 1 5  ? 3.765   6.061   0.527   1.00 51.79  ? 5   DC  A C2    1 
ATOM   94  O  O2    . DC  A 1 5  ? 3.861   7.261   0.198   1.00 54.15  ? 5   DC  A O2    1 
ATOM   95  N  N3    . DC  A 1 5  ? 2.780   5.283   0.092   1.00 48.58  ? 5   DC  A N3    1 
ATOM   96  C  C4    . DC  A 1 5  ? 2.739   4.010   0.437   1.00 47.95  ? 5   DC  A C4    1 
ATOM   97  N  N4    . DC  A 1 5  ? 1.722   3.290   -0.017  1.00 46.37  ? 5   DC  A N4    1 
ATOM   98  C  C5    . DC  A 1 5  ? 3.731   3.422   1.284   1.00 49.24  ? 5   DC  A C5    1 
ATOM   99  C  C6    . DC  A 1 5  ? 4.716   4.205   1.697   1.00 51.68  ? 5   DC  A C6    1 
ATOM   100 P  P     . DG  A 1 6  ? 8.088   5.729   5.960   1.00 80.05  ? 6   DG  A P     1 
ATOM   101 O  OP1   . DG  A 1 6  ? 9.356   6.045   6.657   1.00 82.58  ? 6   DG  A OP1   1 
ATOM   102 O  OP2   . DG  A 1 6  ? 7.598   4.331   6.000   1.00 73.59  ? 6   DG  A OP2   1 
ATOM   103 O  "O5'" . DG  A 1 6  ? 6.894   6.639   6.498   1.00 71.21  ? 6   DG  A "O5'" 1 
ATOM   104 C  "C5'" . DG  A 1 6  ? 7.003   8.037   6.445   1.00 65.44  ? 6   DG  A "C5'" 1 
ATOM   105 C  "C4'" . DG  A 1 6  ? 5.760   8.658   7.024   1.00 62.77  ? 6   DG  A "C4'" 1 
ATOM   106 O  "O4'" . DG  A 1 6  ? 4.630   8.231   6.233   1.00 58.35  ? 6   DG  A "O4'" 1 
ATOM   107 C  "C3'" . DG  A 1 6  ? 5.453   8.265   8.473   1.00 63.31  ? 6   DG  A "C3'" 1 
ATOM   108 O  "O3'" . DG  A 1 6  ? 4.918   9.396   9.166   1.00 69.99  ? 6   DG  A "O3'" 1 
ATOM   109 C  "C2'" . DG  A 1 6  ? 4.433   7.115   8.331   1.00 58.36  ? 6   DG  A "C2'" 1 
ATOM   110 C  "C1'" . DG  A 1 6  ? 3.728   7.463   7.021   1.00 56.53  ? 6   DG  A "C1'" 1 
ATOM   111 N  N9    . DG  A 1 6  ? 3.307   6.330   6.214   1.00 53.30  ? 6   DG  A N9    1 
ATOM   112 C  C8    . DG  A 1 6  ? 3.969   5.129   5.982   1.00 52.59  ? 6   DG  A C8    1 
ATOM   113 N  N7    . DG  A 1 6  ? 3.314   4.332   5.162   1.00 50.65  ? 6   DG  A N7    1 
ATOM   114 C  C5    . DG  A 1 6  ? 2.168   5.056   4.828   1.00 50.02  ? 6   DG  A C5    1 
ATOM   115 C  C6    . DG  A 1 6  ? 1.086   4.731   3.970   1.00 47.93  ? 6   DG  A C6    1 
ATOM   116 O  O6    . DG  A 1 6  ? 0.889   3.686   3.318   1.00 46.62  ? 6   DG  A O6    1 
ATOM   117 N  N1    . DG  A 1 6  ? 0.153   5.776   3.908   1.00 50.36  ? 6   DG  A N1    1 
ATOM   118 C  C2    . DG  A 1 6  ? 0.248   6.957   4.603   1.00 52.79  ? 6   DG  A C2    1 
ATOM   119 N  N2    . DG  A 1 6  ? -0.739  7.846   4.421   1.00 53.13  ? 6   DG  A N2    1 
ATOM   120 N  N3    . DG  A 1 6  ? 1.242   7.262   5.389   1.00 54.35  ? 6   DG  A N3    1 
ATOM   121 C  C4    . DG  A 1 6  ? 2.169   6.286   5.449   1.00 52.37  ? 6   DG  A C4    1 
ATOM   122 P  P     . DC  A 1 7  ? 4.673   9.354   10.752  1.00 77.81  ? 7   DC  A P     1 
ATOM   123 O  OP1   . DC  A 1 7  ? 4.875   10.729  11.292  1.00 84.16  ? 7   DC  A OP1   1 
ATOM   124 O  OP2   . DC  A 1 7  ? 5.387   8.182   11.302  1.00 79.34  ? 7   DC  A OP2   1 
ATOM   125 O  "O5'" . DC  A 1 7  ? 3.130   9.002   10.875  1.00 71.57  ? 7   DC  A "O5'" 1 
ATOM   126 C  "C5'" . DC  A 1 7  ? 2.158   9.921   10.421  1.00 65.78  ? 7   DC  A "C5'" 1 
ATOM   127 C  "C4'" . DC  A 1 7  ? 0.794   9.263   10.465  1.00 57.48  ? 7   DC  A "C4'" 1 
ATOM   128 O  "O4'" . DC  A 1 7  ? 0.640   8.466   9.302   1.00 51.38  ? 7   DC  A "O4'" 1 
ATOM   129 C  "C3'" . DC  A 1 7  ? 0.627   8.287   11.591  1.00 56.94  ? 7   DC  A "C3'" 1 
ATOM   130 O  "O3'" . DC  A 1 7  ? 0.216   8.974   12.739  1.00 62.42  ? 7   DC  A "O3'" 1 
ATOM   131 C  "C2'" . DC  A 1 7  ? -0.468  7.349   11.072  1.00 49.94  ? 7   DC  A "C2'" 1 
ATOM   132 C  "C1'" . DC  A 1 7  ? -0.336  7.480   9.556   1.00 49.11  ? 7   DC  A "C1'" 1 
ATOM   133 N  N1    . DC  A 1 7  ? 0.094   6.238   8.936   1.00 49.96  ? 7   DC  A N1    1 
ATOM   134 C  C2    . DC  A 1 7  ? -0.656  5.701   7.864   1.00 50.03  ? 7   DC  A C2    1 
ATOM   135 O  O2    . DC  A 1 7  ? -1.652  6.315   7.443   1.00 52.69  ? 7   DC  A O2    1 
ATOM   136 N  N3    . DC  A 1 7  ? -0.252  4.538   7.300   1.00 48.29  ? 7   DC  A N3    1 
ATOM   137 C  C4    . DC  A 1 7  ? 0.824   3.902   7.781   1.00 47.34  ? 7   DC  A C4    1 
ATOM   138 N  N4    . DC  A 1 7  ? 1.166   2.741   7.207   1.00 46.49  ? 7   DC  A N4    1 
ATOM   139 C  C5    . DC  A 1 7  ? 1.599   4.426   8.858   1.00 49.88  ? 7   DC  A C5    1 
ATOM   140 C  C6    . DC  A 1 7  ? 1.202   5.594   9.408   1.00 51.24  ? 7   DC  A C6    1 
ATOM   141 P  P     . DC  A 1 8  ? 0.704   8.469   14.176  1.00 67.79  ? 8   DC  A P     1 
ATOM   142 O  OP1   . DC  A 1 8  ? 0.409   9.560   15.137  1.00 72.44  ? 8   DC  A OP1   1 
ATOM   143 O  OP2   . DC  A 1 8  ? 2.055   7.878   14.047  1.00 68.66  ? 8   DC  A OP2   1 
ATOM   144 O  "O5'" . DC  A 1 8  ? -0.293  7.280   14.518  1.00 61.72  ? 8   DC  A "O5'" 1 
ATOM   145 C  "C5'" . DC  A 1 8  ? -1.656  7.573   14.743  1.00 59.44  ? 8   DC  A "C5'" 1 
ATOM   146 C  "C4'" . DC  A 1 8  ? -2.443  6.279   14.941  1.00 54.62  ? 8   DC  A "C4'" 1 
ATOM   147 O  "O4'" . DC  A 1 8  ? -2.410  5.529   13.729  1.00 51.38  ? 8   DC  A "O4'" 1 
ATOM   148 C  "C3'" . DC  A 1 8  ? -1.857  5.351   15.950  1.00 53.75  ? 8   DC  A "C3'" 1 
ATOM   149 O  "O3'" . DC  A 1 8  ? -2.394  5.673   17.229  1.00 54.04  ? 8   DC  A "O3'" 1 
ATOM   150 C  "C2'" . DC  A 1 8  ? -2.364  3.951   15.503  1.00 51.32  ? 8   DC  A "C2'" 1 
ATOM   151 C  "C1'" . DC  A 1 8  ? -2.631  4.144   14.019  1.00 51.21  ? 8   DC  A "C1'" 1 
ATOM   152 N  N1    . DC  A 1 8  ? -1.718  3.376   13.094  1.00 50.44  ? 8   DC  A N1    1 
ATOM   153 C  C2    . DC  A 1 8  ? -2.209  2.279   12.353  1.00 50.15  ? 8   DC  A C2    1 
ATOM   154 O  O2    . DC  A 1 8  ? -3.392  1.889   12.528  1.00 51.22  ? 8   DC  A O2    1 
ATOM   155 N  N3    . DC  A 1 8  ? -1.376  1.656   11.497  1.00 49.70  ? 8   DC  A N3    1 
ATOM   156 C  C4    . DC  A 1 8  ? -0.127  2.080   11.358  1.00 49.24  ? 8   DC  A C4    1 
ATOM   157 N  N4    . DC  A 1 8  ? 0.639   1.449   10.488  1.00 48.28  ? 8   DC  A N4    1 
ATOM   158 C  C5    . DC  A 1 8  ? 0.390   3.193   12.080  1.00 50.95  ? 8   DC  A C5    1 
ATOM   159 C  C6    . DC  A 1 8  ? -0.441  3.812   12.918  1.00 51.62  ? 8   DC  A C6    1 
ATOM   160 P  P     . DG  A 1 9  ? -1.734  5.091   18.550  1.00 57.73  ? 9   DG  A P     1 
ATOM   161 O  OP1   . DG  A 1 9  ? -2.165  5.905   19.734  1.00 62.02  ? 9   DG  A OP1   1 
ATOM   162 O  OP2   . DG  A 1 9  ? -0.324  4.814   18.234  1.00 57.54  ? 9   DG  A OP2   1 
ATOM   163 O  "O5'" . DG  A 1 9  ? -2.427  3.700   18.762  1.00 56.61  ? 9   DG  A "O5'" 1 
ATOM   164 C  "C5'" . DG  A 1 9  ? -3.773  3.648   19.131  1.00 58.98  ? 9   DG  A "C5'" 1 
ATOM   165 C  "C4'" . DG  A 1 9  ? -4.230  2.214   19.069  1.00 62.09  ? 9   DG  A "C4'" 1 
ATOM   166 O  "O4'" . DG  A 1 9  ? -4.103  1.776   17.701  1.00 60.94  ? 9   DG  A "O4'" 1 
ATOM   167 C  "C3'" . DG  A 1 9  ? -3.376  1.271   19.897  1.00 67.16  ? 9   DG  A "C3'" 1 
ATOM   168 O  "O3'" . DG  A 1 9  ? -3.984  1.078   21.192  1.00 78.47  ? 9   DG  A "O3'" 1 
ATOM   169 C  "C2'" . DG  A 1 9  ? -3.346  -0.024  19.066  1.00 61.56  ? 9   DG  A "C2'" 1 
ATOM   170 C  "C1'" . DG  A 1 9  ? -3.580  0.477   17.634  1.00 59.27  ? 9   DG  A "C1'" 1 
ATOM   171 N  N9    . DG  A 1 9  ? -2.394  0.508   16.772  1.00 57.03  ? 9   DG  A N9    1 
ATOM   172 C  C8    . DG  A 1 9  ? -1.220  1.196   16.965  1.00 58.30  ? 9   DG  A C8    1 
ATOM   173 N  N7    . DG  A 1 9  ? -0.349  1.027   15.981  1.00 56.95  ? 9   DG  A N7    1 
ATOM   174 C  C5    . DG  A 1 9  ? -1.030  0.224   15.063  1.00 54.34  ? 9   DG  A C5    1 
ATOM   175 C  C6    . DG  A 1 9  ? -0.617  -0.311  13.806  1.00 53.38  ? 9   DG  A C6    1 
ATOM   176 O  O6    . DG  A 1 9  ? 0.454   -0.161  13.221  1.00 53.03  ? 9   DG  A O6    1 
ATOM   177 N  N1    . DG  A 1 9  ? -1.613  -1.095  13.221  1.00 53.51  ? 9   DG  A N1    1 
ATOM   178 C  C2    . DG  A 1 9  ? -2.846  -1.344  13.786  1.00 54.98  ? 9   DG  A C2    1 
ATOM   179 N  N2    . DG  A 1 9  ? -3.688  -2.120  13.086  1.00 58.14  ? 9   DG  A N2    1 
ATOM   180 N  N3    . DG  A 1 9  ? -3.230  -0.867  14.964  1.00 55.36  ? 9   DG  A N3    1 
ATOM   181 C  C4    . DG  A 1 9  ? -2.283  -0.099  15.542  1.00 55.03  ? 9   DG  A C4    1 
ATOM   182 P  P     . DA  A 1 10 ? -3.301  0.136   22.306  1.00 88.04  ? 10  DA  A P     1 
ATOM   183 O  OP1   . DA  A 1 10 ? -4.067  0.372   23.557  1.00 95.02  ? 10  DA  A OP1   1 
ATOM   184 O  OP2   . DA  A 1 10 ? -1.837  0.373   22.390  1.00 86.39  ? 10  DA  A OP2   1 
ATOM   185 O  "O5'" . DA  A 1 10 ? -3.571  -1.343  21.725  1.00 83.87  ? 10  DA  A "O5'" 1 
ATOM   186 C  "C5'" . DA  A 1 10 ? -3.642  -2.448  22.598  1.00 81.02  ? 10  DA  A "C5'" 1 
ATOM   187 C  "C4'" . DA  A 1 10 ? -4.424  -3.594  21.970  1.00 78.34  ? 10  DA  A "C4'" 1 
ATOM   188 O  "O4'" . DA  A 1 10 ? -3.894  -3.851  20.649  1.00 74.99  ? 10  DA  A "O4'" 1 
ATOM   189 C  "C3'" . DA  A 1 10 ? -4.346  -4.921  22.753  1.00 80.17  ? 10  DA  A "C3'" 1 
ATOM   190 O  "O3'" . DA  A 1 10 ? -5.674  -5.508  22.980  1.00 83.06  ? 10  DA  A "O3'" 1 
ATOM   191 C  "C2'" . DA  A 1 10 ? -3.484  -5.804  21.867  1.00 80.85  ? 10  DA  A "C2'" 1 
ATOM   192 C  "C1'" . DA  A 1 10 ? -3.757  -5.238  20.487  1.00 79.68  ? 10  DA  A "C1'" 1 
ATOM   193 N  N9    . DA  A 1 10 ? -2.663  -5.490  19.575  1.00 83.01  ? 10  DA  A N9    1 
ATOM   194 C  C8    . DA  A 1 10 ? -2.684  -6.297  18.473  1.00 83.32  ? 10  DA  A C8    1 
ATOM   195 N  N7    . DA  A 1 10 ? -1.534  -6.371  17.849  1.00 83.76  ? 10  DA  A N7    1 
ATOM   196 C  C5    . DA  A 1 10 ? -0.701  -5.590  18.611  1.00 82.98  ? 10  DA  A C5    1 
ATOM   197 C  C6    . DA  A 1 10 ? 0.645   -5.270  18.476  1.00 80.60  ? 10  DA  A C6    1 
ATOM   198 N  N6    . DA  A 1 10 ? 1.406   -5.733  17.489  1.00 77.23  ? 10  DA  A N6    1 
ATOM   199 N  N1    . DA  A 1 10 ? 1.182   -4.461  19.401  1.00 82.24  ? 10  DA  A N1    1 
ATOM   200 C  C2    . DA  A 1 10 ? 0.405   -4.007  20.396  1.00 84.16  ? 10  DA  A C2    1 
ATOM   201 N  N3    . DA  A 1 10 ? -0.880  -4.237  20.626  1.00 83.51  ? 10  DA  A N3    1 
ATOM   202 C  C4    . DA  A 1 10 ? -1.378  -5.045  19.687  1.00 83.65  ? 10  DA  A C4    1 
ATOM   203 O  "O5'" . DT  B 1 1  ? 3.730   -11.331 10.173  1.00 112.74 ? 1   DT  B "O5'" 1 
ATOM   204 C  "C5'" . DT  B 1 1  ? 2.745   -12.037 10.939  1.00 112.19 ? 1   DT  B "C5'" 1 
ATOM   205 C  "C4'" . DT  B 1 1  ? 1.467   -11.215 11.116  1.00 103.64 ? 1   DT  B "C4'" 1 
ATOM   206 O  "O4'" . DT  B 1 1  ? 1.317   -10.846 12.517  1.00 100.51 ? 1   DT  B "O4'" 1 
ATOM   207 C  "C3'" . DT  B 1 1  ? 1.416   -9.897  10.349  1.00 97.86  ? 1   DT  B "C3'" 1 
ATOM   208 O  "O3'" . DT  B 1 1  ? 0.908   -10.092 9.020   1.00 103.51 ? 1   DT  B "O3'" 1 
ATOM   209 C  "C2'" . DT  B 1 1  ? 0.443   -9.077  11.190  1.00 91.64  ? 1   DT  B "C2'" 1 
ATOM   210 C  "C1'" . DT  B 1 1  ? 0.727   -9.563  12.617  1.00 95.25  ? 1   DT  B "C1'" 1 
ATOM   211 N  N1    . DT  B 1 1  ? 1.647   -8.653  13.385  1.00 96.91  ? 1   DT  B N1    1 
ATOM   212 C  C2    . DT  B 1 1  ? 1.352   -8.327  14.688  1.00 95.89  ? 1   DT  B C2    1 
ATOM   213 O  O2    . DT  B 1 1  ? 0.385   -8.749  15.273  1.00 95.21  ? 1   DT  B O2    1 
ATOM   214 N  N3    . DT  B 1 1  ? 2.242   -7.486  15.286  1.00 97.86  ? 1   DT  B N3    1 
ATOM   215 C  C4    . DT  B 1 1  ? 3.377   -6.937  14.729  1.00 100.85 ? 1   DT  B C4    1 
ATOM   216 O  O4    . DT  B 1 1  ? 4.115   -6.189  15.356  1.00 103.90 ? 1   DT  B O4    1 
ATOM   217 C  C5    . DT  B 1 1  ? 3.631   -7.304  13.356  1.00 100.45 ? 1   DT  B C5    1 
ATOM   218 C  C7    . DT  B 1 1  ? 4.836   -6.766  12.636  1.00 99.91  ? 1   DT  B C7    1 
ATOM   219 C  C6    . DT  B 1 1  ? 2.759   -8.132  12.757  1.00 99.62  ? 1   DT  B C6    1 
ATOM   220 P  P     . DC  B 1 2  ? 1.256   -9.036  7.850   1.00 105.63 ? 2   DC  B P     1 
ATOM   221 O  OP1   . DC  B 1 2  ? 1.261   -9.769  6.562   1.00 106.55 ? 2   DC  B OP1   1 
ATOM   222 O  OP2   . DC  B 1 2  ? 2.459   -8.282  8.274   1.00 100.52 ? 2   DC  B OP2   1 
ATOM   223 O  "O5'" . DC  B 1 2  ? 0.055   -7.964  7.874   1.00 83.56  ? 2   DC  B "O5'" 1 
ATOM   224 C  "C5'" . DC  B 1 2  ? -1.283  -8.394  7.947   1.00 68.95  ? 2   DC  B "C5'" 1 
ATOM   225 C  "C4'" . DC  B 1 2  ? -2.237  -7.219  7.870   1.00 56.04  ? 2   DC  B "C4'" 1 
ATOM   226 O  "O4'" . DC  B 1 2  ? -2.073  -6.374  9.023   1.00 51.16  ? 2   DC  B "O4'" 1 
ATOM   227 C  "C3'" . DC  B 1 2  ? -2.028  -6.310  6.691   1.00 52.07  ? 2   DC  B "C3'" 1 
ATOM   228 O  "O3'" . DC  B 1 2  ? -2.769  -6.839  5.612   1.00 55.25  ? 2   DC  B "O3'" 1 
ATOM   229 C  "C2'" . DC  B 1 2  ? -2.587  -4.970  7.177   1.00 47.72  ? 2   DC  B "C2'" 1 
ATOM   230 C  "C1'" . DC  B 1 2  ? -2.508  -5.071  8.725   1.00 48.65  ? 2   DC  B "C1'" 1 
ATOM   231 N  N1    . DC  B 1 2  ? -1.528  -4.175  9.303   1.00 47.93  ? 2   DC  B N1    1 
ATOM   232 C  C2    . DC  B 1 2  ? -1.863  -3.333  10.377  1.00 46.09  ? 2   DC  B C2    1 
ATOM   233 O  O2    . DC  B 1 2  ? -2.987  -3.319  10.812  1.00 44.37  ? 2   DC  B O2    1 
ATOM   234 N  N3    . DC  B 1 2  ? -0.918  -2.557  10.896  1.00 47.11  ? 2   DC  B N3    1 
ATOM   235 C  C4    . DC  B 1 2  ? 0.300   -2.573  10.396  1.00 51.29  ? 2   DC  B C4    1 
ATOM   236 N  N4    . DC  B 1 2  ? 1.206   -1.773  10.953  1.00 51.93  ? 2   DC  B N4    1 
ATOM   237 C  C5    . DC  B 1 2  ? 0.668   -3.424  9.327   1.00 52.56  ? 2   DC  B C5    1 
ATOM   238 C  C6    . DC  B 1 2  ? -0.268  -4.209  8.825   1.00 51.86  ? 2   DC  B C6    1 
ATOM   239 P  P     . DG  B 1 3  ? -2.857  -6.131  4.176   1.00 56.21  ? 3   DG  B P     1 
ATOM   240 O  OP1   . DG  B 1 3  ? -3.337  -7.180  3.258   1.00 62.81  ? 3   DG  B OP1   1 
ATOM   241 O  OP2   . DG  B 1 3  ? -1.678  -5.332  3.792   1.00 53.08  ? 3   DG  B OP2   1 
ATOM   242 O  "O5'" . DG  B 1 3  ? -4.018  -5.083  4.362   1.00 51.17  ? 3   DG  B "O5'" 1 
ATOM   243 C  "C5'" . DG  B 1 3  ? -5.347  -5.533  4.593   1.00 52.35  ? 3   DG  B "C5'" 1 
ATOM   244 C  "C4'" . DG  B 1 3  ? -6.202  -4.345  4.949   1.00 53.59  ? 3   DG  B "C4'" 1 
ATOM   245 O  "O4'" . DG  B 1 3  ? -5.743  -3.799  6.205   1.00 52.20  ? 3   DG  B "O4'" 1 
ATOM   246 C  "C3'" . DG  B 1 3  ? -6.113  -3.180  3.952   1.00 53.20  ? 3   DG  B "C3'" 1 
ATOM   247 O  "O3'" . DG  B 1 3  ? -7.108  -3.354  2.961   1.00 56.29  ? 3   DG  B "O3'" 1 
ATOM   248 C  "C2'" . DG  B 1 3  ? -6.414  -1.962  4.833   1.00 52.42  ? 3   DG  B "C2'" 1 
ATOM   249 C  "C1'" . DG  B 1 3  ? -5.790  -2.369  6.182   1.00 52.04  ? 3   DG  B "C1'" 1 
ATOM   250 N  N9    . DG  B 1 3  ? -4.425  -1.871  6.449   1.00 47.58  ? 3   DG  B N9    1 
ATOM   251 C  C8    . DG  B 1 3  ? -3.306  -1.961  5.630   1.00 47.50  ? 3   DG  B C8    1 
ATOM   252 N  N7    . DG  B 1 3  ? -2.207  -1.465  6.173   1.00 45.71  ? 3   DG  B N7    1 
ATOM   253 C  C5    . DG  B 1 3  ? -2.643  -1.013  7.441   1.00 44.90  ? 3   DG  B C5    1 
ATOM   254 C  C6    . DG  B 1 3  ? -1.914  -0.386  8.480   1.00 44.58  ? 3   DG  B C6    1 
ATOM   255 O  O6    . DG  B 1 3  ? -0.723  -0.107  8.505   1.00 45.55  ? 3   DG  B O6    1 
ATOM   256 N  N1    . DG  B 1 3  ? -2.712  -0.075  9.580   1.00 44.62  ? 3   DG  B N1    1 
ATOM   257 C  C2    . DG  B 1 3  ? -4.045  -0.352  9.696   1.00 44.71  ? 3   DG  B C2    1 
ATOM   258 N  N2    . DG  B 1 3  ? -4.628  0.046   10.860  1.00 46.57  ? 3   DG  B N2    1 
ATOM   259 N  N3    . DG  B 1 3  ? -4.777  -0.946  8.724   1.00 45.54  ? 3   DG  B N3    1 
ATOM   260 C  C4    . DG  B 1 3  ? -3.986  -1.262  7.624   1.00 46.57  ? 3   DG  B C4    1 
ATOM   261 P  P     . DG  B 1 4  ? -6.881  -2.877  1.451   1.00 57.99  ? 4   DG  B P     1 
ATOM   262 O  OP1   . DG  B 1 4  ? -8.103  -3.293  0.710   1.00 59.33  ? 4   DG  B OP1   1 
ATOM   263 O  OP2   . DG  B 1 4  ? -5.538  -3.258  0.988   1.00 57.30  ? 4   DG  B OP2   1 
ATOM   264 O  "O5'" . DG  B 1 4  ? -6.901  -1.298  1.556   1.00 56.26  ? 4   DG  B "O5'" 1 
ATOM   265 C  "C5'" . DG  B 1 4  ? -8.047  -0.653  1.944   1.00 58.28  ? 4   DG  B "C5'" 1 
ATOM   266 C  "C4'" . DG  B 1 4  ? -7.824  0.838   1.945   1.00 57.72  ? 4   DG  B "C4'" 1 
ATOM   267 O  "O4'" . DG  B 1 4  ? -6.759  1.178   2.866   1.00 53.19  ? 4   DG  B "O4'" 1 
ATOM   268 C  "C3'" . DG  B 1 4  ? -7.437  1.429   0.601   1.00 60.69  ? 4   DG  B "C3'" 1 
ATOM   269 O  "O3'" . DG  B 1 4  ? -8.183  2.632   0.423   1.00 65.51  ? 4   DG  B "O3'" 1 
ATOM   270 C  "C2'" . DG  B 1 4  ? -5.913  1.670   0.733   1.00 55.52  ? 4   DG  B "C2'" 1 
ATOM   271 C  "C1'" . DG  B 1 4  ? -5.771  1.972   2.227   1.00 51.49  ? 4   DG  B "C1'" 1 
ATOM   272 N  N9    . DG  B 1 4  ? -4.478  1.612   2.836   1.00 49.16  ? 4   DG  B N9    1 
ATOM   273 C  C8    . DG  B 1 4  ? -3.792  0.414   2.689   1.00 49.04  ? 4   DG  B C8    1 
ATOM   274 N  N7    . DG  B 1 4  ? -2.687  0.354   3.389   1.00 49.39  ? 4   DG  B N7    1 
ATOM   275 C  C5    . DG  B 1 4  ? -2.618  1.587   4.008   1.00 47.65  ? 4   DG  B C5    1 
ATOM   276 C  C6    . DG  B 1 4  ? -1.639  2.110   4.877   1.00 46.16  ? 4   DG  B C6    1 
ATOM   277 O  O6    . DG  B 1 4  ? -0.603  1.556   5.291   1.00 46.52  ? 4   DG  B O6    1 
ATOM   278 N  N1    . DG  B 1 4  ? -1.965  3.412   5.296   1.00 45.46  ? 4   DG  B N1    1 
ATOM   279 C  C2    . DG  B 1 4  ? -3.086  4.103   4.884   1.00 47.22  ? 4   DG  B C2    1 
ATOM   280 N  N2    . DG  B 1 4  ? -3.262  5.346   5.382   1.00 45.94  ? 4   DG  B N2    1 
ATOM   281 N  N3    . DG  B 1 4  ? -3.998  3.620   4.071   1.00 49.36  ? 4   DG  B N3    1 
ATOM   282 C  C4    . DG  B 1 4  ? -3.720  2.365   3.687   1.00 48.92  ? 4   DG  B C4    1 
ATOM   283 P  P     . DC  B 1 5  ? -8.166  3.422   -0.970  1.00 63.58  ? 5   DC  B P     1 
ATOM   284 O  OP1   . DC  B 1 5  ? -9.576  3.692   -1.307  1.00 68.07  ? 5   DC  B OP1   1 
ATOM   285 O  OP2   . DC  B 1 5  ? -7.259  2.726   -1.915  1.00 60.82  ? 5   DC  B OP2   1 
ATOM   286 O  "O5'" . DC  B 1 5  ? -7.414  4.785   -0.594  1.00 58.74  ? 5   DC  B "O5'" 1 
ATOM   287 C  "C5'" . DC  B 1 5  ? -7.986  5.696   0.323   1.00 58.11  ? 5   DC  B "C5'" 1 
ATOM   288 C  "C4'" . DC  B 1 5  ? -7.166  6.968   0.362   1.00 58.82  ? 5   DC  B "C4'" 1 
ATOM   289 O  "O4'" . DC  B 1 5  ? -6.094  6.802   1.299   1.00 55.48  ? 5   DC  B "O4'" 1 
ATOM   290 C  "C3'" . DC  B 1 5  ? -6.525  7.324   -0.975  1.00 62.27  ? 5   DC  B "C3'" 1 
ATOM   291 O  "O3'" . DC  B 1 5  ? -7.329  8.292   -1.646  1.00 72.23  ? 5   DC  B "O3'" 1 
ATOM   292 C  "C2'" . DC  B 1 5  ? -5.156  7.883   -0.612  1.00 57.82  ? 5   DC  B "C2'" 1 
ATOM   293 C  "C1'" . DC  B 1 5  ? -4.893  7.309   0.778   1.00 54.48  ? 5   DC  B "C1'" 1 
ATOM   294 N  N1    . DC  B 1 5  ? -3.929  6.217   0.827   1.00 51.65  ? 5   DC  B N1    1 
ATOM   295 C  C2    . DC  B 1 5  ? -2.958  6.273   1.802   1.00 50.15  ? 5   DC  B C2    1 
ATOM   296 O  O2    . DC  B 1 5  ? -2.914  7.268   2.529   1.00 53.13  ? 5   DC  B O2    1 
ATOM   297 N  N3    . DC  B 1 5  ? -2.080  5.273   1.906   1.00 47.14  ? 5   DC  B N3    1 
ATOM   298 C  C4    . DC  B 1 5  ? -2.187  4.219   1.115   1.00 46.36  ? 5   DC  B C4    1 
ATOM   299 N  N4    . DC  B 1 5  ? -1.289  3.255   1.264   1.00 45.43  ? 5   DC  B N4    1 
ATOM   300 C  C5    . DC  B 1 5  ? -3.202  4.117   0.114   1.00 47.61  ? 5   DC  B C5    1 
ATOM   301 C  C6    . DC  B 1 5  ? -4.063  5.121   0.021   1.00 49.67  ? 5   DC  B C6    1 
ATOM   302 P  P     . DG  B 1 6  ? -7.196  8.466   -3.239  1.00 79.61  ? 6   DG  B P     1 
ATOM   303 O  OP1   . DG  B 1 6  ? -8.382  9.182   -3.765  1.00 83.39  ? 6   DG  B OP1   1 
ATOM   304 O  OP2   . DG  B 1 6  ? -6.861  7.145   -3.815  1.00 78.51  ? 6   DG  B OP2   1 
ATOM   305 O  "O5'" . DG  B 1 6  ? -5.871  9.346   -3.391  1.00 70.61  ? 6   DG  B "O5'" 1 
ATOM   306 C  "C5'" . DG  B 1 6  ? -5.828  10.647  -2.867  1.00 65.00  ? 6   DG  B "C5'" 1 
ATOM   307 C  "C4'" . DG  B 1 6  ? -4.504  11.279  -3.208  1.00 62.52  ? 6   DG  B "C4'" 1 
ATOM   308 O  "O4'" . DG  B 1 6  ? -3.459  10.442  -2.665  1.00 58.76  ? 6   DG  B "O4'" 1 
ATOM   309 C  "C3'" . DG  B 1 6  ? -4.215  11.413  -4.704  1.00 62.44  ? 6   DG  B "C3'" 1 
ATOM   310 O  "O3'" . DG  B 1 6  ? -3.470  12.625  -4.940  1.00 70.42  ? 6   DG  B "O3'" 1 
ATOM   311 C  "C2'" . DG  B 1 6  ? -3.405  10.137  -5.021  1.00 57.36  ? 6   DG  B "C2'" 1 
ATOM   312 C  "C1'" . DG  B 1 6  ? -2.666  9.905   -3.702  1.00 55.80  ? 6   DG  B "C1'" 1 
ATOM   313 N  N9    . DG  B 1 6  ? -2.374  8.518   -3.361  1.00 51.77  ? 6   DG  B N9    1 
ATOM   314 C  C8    . DG  B 1 6  ? -3.145  7.379   -3.585  1.00 50.56  ? 6   DG  B C8    1 
ATOM   315 N  N7    . DG  B 1 6  ? -2.570  6.276   -3.137  1.00 48.79  ? 6   DG  B N7    1 
ATOM   316 C  C5    . DG  B 1 6  ? -1.364  6.715   -2.586  1.00 48.28  ? 6   DG  B C5    1 
ATOM   317 C  C6    . DG  B 1 6  ? -0.329  5.989   -1.949  1.00 48.50  ? 6   DG  B C6    1 
ATOM   318 O  O6    . DG  B 1 6  ? -0.257  4.751   -1.743  1.00 48.54  ? 6   DG  B O6    1 
ATOM   319 N  N1    . DG  B 1 6  ? 0.698   6.840   -1.510  1.00 50.38  ? 6   DG  B N1    1 
ATOM   320 C  C2    . DG  B 1 6  ? 0.736   8.191   -1.713  1.00 51.81  ? 6   DG  B C2    1 
ATOM   321 N  N2    . DG  B 1 6  ? 1.807   8.836   -1.248  1.00 52.25  ? 6   DG  B N2    1 
ATOM   322 N  N3    . DG  B 1 6  ? -0.215  8.868   -2.295  1.00 51.98  ? 6   DG  B N3    1 
ATOM   323 C  C4    . DG  B 1 6  ? -1.240  8.078   -2.697  1.00 49.74  ? 6   DG  B C4    1 
ATOM   324 P  P     . DC  B 1 7  ? -3.264  13.197  -6.424  1.00 81.94  ? 7   DC  B P     1 
ATOM   325 O  OP1   . DC  B 1 7  ? -3.334  14.681  -6.360  1.00 88.97  ? 7   DC  B OP1   1 
ATOM   326 O  OP2   . DC  B 1 7  ? -4.119  12.406  -7.334  1.00 80.42  ? 7   DC  B OP2   1 
ATOM   327 O  "O5'" . DC  B 1 7  ? -1.757  12.821  -6.762  1.00 74.23  ? 7   DC  B "O5'" 1 
ATOM   328 C  "C5'" . DC  B 1 7  ? -0.724  13.338  -5.947  1.00 67.47  ? 7   DC  B "C5'" 1 
ATOM   329 C  "C4'" . DC  B 1 7  ? 0.561   12.605  -6.222  1.00 59.35  ? 7   DC  B "C4'" 1 
ATOM   330 O  "O4'" . DC  B 1 7  ? 0.585   11.405  -5.453  1.00 53.43  ? 7   DC  B "O4'" 1 
ATOM   331 C  "C3'" . DC  B 1 7  ? 0.697   12.119  -7.636  1.00 59.46  ? 7   DC  B "C3'" 1 
ATOM   332 O  "O3'" . DC  B 1 7  ? 1.193   13.165  -8.449  1.00 64.09  ? 7   DC  B "O3'" 1 
ATOM   333 C  "C2'" . DC  B 1 7  ? 1.706   10.982  -7.494  1.00 53.82  ? 7   DC  B "C2'" 1 
ATOM   334 C  "C1'" . DC  B 1 7  ? 1.498   10.510  -6.061  1.00 51.35  ? 7   DC  B "C1'" 1 
ATOM   335 N  N1    . DC  B 1 7  ? 0.931   9.158   -5.976  1.00 50.68  ? 7   DC  B N1    1 
ATOM   336 C  C2    . DC  B 1 7  ? 1.562   8.191   -5.173  1.00 50.59  ? 7   DC  B C2    1 
ATOM   337 O  O2    . DC  B 1 7  ? 2.587   8.492   -4.547  1.00 52.86  ? 7   DC  B O2    1 
ATOM   338 N  N3    . DC  B 1 7  ? 1.028   6.957   -5.094  1.00 49.06  ? 7   DC  B N3    1 
ATOM   339 C  C4    . DC  B 1 7  ? -0.073  6.660   -5.781  1.00 47.69  ? 7   DC  B C4    1 
ATOM   340 N  N4    . DC  B 1 7  ? -0.552  5.422   -5.665  1.00 46.59  ? 7   DC  B N4    1 
ATOM   341 C  C5    . DC  B 1 7  ? -0.749  7.623   -6.587  1.00 49.59  ? 7   DC  B C5    1 
ATOM   342 C  C6    . DC  B 1 7  ? -0.216  8.857   -6.658  1.00 50.40  ? 7   DC  B C6    1 
ATOM   343 P  P     . DC  B 1 8  ? 0.689   13.297  -9.964  1.00 67.72  ? 8   DC  B P     1 
ATOM   344 O  OP1   . DC  B 1 8  ? 1.127   14.627  -10.443 1.00 73.00  ? 8   DC  B OP1   1 
ATOM   345 O  OP2   . DC  B 1 8  ? -0.719  12.847  -10.064 1.00 67.59  ? 8   DC  B OP2   1 
ATOM   346 O  "O5'" . DC  B 1 8  ? 1.545   12.194  -10.746 1.00 60.54  ? 8   DC  B "O5'" 1 
ATOM   347 C  "C5'" . DC  B 1 8  ? 2.933   12.396  -10.928 1.00 58.23  ? 8   DC  B "C5'" 1 
ATOM   348 C  "C4'" . DC  B 1 8  ? 3.565   11.180  -11.618 1.00 54.59  ? 8   DC  B "C4'" 1 
ATOM   349 O  "O4'" . DC  B 1 8  ? 3.441   10.036  -10.778 1.00 52.06  ? 8   DC  B "O4'" 1 
ATOM   350 C  "C3'" . DC  B 1 8  ? 2.910   10.779  -12.895 1.00 53.19  ? 8   DC  B "C3'" 1 
ATOM   351 O  "O3'" . DC  B 1 8  ? 3.518   11.509  -13.943 1.00 53.97  ? 8   DC  B "O3'" 1 
ATOM   352 C  "C2'" . DC  B 1 8  ? 3.236   9.262   -13.013 1.00 51.80  ? 8   DC  B "C2'" 1 
ATOM   353 C  "C1'" . DC  B 1 8  ? 3.503   8.855   -11.564 1.00 52.07  ? 8   DC  B "C1'" 1 
ATOM   354 N  N1    . DC  B 1 8  ? 2.497   7.903   -10.956 1.00 52.54  ? 8   DC  B N1    1 
ATOM   355 C  C2    . DC  B 1 8  ? 2.855   6.561   -10.669 1.00 50.91  ? 8   DC  B C2    1 
ATOM   356 O  O2    . DC  B 1 8  ? 3.988   6.135   -10.998 1.00 52.16  ? 8   DC  B O2    1 
ATOM   357 N  N3    . DC  B 1 8  ? 1.933   5.756   -10.102 1.00 49.71  ? 8   DC  B N3    1 
ATOM   358 C  C4    . DC  B 1 8  ? 0.728   6.244   -9.792  1.00 50.37  ? 8   DC  B C4    1 
ATOM   359 N  N4    . DC  B 1 8  ? -0.136  5.429   -9.208  1.00 49.14  ? 8   DC  B N4    1 
ATOM   360 C  C5    . DC  B 1 8  ? 0.363   7.593   -10.044 1.00 54.20  ? 8   DC  B C5    1 
ATOM   361 C  C6    . DC  B 1 8  ? 1.270   8.380   -10.615 1.00 55.06  ? 8   DC  B C6    1 
ATOM   362 P  P     . DG  B 1 9  ? 2.851   11.560  -15.390 1.00 57.60  ? 9   DG  B P     1 
ATOM   363 O  OP1   . DG  B 1 9  ? 3.398   12.724  -16.143 1.00 60.58  ? 9   DG  B OP1   1 
ATOM   364 O  OP2   . DG  B 1 9  ? 1.405   11.377  -15.128 1.00 57.24  ? 9   DG  B OP2   1 
ATOM   365 O  "O5'" . DG  B 1 9  ? 3.374   10.283  -16.121 1.00 56.91  ? 9   DG  B "O5'" 1 
ATOM   366 C  "C5'" . DG  B 1 9  ? 4.732   10.177  -16.452 1.00 59.35  ? 9   DG  B "C5'" 1 
ATOM   367 C  "C4'" . DG  B 1 9  ? 4.981   8.788   -16.958 1.00 62.38  ? 9   DG  B "C4'" 1 
ATOM   368 O  "O4'" . DG  B 1 9  ? 4.748   7.891   -15.854 1.00 59.29  ? 9   DG  B "O4'" 1 
ATOM   369 C  "C3'" . DG  B 1 9  ? 4.013   8.356   -18.049 1.00 68.16  ? 9   DG  B "C3'" 1 
ATOM   370 O  "O3'" . DG  B 1 9  ? 4.595   8.605   -19.355 1.00 79.93  ? 9   DG  B "O3'" 1 
ATOM   371 C  "C2'" . DG  B 1 9  ? 3.809   6.855   -17.783 1.00 63.17  ? 9   DG  B "C2'" 1 
ATOM   372 C  "C1'" . DG  B 1 9  ? 4.080   6.730   -16.280 1.00 59.67  ? 9   DG  B "C1'" 1 
ATOM   373 N  N9    . DG  B 1 9  ? 2.892   6.550   -15.434 1.00 57.43  ? 9   DG  B N9    1 
ATOM   374 C  C8    . DG  B 1 9  ? 1.810   7.380   -15.308 1.00 58.50  ? 9   DG  B C8    1 
ATOM   375 N  N7    . DG  B 1 9  ? 0.917   6.938   -14.445 1.00 57.03  ? 9   DG  B N7    1 
ATOM   376 C  C5    . DG  B 1 9  ? 1.480   5.772   -13.938 1.00 54.37  ? 9   DG  B C5    1 
ATOM   377 C  C6    . DG  B 1 9  ? 0.990   4.849   -12.980 1.00 52.72  ? 9   DG  B C6    1 
ATOM   378 O  O6    . DG  B 1 9  ? -0.064  4.888   -12.359 1.00 52.81  ? 9   DG  B O6    1 
ATOM   379 N  N1    . DG  B 1 9  ? 1.883   3.795   -12.757 1.00 52.13  ? 9   DG  B N1    1 
ATOM   380 C  C2    . DG  B 1 9  ? 3.081   3.646   -13.421 1.00 52.74  ? 9   DG  B C2    1 
ATOM   381 N  N2    . DG  B 1 9  ? 3.830   2.571   -13.105 1.00 54.76  ? 9   DG  B N2    1 
ATOM   382 N  N3    . DG  B 1 9  ? 3.532   4.499   -14.322 1.00 53.71  ? 9   DG  B N3    1 
ATOM   383 C  C4    . DG  B 1 9  ? 2.691   5.525   -14.536 1.00 54.62  ? 9   DG  B C4    1 
ATOM   384 P  P     . DA  B 1 10 ? 3.804   8.220   -20.708 1.00 89.55  ? 10  DA  B P     1 
ATOM   385 O  OP1   . DA  B 1 10 ? 4.575   8.836   -21.814 1.00 95.13  ? 10  DA  B OP1   1 
ATOM   386 O  OP2   . DA  B 1 10 ? 2.376   8.618   -20.624 1.00 89.29  ? 10  DA  B OP2   1 
ATOM   387 O  "O5'" . DA  B 1 10 ? 3.922   6.609   -20.737 1.00 84.33  ? 10  DA  B "O5'" 1 
ATOM   388 C  "C5'" . DA  B 1 10 ? 3.985   5.920   -21.970 1.00 80.72  ? 10  DA  B "C5'" 1 
ATOM   389 C  "C4'" . DA  B 1 10 ? 4.596   4.533   -21.802 1.00 77.08  ? 10  DA  B "C4'" 1 
ATOM   390 O  "O4'" . DA  B 1 10 ? 3.969   3.878   -20.669 1.00 73.56  ? 10  DA  B "O4'" 1 
ATOM   391 C  "C3'" . DA  B 1 10 ? 4.406   3.608   -23.018 1.00 79.46  ? 10  DA  B "C3'" 1 
ATOM   392 O  "O3'" . DA  B 1 10 ? 5.661   2.940   -23.428 1.00 81.91  ? 10  DA  B "O3'" 1 
ATOM   393 C  "C2'" . DA  B 1 10 ? 3.358   2.612   -22.542 1.00 80.18  ? 10  DA  B "C2'" 1 
ATOM   394 C  "C1'" . DA  B 1 10 ? 3.614   2.570   -21.046 1.00 77.98  ? 10  DA  B "C1'" 1 
ATOM   395 N  N9    . DA  B 1 10 ? 2.439   2.150   -20.294 1.00 81.16  ? 10  DA  B N9    1 
ATOM   396 C  C8    . DA  B 1 10 ? 2.295   0.987   -19.595 1.00 81.43  ? 10  DA  B C8    1 
ATOM   397 N  N7    . DA  B 1 10 ? 1.117   0.835   -19.044 1.00 81.69  ? 10  DA  B N7    1 
ATOM   398 C  C5    . DA  B 1 10 ? 0.429   1.951   -19.441 1.00 81.39  ? 10  DA  B C5    1 
ATOM   399 C  C6    . DA  B 1 10 ? -0.868  2.371   -19.188 1.00 79.59  ? 10  DA  B C6    1 
ATOM   400 N  N6    . DA  B 1 10 ? -1.729  1.670   -18.451 1.00 75.36  ? 10  DA  B N6    1 
ATOM   401 N  N1    . DA  B 1 10 ? -1.252  3.540   -19.716 1.00 82.53  ? 10  DA  B N1    1 
ATOM   402 C  C2    . DA  B 1 10 ? -0.380  4.235   -20.459 1.00 84.59  ? 10  DA  B C2    1 
ATOM   403 N  N3    . DA  B 1 10 ? 0.877   3.942   -20.770 1.00 84.26  ? 10  DA  B N3    1 
ATOM   404 C  C4    . DA  B 1 10 ? 1.225   2.775   -20.225 1.00 82.90  ? 10  DA  B C4    1 
HETATM 405 BA BA    . BA  C 2 .  ? 0.179   0.731   -4.469  1.00 48.91  ? 101 BA  A BA    1 
HETATM 406 C  C13   A KHK D 3 .  ? -5.396  -4.557  16.819  0.24 55.10  ? 102 KHK A C13   1 
HETATM 407 C  C13   B KHK D 3 .  ? -0.510  -5.968  12.016  0.76 48.31  ? 102 KHK A C13   1 
HETATM 408 C  C17   A KHK D 3 .  ? -2.323  -5.318  14.062  0.24 50.61  ? 102 KHK A C17   1 
HETATM 409 C  C17   B KHK D 3 .  ? -3.324  -4.972  14.970  0.76 52.26  ? 102 KHK A C17   1 
HETATM 410 C  C22   A KHK D 3 .  ? -0.511  -6.050  12.054  0.24 48.05  ? 102 KHK A C22   1 
HETATM 411 C  C22   B KHK D 3 .  ? -5.413  -4.527  16.778  0.76 55.04  ? 102 KHK A C22   1 
HETATM 412 C  C26   A KHK D 3 .  ? -4.076  -10.170 10.587  0.24 49.12  ? 102 KHK A C26   1 
HETATM 413 C  C26   B KHK D 3 .  ? -8.634  -7.873  13.817  0.76 45.65  ? 102 KHK A C26   1 
HETATM 414 C  C11   A KHK D 3 .  ? -3.064  -4.143  16.059  0.24 55.66  ? 102 KHK A C11   1 
HETATM 415 C  C11   B KHK D 3 .  ? -1.092  -4.716  14.057  0.76 52.23  ? 102 KHK A C11   1 
HETATM 416 C  C14   A KHK D 3 .  ? -5.618  -5.407  15.805  0.24 53.63  ? 102 KHK A C14   1 
HETATM 417 C  C14   B KHK D 3 .  ? -1.739  -6.510  11.976  0.76 47.57  ? 102 KHK A C14   1 
HETATM 418 C  C41   A KHK D 3 .  ? -3.458  -10.250 16.456  0.24 48.01  ? 102 KHK A C41   1 
HETATM 419 C  C41   B KHK D 3 .  ? -6.435  -4.553  9.717   0.76 49.14  ? 102 KHK A C41   1 
HETATM 420 C  C23   A KHK D 3 .  ? -0.169  -5.094  13.145  0.24 49.43  ? 102 KHK A C23   1 
HETATM 421 C  C23   B KHK D 3 .  ? -4.078  -3.868  16.915  0.76 55.53  ? 102 KHK A C23   1 
HETATM 422 C  C25   A KHK D 3 .  ? -3.987  -9.503  11.755  0.24 48.51  ? 102 KHK A C25   1 
HETATM 423 C  C25   B KHK D 3 .  ? -7.562  -7.224  13.318  0.76 45.72  ? 102 KHK A C25   1 
HETATM 424 C  C01   A KHK D 3 .  ? 1.360   -0.683  18.221  0.24 79.10  ? 102 KHK A C01   1 
HETATM 425 C  C01   B KHK D 3 .  ? 2.332   -0.996  17.178  0.76 79.18  ? 102 KHK A C01   1 
HETATM 426 C  C02   A KHK D 3 .  ? 2.299   -1.023  17.229  0.24 79.11  ? 102 KHK A C02   1 
HETATM 427 C  C02   B KHK D 3 .  ? 1.359   -0.684  18.151  0.76 79.12  ? 102 KHK A C02   1 
HETATM 428 C  C03   A KHK D 3 .  ? 1.974   -1.919  16.207  0.24 74.64  ? 102 KHK A C03   1 
HETATM 429 C  C03   B KHK D 3 .  ? 0.075   -1.256  18.127  0.76 74.56  ? 102 KHK A C03   1 
HETATM 430 C  C04   A KHK D 3 .  ? 0.073   -1.270  18.173  0.24 74.59  ? 102 KHK A C04   1 
HETATM 431 C  C04   B KHK D 3 .  ? 1.970   -1.893  16.157  0.76 74.62  ? 102 KHK A C04   1 
HETATM 432 C  C05   A KHK D 3 .  ? -0.277  -2.165  17.152  0.24 69.22  ? 102 KHK A C05   1 
HETATM 433 C  C05   B KHK D 3 .  ? 0.690   -2.464  16.116  0.76 69.15  ? 102 KHK A C05   1 
HETATM 434 C  C06   A KHK D 3 .  ? 0.704   -2.498  16.149  0.24 69.12  ? 102 KHK A C06   1 
HETATM 435 C  C06   B KHK D 3 .  ? -0.293  -2.143  17.114  0.76 69.20  ? 102 KHK A C06   1 
HETATM 436 C  C08   A KHK D 3 .  ? -1.791  -3.569  16.117  0.24 58.90  ? 102 KHK A C08   1 
HETATM 437 C  C08   B KHK D 3 .  ? -0.830  -3.844  15.095  0.76 57.84  ? 102 KHK A C08   1 
HETATM 438 C  C09   A KHK D 3 .  ? -0.801  -3.886  15.130  0.24 57.76  ? 102 KHK A C09   1 
HETATM 439 C  C09   B KHK D 3 .  ? -1.813  -3.534  16.086  0.76 58.98  ? 102 KHK A C09   1 
HETATM 440 C  C12   A KHK D 3 .  ? -4.058  -3.897  16.949  0.24 55.49  ? 102 KHK A C12   1 
HETATM 441 C  C12   B KHK D 3 .  ? -0.180  -5.028  13.111  0.76 49.64  ? 102 KHK A C12   1 
HETATM 442 C  C16   A KHK D 3 .  ? -3.305  -5.013  15.021  0.24 52.21  ? 102 KHK A C16   1 
HETATM 443 C  C16   B KHK D 3 .  ? -2.344  -5.273  14.014  0.76 50.63  ? 102 KHK A C16   1 
HETATM 444 C  C18   A KHK D 3 .  ? -1.071  -4.765  14.097  0.24 52.22  ? 102 KHK A C18   1 
HETATM 445 C  C18   B KHK D 3 .  ? -3.083  -4.106  16.019  0.76 55.67  ? 102 KHK A C18   1 
HETATM 446 C  C21   A KHK D 3 .  ? -1.737  -6.585  12.025  0.24 47.48  ? 102 KHK A C21   1 
HETATM 447 C  C21   B KHK D 3 .  ? -5.624  -5.372  15.752  0.76 53.40  ? 102 KHK A C21   1 
HETATM 448 C  C27   A KHK D 3 .  ? -4.639  -9.527  9.426   0.24 49.19  ? 102 KHK A C27   1 
HETATM 449 C  C27   B KHK D 3 .  ? -8.460  -8.914  14.799  0.76 45.99  ? 102 KHK A C27   1 
HETATM 450 C  C28   A KHK D 3 .  ? -4.990  -7.555  10.682  0.24 48.62  ? 102 KHK A C28   1 
HETATM 451 C  C28   B KHK D 3 .  ? -6.111  -8.577  14.744  0.76 46.33  ? 102 KHK A C28   1 
HETATM 452 C  C29   A KHK D 3 .  ? -5.071  -8.300  9.460   0.24 49.03  ? 102 KHK A C29   1 
HETATM 453 C  C29   B KHK D 3 .  ? -7.280  -9.253  15.242  0.76 45.86  ? 102 KHK A C29   1 
HETATM 454 C  C30   A KHK D 3 .  ? -5.654  -7.590  8.292   0.24 49.34  ? 102 KHK A C30   1 
HETATM 455 C  C30   B KHK D 3 .  ? -7.043  -10.319 16.243  0.76 46.30  ? 102 KHK A C30   1 
HETATM 456 C  C31   A KHK D 3 .  ? -6.082  -6.297  8.406   0.24 49.39  ? 102 KHK A C31   1 
HETATM 457 C  C31   B KHK D 3 .  ? -5.782  -10.617 16.673  0.76 46.63  ? 102 KHK A C31   1 
HETATM 458 C  C32   A KHK D 3 .  ? -5.977  -5.567  9.694   0.24 49.09  ? 102 KHK A C32   1 
HETATM 459 C  C32   B KHK D 3 .  ? -4.607  -9.892  16.147  0.76 47.12  ? 102 KHK A C32   1 
HETATM 460 C  C33   A KHK D 3 .  ? -6.369  -4.340  9.874   0.24 49.18  ? 102 KHK A C33   1 
HETATM 461 C  C33   B KHK D 3 .  ? -3.389  -10.135 16.517  0.76 47.98  ? 102 KHK A C33   1 
HETATM 462 C  C34   A KHK D 3 .  ? -6.248  -3.674  11.148  0.24 49.18  ? 102 KHK A C34   1 
HETATM 463 C  C34   B KHK D 3 .  ? -2.283  -9.402  15.961  0.76 48.04  ? 102 KHK A C34   1 
HETATM 464 C  C35   A KHK D 3 .  ? -5.724  -4.302  12.210  0.24 49.27  ? 102 KHK A C35   1 
HETATM 465 C  C35   B KHK D 3 .  ? -2.475  -8.428  15.048  0.76 47.89  ? 102 KHK A C35   1 
HETATM 466 C  C36   A KHK D 3 .  ? -5.409  -6.286  10.797  0.24 48.71  ? 102 KHK A C36   1 
HETATM 467 C  C36   B KHK D 3 .  ? -4.870  -8.871  15.163  0.76 46.67  ? 102 KHK A C36   1 
HETATM 468 C  C39   A KHK D 3 .  ? -2.525  -8.519  15.038  0.24 47.87  ? 102 KHK A C39   1 
HETATM 469 C  C39   B KHK D 3 .  ? -5.762  -4.415  12.041  0.76 48.49  ? 102 KHK A C39   1 
HETATM 470 C  C40   A KHK D 3 .  ? -2.339  -9.511  15.928  0.24 48.20  ? 102 KHK A C40   1 
HETATM 471 C  C40   B KHK D 3 .  ? -6.317  -3.833  10.969  0.76 49.17  ? 102 KHK A C40   1 
HETATM 472 C  C42   A KHK D 3 .  ? -4.679  -10.000 16.098  0.24 47.16  ? 102 KHK A C42   1 
HETATM 473 C  C42   B KHK D 3 .  ? -6.013  -5.781  9.576   0.76 49.04  ? 102 KHK A C42   1 
HETATM 474 C  C43   A KHK D 3 .  ? -4.931  -8.952  15.147  0.24 46.68  ? 102 KHK A C43   1 
HETATM 475 C  C43   B KHK D 3 .  ? -5.421  -6.450  10.698  0.76 48.75  ? 102 KHK A C43   1 
HETATM 476 C  C44   A KHK D 3 .  ? -5.865  -10.732 16.604  0.24 46.68  ? 102 KHK A C44   1 
HETATM 477 C  C44   B KHK D 3 .  ? -6.116  -6.568  8.324   0.76 49.26  ? 102 KHK A C44   1 
HETATM 478 C  C45   A KHK D 3 .  ? -7.124  -10.412 16.178  0.24 46.28  ? 102 KHK A C45   1 
HETATM 479 C  C45   B KHK D 3 .  ? -5.656  -7.858  8.259   0.76 49.47  ? 102 KHK A C45   1 
HETATM 480 C  C46   A KHK D 3 .  ? -7.341  -9.315  15.197  0.24 45.87  ? 102 KHK A C46   1 
HETATM 481 C  C46   B KHK D 3 .  ? -5.045  -8.513  9.450   0.76 49.02  ? 102 KHK A C46   1 
HETATM 482 C  C47   A KHK D 3 .  ? -6.161  -8.634  14.728  0.24 46.36  ? 102 KHK A C47   1 
HETATM 483 C  C47   B KHK D 3 .  ? -4.970  -7.713  10.640  0.76 48.67  ? 102 KHK A C47   1 
HETATM 484 C  C49   A KHK D 3 .  ? -8.509  -8.951  14.749  0.24 45.92  ? 102 KHK A C49   1 
HETATM 485 C  C49   B KHK D 3 .  ? -4.579  -9.737  9.458   0.76 49.41  ? 102 KHK A C49   1 
HETATM 486 C  C50   A KHK D 3 .  ? -8.660  -7.879  13.792  0.24 45.63  ? 102 KHK A C50   1 
HETATM 487 C  C50   B KHK D 3 .  ? -3.985  -10.302 10.648  0.76 49.39  ? 102 KHK A C50   1 
HETATM 488 C  C51   A KHK D 3 .  ? -7.580  -7.219  13.323  0.24 45.77  ? 102 KHK A C51   1 
HETATM 489 C  C51   B KHK D 3 .  ? -3.913  -9.570  11.788  0.76 48.36  ? 102 KHK A C51   1 
HETATM 490 N  N07   A KHK D 3 .  ? -1.470  -2.705  17.102  0.24 63.70  ? 102 KHK A N07   1 
HETATM 491 N  N07   B KHK D 3 .  ? 0.394   -3.290  15.158  0.76 63.07  ? 102 KHK A N07   1 
HETATM 492 N  N10   A KHK D 3 .  ? 0.427   -3.325  15.191  0.24 63.14  ? 102 KHK A N10   1 
HETATM 493 N  N10   B KHK D 3 .  ? -1.490  -2.672  17.084  0.76 63.50  ? 102 KHK A N10   1 
HETATM 494 N  N15   A KHK D 3 .  ? -4.559  -5.605  14.889  0.24 51.15  ? 102 KHK A N15   1 
HETATM 495 N  N15   B KHK D 3 .  ? -2.650  -6.157  12.983  0.76 48.45  ? 102 KHK A N15   1 
HETATM 496 N  N20   A KHK D 3 .  ? -2.644  -6.197  13.034  0.24 48.46  ? 102 KHK A N20   1 
HETATM 497 N  N20   B KHK D 3 .  ? -4.568  -5.589  14.837  0.76 51.17  ? 102 KHK A N20   1 
HETATM 498 N  N24   A KHK D 3 .  ? -4.449  -8.166  11.794  0.24 48.15  ? 102 KHK A N24   1 
HETATM 499 N  N24   B KHK D 3 .  ? -6.292  -7.602  13.787  0.76 46.65  ? 102 KHK A N24   1 
HETATM 500 N  N37   A KHK D 3 .  ? -5.287  -5.627  12.014  0.24 48.42  ? 102 KHK A N37   1 
HETATM 501 N  N37   B KHK D 3 .  ? -3.796  -8.161  14.628  0.76 47.47  ? 102 KHK A N37   1 
HETATM 502 N  N38   A KHK D 3 .  ? -3.848  -8.254  14.639  0.24 47.50  ? 102 KHK A N38   1 
HETATM 503 N  N38   B KHK D 3 .  ? -5.303  -5.736  11.871  0.76 48.30  ? 102 KHK A N38   1 
HETATM 504 N  N48   A KHK D 3 .  ? -6.317  -7.619  13.803  0.24 46.53  ? 102 KHK A N48   1 
HETATM 505 N  N48   B KHK D 3 .  ? -4.408  -8.240  11.778  0.76 48.23  ? 102 KHK A N48   1 
HETATM 506 N  N74   A KHK D 3 .  ? 1.717   0.241   19.259  0.24 85.32  ? 102 KHK A N74   1 
HETATM 507 N  N74   B KHK D 3 .  ? 3.643   -0.407  17.194  0.76 85.37  ? 102 KHK A N74   1 
HETATM 508 O  O75   A KHK D 3 .  ? 2.494   1.275   19.004  0.24 89.73  ? 102 KHK A O75   1 
HETATM 509 O  O75   B KHK D 3 .  ? 3.805   0.853   17.560  0.76 89.57  ? 102 KHK A O75   1 
HETATM 510 O  O76   A KHK D 3 .  ? 1.318   0.084   20.374  0.24 89.78  ? 102 KHK A O76   1 
HETATM 511 O  O76   B KHK D 3 .  ? 4.605   -1.031  16.847  0.76 89.74  ? 102 KHK A O76   1 
HETATM 512 RU RU19  A KHK D 3 .  ? -4.503  -6.884  13.347  0.24 47.77  ? 102 KHK A RU19  1 
HETATM 513 RU RU19  B KHK D 3 .  ? -4.492  -6.863  13.276  0.76 46.78  ? 102 KHK A RU19  1 
HETATM 514 H  H55   A KHK D 3 .  ? -6.066  -4.380  17.436  0.24 66.12  ? 102 KHK A H55   1 
HETATM 515 H  H55   B KHK D 3 .  ? 0.121   -6.180  11.368  0.76 57.97  ? 102 KHK A H55   1 
HETATM 516 H  H79   A KHK D 3 .  ? 0.116   -6.269  11.403  0.24 57.66  ? 102 KHK A H79   1 
HETATM 517 H  H79   B KHK D 3 .  ? -6.089  -4.357  17.391  0.76 66.05  ? 102 KHK A H79   1 
HETATM 518 H  H59   A KHK D 3 .  ? -3.773  -11.046 10.531  0.24 58.94  ? 102 KHK A H59   1 
HETATM 519 H  H59   B KHK D 3 .  ? -9.488  -7.648  13.527  0.76 54.79  ? 102 KHK A H59   1 
HETATM 520 H  H56   A KHK D 3 .  ? -6.431  -5.846  15.709  0.24 64.35  ? 102 KHK A H56   1 
HETATM 521 H  H56   B KHK D 3 .  ? -1.978  -7.102  11.301  0.76 57.09  ? 102 KHK A H56   1 
HETATM 522 H  H68   A KHK D 3 .  ? -3.300  -10.927 17.073  0.24 57.62  ? 102 KHK A H68   1 
HETATM 523 H  H68   B KHK D 3 .  ? -6.823  -4.127  8.988   0.76 58.96  ? 102 KHK A H68   1 
HETATM 524 H  H57   A KHK D 3 .  ? 0.682   -4.717  13.171  0.24 59.32  ? 102 KHK A H57   1 
HETATM 525 H  H57   B KHK D 3 .  ? -3.927  -3.286  17.624  0.76 66.64  ? 102 KHK A H57   1 
HETATM 526 H  H58   A KHK D 3 .  ? -3.632  -9.909  12.511  0.24 58.21  ? 102 KHK A H58   1 
HETATM 527 H  H58   B KHK D 3 .  ? -7.659  -6.551  12.686  0.76 54.86  ? 102 KHK A H58   1 
HETATM 528 H  H52   A KHK D 3 .  ? 3.152   -0.654  17.239  0.24 94.94  ? 102 KHK A H52   1 
HETATM 529 H  H52   B KHK D 3 .  ? 1.555   -0.084  18.834  0.76 94.94  ? 102 KHK A H52   1 
HETATM 530 H  H53   A KHK D 3 .  ? 2.613   -2.129  15.566  0.24 89.57  ? 102 KHK A H53   1 
HETATM 531 H  H53   B KHK D 3 .  ? -0.530  -1.038  18.797  0.76 89.47  ? 102 KHK A H53   1 
HETATM 532 H  H77   A KHK D 3 .  ? -0.557  -1.064  18.824  0.24 89.50  ? 102 KHK A H77   1 
HETATM 533 H  H77   B KHK D 3 .  ? 2.582   -2.115  15.495  0.76 89.55  ? 102 KHK A H77   1 
HETATM 534 H  H54   A KHK D 3 .  ? -3.905  -3.310  17.652  0.24 66.59  ? 102 KHK A H54   1 
HETATM 535 H  H54   B KHK D 3 .  ? 0.666   -4.647  13.148  0.76 59.57  ? 102 KHK A H54   1 
HETATM 536 H  H78   A KHK D 3 .  ? -1.982  -7.192  11.366  0.24 56.98  ? 102 KHK A H78   1 
HETATM 537 H  H78   B KHK D 3 .  ? -6.440  -5.803  15.648  0.76 64.08  ? 102 KHK A H78   1 
HETATM 538 H  H60   A KHK D 3 .  ? -4.695  -10.002 8.630   0.24 59.03  ? 102 KHK A H60   1 
HETATM 539 H  H60   B KHK D 3 .  ? -9.209  -9.356  15.126  0.76 55.18  ? 102 KHK A H60   1 
HETATM 540 H  H61   A KHK D 3 .  ? -5.727  -8.029  7.476   0.24 59.21  ? 102 KHK A H61   1 
HETATM 541 H  H61   B KHK D 3 .  ? -7.766  -10.793 16.585  0.76 55.57  ? 102 KHK A H61   1 
HETATM 542 H  H62   A KHK D 3 .  ? -6.445  -5.868  7.666   0.24 59.27  ? 102 KHK A H62   1 
HETATM 543 H  H62   B KHK D 3 .  ? -5.660  -11.287 17.306  0.76 55.96  ? 102 KHK A H62   1 
HETATM 544 H  H63   A KHK D 3 .  ? -6.739  -3.878  9.158   0.24 59.01  ? 102 KHK A H63   1 
HETATM 545 H  H63   B KHK D 3 .  ? -3.228  -10.794 17.152  0.76 57.58  ? 102 KHK A H63   1 
HETATM 546 H  H64   A KHK D 3 .  ? -6.540  -2.796  11.234  0.24 59.02  ? 102 KHK A H64   1 
HETATM 547 H  H64   B KHK D 3 .  ? -1.419  -9.604  16.237  0.76 57.65  ? 102 KHK A H64   1 
HETATM 548 H  H65   A KHK D 3 .  ? -5.651  -3.883  13.036  0.24 59.12  ? 102 KHK A H65   1 
HETATM 549 H  H65   B KHK D 3 .  ? -1.759  -7.945  14.705  0.76 57.47  ? 102 KHK A H65   1 
HETATM 550 H  H66   A KHK D 3 .  ? -1.810  -8.031  14.701  0.24 57.45  ? 102 KHK A H66   1 
HETATM 551 H  H66   B KHK D 3 .  ? -5.685  -3.971  12.853  0.76 58.19  ? 102 KHK A H66   1 
HETATM 552 H  H67   A KHK D 3 .  ? -1.478  -9.722  16.205  0.24 57.84  ? 102 KHK A H67   1 
HETATM 553 H  H67   B KHK D 3 .  ? -6.630  -2.960  11.029  0.76 59.01  ? 102 KHK A H67   1 
HETATM 554 H  H69   A KHK D 3 .  ? -5.750  -11.418 17.221  0.24 56.02  ? 102 KHK A H69   1 
HETATM 555 H  H69   B KHK D 3 .  ? -6.501  -6.181  7.572   0.76 59.11  ? 102 KHK A H69   1 
HETATM 556 H  H70   A KHK D 3 .  ? -7.855  -10.886 16.505  0.24 55.54  ? 102 KHK A H70   1 
HETATM 557 H  H70   B KHK D 3 .  ? -5.726  -8.331  7.462   0.76 59.36  ? 102 KHK A H70   1 
HETATM 558 H  H71   A KHK D 3 .  ? -9.267  -9.393  15.054  0.24 55.10  ? 102 KHK A H71   1 
HETATM 559 H  H71   B KHK D 3 .  ? -4.631  -10.251 8.686   0.76 59.29  ? 102 KHK A H71   1 
HETATM 560 H  H72   A KHK D 3 .  ? -9.508  -7.643  13.496  0.24 54.75  ? 102 KHK A H72   1 
HETATM 561 H  H72   B KHK D 3 .  ? -3.651  -11.169 10.631  0.76 59.27  ? 102 KHK A H72   1 
HETATM 562 H  H73   A KHK D 3 .  ? -7.666  -6.528  12.709  0.24 54.93  ? 102 KHK A H73   1 
HETATM 563 H  H73   B KHK D 3 .  ? -3.546  -9.932  12.561  0.76 58.04  ? 102 KHK A H73   1 
HETATM 564 BA BA    . BA  E 2 .  ? -0.129  -0.996  4.310   1.00 48.53  ? 101 BA  B BA    1 
HETATM 565 C  C13   A KHK F 3 .  ? 5.275   1.580   -17.511 0.46 54.76  ? 102 KHK B C13   1 
HETATM 566 C  C13   B KHK F 3 .  ? 0.132   -0.981  -13.540 0.54 47.74  ? 102 KHK B C13   1 
HETATM 567 C  C17   A KHK F 3 .  ? 2.079   0.233   -15.146 0.46 50.28  ? 102 KHK B C17   1 
HETATM 568 C  C17   B KHK F 3 .  ? 3.133   0.743   -15.926 0.54 52.01  ? 102 KHK B C17   1 
HETATM 569 C  C22   A KHK F 3 .  ? 0.155   -0.962  -13.498 0.46 47.76  ? 102 KHK B C22   1 
HETATM 570 C  C22   B KHK F 3 .  ? 5.329   1.591   -17.444 0.54 54.82  ? 102 KHK B C22   1 
HETATM 571 C  C26   A KHK F 3 .  ? 3.068   -5.789  -13.971 0.46 49.50  ? 102 KHK B C26   1 
HETATM 572 C  C26   B KHK F 3 .  ? 8.043   -2.937  -16.053 0.54 43.64  ? 102 KHK B C26   1 
HETATM 573 C  C11   A KHK F 3 .  ? 2.993   1.957   -16.597 0.46 55.45  ? 102 KHK B C11   1 
HETATM 574 C  C11   B KHK F 3 .  ? 0.912   0.892   -14.960 0.54 52.19  ? 102 KHK B C11   1 
HETATM 575 C  C14   A KHK F 3 .  ? 5.367   0.399   -16.875 0.46 53.02  ? 102 KHK B C14   1 
HETATM 576 C  C14   B KHK F 3 .  ? 1.294   -1.635  -13.729 0.54 47.03  ? 102 KHK B C14   1 
HETATM 577 C  C41   A KHK F 3 .  ? 2.686   -3.525  -19.273 0.46 48.03  ? 102 KHK B C41   1 
HETATM 578 C  C41   B KHK F 3 .  ? 6.141   -1.197  -10.960 0.54 49.14  ? 102 KHK B C41   1 
HETATM 579 C  C23   A KHK F 3 .  ? -0.059  0.355   -14.162 0.46 49.52  ? 102 KHK B C23   1 
HETATM 580 C  C23   B KHK F 3 .  ? 4.079   2.403   -17.308 0.54 55.40  ? 102 KHK B C23   1 
HETATM 581 C  C25   A KHK F 3 .  ? 3.107   -4.695  -14.763 0.46 48.56  ? 102 KHK B C25   1 
HETATM 582 C  C25   B KHK F 3 .  ? 7.041   -2.416  -15.318 0.54 43.80  ? 102 KHK B C25   1 
HETATM 583 C  C01   A KHK F 3 .  ? -0.915  6.477   -17.299 0.46 76.97  ? 102 KHK B C01   1 
HETATM 584 C  C01   B KHK F 3 .  ? -1.951  5.905   -16.402 0.54 77.11  ? 102 KHK B C01   1 
HETATM 585 C  C02   A KHK F 3 .  ? -1.918  5.923   -16.480 0.46 77.10  ? 102 KHK B C02   1 
HETATM 586 C  C02   B KHK F 3 .  ? -0.914  6.444   -17.194 0.54 76.98  ? 102 KHK B C02   1 
HETATM 587 C  C03   A KHK F 3 .  ? -1.734  4.687   -15.850 0.46 73.39  ? 102 KHK B C03   1 
HETATM 588 C  C03   B KHK F 3 .  ? 0.295   5.756   -17.395 0.54 73.33  ? 102 KHK B C03   1 
HETATM 589 C  C04   A KHK F 3 .  ? 0.289   5.754   -17.483 0.46 73.36  ? 102 KHK B C04   1 
HETATM 590 C  C04   B KHK F 3 .  ? -1.735  4.650   -15.800 0.54 73.40  ? 102 KHK B C04   1 
HETATM 591 C  C05   A KHK F 3 .  ? 0.495   4.515   -16.855 0.46 68.70  ? 102 KHK B C05   1 
HETATM 592 C  C05   B KHK F 3 .  ? -0.531  3.957   -15.986 0.54 68.53  ? 102 KHK B C05   1 
HETATM 593 C  C06   A KHK F 3 .  ? -0.546  3.968   -16.022 0.46 68.54  ? 102 KHK B C06   1 
HETATM 594 C  C06   B KHK F 3 .  ? 0.521   4.514   -16.797 0.54 68.70  ? 102 KHK B C06   1 
HETATM 595 C  C08   A KHK F 3 .  ? 1.797   2.657   -16.421 0.46 59.05  ? 102 KHK B C08   1 
HETATM 596 C  C08   B KHK F 3 .  ? 0.786   2.120   -15.585 0.54 57.73  ? 102 KHK B C08   1 
HETATM 597 C  C09   A KHK F 3 .  ? 0.754   2.126   -15.592 0.46 57.71  ? 102 KHK B C09   1 
HETATM 598 C  C09   B KHK F 3 .  ? 1.836   2.667   -16.394 0.54 59.05  ? 102 KHK B C09   1 
HETATM 599 C  C12   A KHK F 3 .  ? 4.026   2.389   -17.365 0.46 55.38  ? 102 KHK B C12   1 
HETATM 600 C  C12   B KHK F 3 .  ? -0.061  0.342   -14.192 0.54 49.52  ? 102 KHK B C12   1 
HETATM 601 C  C16   A KHK F 3 .  ? 3.106   0.747   -15.950 0.46 52.01  ? 102 KHK B C16   1 
HETATM 602 C  C16   B KHK F 3 .  ? 2.092   0.220   -15.144 0.54 50.28  ? 102 KHK B C16   1 
HETATM 603 C  C18   A KHK F 3 .  ? 0.897   0.904   -14.953 0.46 52.19  ? 102 KHK B C18   1 
HETATM 604 C  C18   B KHK F 3 .  ? 3.033   1.965   -16.560 0.54 55.47  ? 102 KHK B C18   1 
HETATM 605 C  C21   A KHK F 3 .  ? 1.318   -1.608  -13.698 0.46 47.05  ? 102 KHK B C21   1 
HETATM 606 C  C21   B KHK F 3 .  ? 5.403   0.401   -16.821 0.54 53.07  ? 102 KHK B C21   1 
HETATM 607 C  C27   A KHK F 3 .  ? 3.670   -5.762  -12.659 0.46 49.84  ? 102 KHK B C27   1 
HETATM 608 C  C27   B KHK F 3 .  ? 7.779   -3.494  -17.349 0.54 44.19  ? 102 KHK B C27   1 
HETATM 609 C  C28   A KHK F 3 .  ? 4.326   -3.513  -13.008 0.46 48.85  ? 102 KHK B C28   1 
HETATM 610 C  C28   B KHK F 3 .  ? 5.487   -2.955  -17.128 0.54 45.27  ? 102 KHK B C28   1 
HETATM 611 C  C29   A KHK F 3 .  ? 4.267   -4.693  -12.197 0.46 49.79  ? 102 KHK B C29   1 
HETATM 612 C  C29   B KHK F 3 .  ? 6.585   -3.517  -17.863 0.54 44.73  ? 102 KHK B C29   1 
HETATM 613 C  C30   A KHK F 3 .  ? 4.899   -4.606  -10.852 0.46 50.49  ? 102 KHK B C30   1 
HETATM 614 C  C30   B KHK F 3 .  ? 6.274   -4.078  -19.198 0.54 45.70  ? 102 KHK B C30   1 
HETATM 615 C  C31   A KHK F 3 .  ? 5.500   -3.451  -10.434 0.46 50.27  ? 102 KHK B C31   1 
HETATM 616 C  C31   B KHK F 3 .  ? 4.999   -4.053  -19.686 0.54 46.52  ? 102 KHK B C31   1 
HETATM 617 C  C32   A KHK F 3 .  ? 5.546   -2.257  -11.309 0.46 49.19  ? 102 KHK B C32   1 
HETATM 618 C  C32   B KHK F 3 .  ? 3.891   -3.472  -18.896 0.54 46.90  ? 102 KHK B C32   1 
HETATM 619 C  C33   A KHK F 3 .  ? 6.102   -1.129  -10.974 0.46 49.14  ? 102 KHK B C33   1 
HETATM 620 C  C33   B KHK F 3 .  ? 2.665   -3.422  -19.309 0.54 48.09  ? 102 KHK B C33   1 
HETATM 621 C  C34   A KHK F 3 .  ? 6.127   0.017   -11.853 0.46 48.52  ? 102 KHK B C34   1 
HETATM 622 C  C34   B KHK F 3 .  ? 1.630   -2.841  -18.498 0.54 48.11  ? 102 KHK B C34   1 
HETATM 623 C  C35   A KHK F 3 .  ? 5.561   -0.041  -13.065 0.46 47.93  ? 102 KHK B C35   1 
HETATM 624 C  C35   B KHK F 3 .  ? 1.900   -2.323  -17.281 0.54 47.74  ? 102 KHK B C35   1 
HETATM 625 C  C36   A KHK F 3 .  ? 4.922   -2.378  -12.593 0.46 48.56  ? 102 KHK B C36   1 
HETATM 626 C  C36   B KHK F 3 .  ? 4.235   -2.933  -17.603 0.54 46.03  ? 102 KHK B C36   1 
HETATM 627 C  C39   A KHK F 3 .  ? 1.927   -2.388  -17.267 0.46 47.70  ? 102 KHK B C39   1 
HETATM 628 C  C39   B KHK F 3 .  ? 5.575   -0.118  -13.051 0.54 47.54  ? 102 KHK B C39   1 
HETATM 629 C  C40   A KHK F 3 .  ? 1.650   -2.935  -18.467 0.46 48.12  ? 102 KHK B C40   1 
HETATM 630 C  C40   B KHK F 3 .  ? 6.159   -0.053  -11.848 0.54 48.58  ? 102 KHK B C40   1 
HETATM 631 C  C42   A KHK F 3 .  ? 3.917   -3.557  -18.875 0.46 46.93  ? 102 KHK B C42   1 
HETATM 632 C  C42   B KHK F 3 .  ? 5.576   -2.325  -11.281 0.54 49.20  ? 102 KHK B C42   1 
HETATM 633 C  C43   A KHK F 3 .  ? 4.264   -2.984  -17.600 0.46 46.03  ? 102 KHK B C43   1 
HETATM 634 C  C43   B KHK F 3 .  ? 4.937   -2.444  -12.558 0.54 48.54  ? 102 KHK B C43   1 
HETATM 635 C  C44   A KHK F 3 .  ? 5.027   -4.148  -19.658 0.46 46.50  ? 102 KHK B C44   1 
HETATM 636 C  C44   B KHK F 3 .  ? 5.533   -3.520  -10.404 0.54 50.23  ? 102 KHK B C44   1 
HETATM 637 C  C45   A KHK F 3 .  ? 6.307   -4.147  -19.177 0.46 45.70  ? 102 KHK B C45   1 
HETATM 638 C  C45   B KHK F 3 .  ? 4.919   -4.673  -10.816 0.54 50.58  ? 102 KHK B C45   1 
HETATM 639 C  C46   A KHK F 3 .  ? 6.618   -3.547  -17.856 0.46 44.72  ? 102 KHK B C46   1 
HETATM 640 C  C46   B KHK F 3 .  ? 4.273   -4.755  -12.157 0.54 49.78  ? 102 KHK B C46   1 
HETATM 641 C  C47   A KHK F 3 .  ? 5.513   -2.980  -17.130 0.46 45.28  ? 102 KHK B C47   1 
HETATM 642 C  C47   B KHK F 3 .  ? 4.334   -3.568  -12.966 0.54 48.85  ? 102 KHK B C47   1 
HETATM 643 C  C49   A KHK F 3 .  ? 7.812   -3.498  -17.343 0.46 44.22  ? 102 KHK B C49   1 
HETATM 644 C  C49   B KHK F 3 .  ? 3.662   -5.818  -12.619 0.54 49.97  ? 102 KHK B C49   1 
HETATM 645 C  C50   A KHK F 3 .  ? 8.068   -2.903  -16.059 0.46 43.74  ? 102 KHK B C50   1 
HETATM 646 C  C50   B KHK F 3 .  ? 3.050   -5.823  -13.930 0.54 49.57  ? 102 KHK B C50   1 
HETATM 647 C  C51   A KHK F 3 .  ? 7.059   -2.375  -15.337 0.46 43.81  ? 102 KHK B C51   1 
HETATM 648 C  C51   B KHK F 3 .  ? 3.094   -4.718  -14.714 0.54 48.55  ? 102 KHK B C51   1 
HETATM 649 N  N07   A KHK F 3 .  ? 1.611   3.850   -17.028 0.46 63.54  ? 102 KHK B N07   1 
HETATM 650 N  N07   B KHK F 3 .  ? -0.365  2.798   -15.418 0.54 63.03  ? 102 KHK B N07   1 
HETATM 651 N  N10   A KHK F 3 .  ? -0.398  2.819   -15.426 0.46 63.02  ? 102 KHK B N10   1 
HETATM 652 N  N10   B KHK F 3 .  ? 1.649   3.875   -16.985 0.54 63.49  ? 102 KHK B N10   1 
HETATM 653 N  N15   A KHK F 3 .  ? 4.279   -0.003  -16.076 0.46 51.23  ? 102 KHK B N15   1 
HETATM 654 N  N15   B KHK F 3 .  ? 2.268   -1.020  -14.528 0.54 48.72  ? 102 KHK B N15   1 
HETATM 655 N  N20   A KHK F 3 .  ? 2.282   -0.992  -14.515 0.46 48.74  ? 102 KHK B N20   1 
HETATM 656 N  N20   B KHK F 3 .  ? 4.297   -0.016  -16.048 0.54 51.23  ? 102 KHK B N20   1 
HETATM 657 N  N24   A KHK F 3 .  ? 3.741   -3.542  -14.257 0.46 48.87  ? 102 KHK B N24   1 
HETATM 658 N  N24   B KHK F 3 .  ? 5.751   -2.452  -15.872 0.54 46.00  ? 102 KHK B N24   1 
HETATM 659 N  N37   A KHK F 3 .  ? 4.946   -1.265  -13.412 0.46 48.18  ? 102 KHK B N37   1 
HETATM 660 N  N37   B KHK F 3 .  ? 3.229   -2.373  -16.817 0.54 47.58  ? 102 KHK B N37   1 
HETATM 661 N  N38   A KHK F 3 .  ? 3.261   -2.422  -16.821 0.46 47.58  ? 102 KHK B N38   1 
HETATM 662 N  N38   B KHK F 3 .  ? 4.956   -1.343  -13.384 0.54 48.16  ? 102 KHK B N38   1 
HETATM 663 N  N48   A KHK F 3 .  ? 5.767   -2.439  -15.889 0.46 45.99  ? 102 KHK B N48   1 
HETATM 664 N  N48   B KHK F 3 .  ? 3.745   -3.571  -14.211 0.54 48.87  ? 102 KHK B N48   1 
HETATM 665 N  N74   A KHK F 3 .  ? -1.121  7.746   -17.941 0.46 81.23  ? 102 KHK B N74   1 
HETATM 666 N  N74   B KHK F 3 .  ? -3.189  6.606   -16.195 0.54 81.84  ? 102 KHK B N74   1 
HETATM 667 O  O75   A KHK F 3 .  ? -1.821  8.701   -17.358 0.46 84.34  ? 102 KHK B O75   1 
HETATM 668 O  O75   B KHK F 3 .  ? -3.271  7.909   -16.389 0.54 84.67  ? 102 KHK B O75   1 
HETATM 669 O  O76   A KHK F 3 .  ? -0.673  7.953   -19.030 0.46 84.27  ? 102 KHK B O76   1 
HETATM 670 O  O76   B KHK F 3 .  ? -4.169  6.023   -15.833 0.54 85.06  ? 102 KHK B O76   1 
HETATM 671 RU RU19  A KHK F 3 .  ? 4.044   -1.746  -15.119 0.46 46.57  ? 102 KHK B RU19  1 
HETATM 672 RU RU19  B KHK F 3 .  ? 4.042   -1.765  -15.094 0.54 46.32  ? 102 KHK B RU19  1 
HETATM 673 H  H55   A KHK F 3 .  ? 5.979   1.890   -18.032 0.46 65.72  ? 102 KHK B H55   1 
HETATM 674 H  H55   B KHK F 3 .  ? -0.537  -1.350  -13.011 0.54 57.29  ? 102 KHK B H55   1 
HETATM 675 H  H79   A KHK F 3 .  ? -0.503  -1.330  -12.954 0.46 57.31  ? 102 KHK B H79   1 
HETATM 676 H  H79   B KHK F 3 .  ? 6.042   1.904   -17.951 0.54 65.79  ? 102 KHK B H79   1 
HETATM 677 H  H59   A KHK F 3 .  ? 2.652   -6.563  -14.272 0.46 59.40  ? 102 KHK B H59   1 
HETATM 678 H  H59   B KHK F 3 .  ? 8.910   -2.935  -15.718 0.54 52.37  ? 102 KHK B H59   1 
HETATM 679 H  H56   A KHK F 3 .  ? 6.123   -0.135  -16.960 0.46 63.62  ? 102 KHK B H56   1 
HETATM 680 H  H56   B KHK F 3 .  ? 1.445   -2.466  -13.342 0.54 56.43  ? 102 KHK B H56   1 
HETATM 681 H  H68   A KHK F 3 .  ? 2.467   -3.893  -20.098 0.46 57.64  ? 102 KHK B H68   1 
HETATM 682 H  H68   B KHK F 3 .  ? 6.548   -1.123  -10.128 0.54 58.97  ? 102 KHK B H68   1 
HETATM 683 H  H57   A KHK F 3 .  ? -0.860  0.807   -14.032 0.46 59.42  ? 102 KHK B H57   1 
HETATM 684 H  H57   B KHK F 3 .  ? 4.018   3.222   -17.743 0.54 66.48  ? 102 KHK B H57   1 
HETATM 685 H  H58   A KHK F 3 .  ? 2.728   -4.704  -15.611 0.46 58.27  ? 102 KHK B H58   1 
HETATM 686 H  H58   B KHK F 3 .  ? 7.197   -2.049  -14.479 0.54 52.56  ? 102 KHK B H58   1 
HETATM 687 H  H52   A KHK F 3 .  ? -2.719  6.372   -16.346 0.46 92.52  ? 102 KHK B H52   1 
HETATM 688 H  H52   B KHK F 3 .  ? -1.017  7.273   -17.599 0.54 92.38  ? 102 KHK B H52   1 
HETATM 689 H  H53   A KHK F 3 .  ? -2.412  4.346   -15.315 0.46 88.07  ? 102 KHK B H53   1 
HETATM 690 H  H53   B KHK F 3 .  ? 0.948   6.138   -17.934 0.54 87.99  ? 102 KHK B H53   1 
HETATM 691 H  H77   A KHK F 3 .  ? 0.960   6.097   -18.026 0.46 88.03  ? 102 KHK B H77   1 
HETATM 692 H  H77   B KHK F 3 .  ? -2.395  4.269   -15.269 0.54 88.09  ? 102 KHK B H77   1 
HETATM 693 H  H54   A KHK F 3 .  ? 3.956   3.203   -17.807 0.46 66.45  ? 102 KHK B H54   1 
HETATM 694 H  H54   B KHK F 3 .  ? -0.861  0.799   -14.072 0.54 59.42  ? 102 KHK B H54   1 
HETATM 695 H  H78   A KHK F 3 .  ? 1.478   -2.436  -13.309 0.46 56.46  ? 102 KHK B H78   1 
HETATM 696 H  H78   B KHK F 3 .  ? 6.160   -0.132  -16.897 0.54 63.69  ? 102 KHK B H78   1 
HETATM 697 H  H60   A KHK F 3 .  ? 3.631   -6.523  -12.126 0.46 59.81  ? 102 KHK B H60   1 
HETATM 698 H  H60   B KHK F 3 .  ? 8.483   -3.851  -17.837 0.54 53.03  ? 102 KHK B H60   1 
HETATM 699 H  H61   A KHK F 3 .  ? 4.883   -5.346  -10.289 0.46 60.59  ? 102 KHK B H61   1 
HETATM 700 H  H61   B KHK F 3 .  ? 6.954   -4.454  -19.709 0.54 54.84  ? 102 KHK B H61   1 
HETATM 701 H  H62   A KHK F 3 .  ? 5.884   -3.416  -9.588  0.46 60.33  ? 102 KHK B H62   1 
HETATM 702 H  H62   B KHK F 3 .  ? 4.824   -4.406  -20.528 0.54 55.82  ? 102 KHK B H62   1 
HETATM 703 H  H63   A KHK F 3 .  ? 6.499   -1.058  -10.137 0.46 58.96  ? 102 KHK B H63   1 
HETATM 704 H  H63   B KHK F 3 .  ? 2.450   -3.769  -20.144 0.54 57.71  ? 102 KHK B H63   1 
HETATM 705 H  H64   A KHK F 3 .  ? 6.539   0.802   -11.576 0.46 58.23  ? 102 KHK B H64   1 
HETATM 706 H  H64   B KHK F 3 .  ? 0.759   -2.821  -18.818 0.54 57.73  ? 102 KHK B H64   1 
HETATM 707 H  H65   A KHK F 3 .  ? 5.572   0.683   -13.647 0.46 57.52  ? 102 KHK B H65   1 
HETATM 708 H  H65   B KHK F 3 .  ? 1.227   -1.944  -16.763 0.54 57.29  ? 102 KHK B H65   1 
HETATM 709 H  H66   A KHK F 3 .  ? 1.258   -2.000  -16.750 0.46 57.24  ? 102 KHK B H66   1 
HETATM 710 H  H66   B KHK F 3 .  ? 5.578   0.603   -13.636 0.54 57.05  ? 102 KHK B H66   1 
HETATM 711 H  H67   A KHK F 3 .  ? 0.775   -2.932  -18.780 0.46 57.74  ? 102 KHK B H67   1 
HETATM 712 H  H67   B KHK F 3 .  ? 6.580   0.731   -11.580 0.54 58.29  ? 102 KHK B H67   1 
HETATM 713 H  H69   A KHK F 3 .  ? 4.851   -4.525  -20.490 0.46 55.80  ? 102 KHK B H69   1 
HETATM 714 H  H69   B KHK F 3 .  ? 5.927   -3.486  -9.562  0.54 60.28  ? 102 KHK B H69   1 
HETATM 715 H  H70   A KHK F 3 .  ? 6.989   -4.526  -19.682 0.46 54.84  ? 102 KHK B H70   1 
HETATM 716 H  H70   B KHK F 3 .  ? 4.905   -5.414  -10.255 0.54 60.70  ? 102 KHK B H70   1 
HETATM 717 H  H71   A KHK F 3 .  ? 8.522   -3.858  -17.821 0.46 53.07  ? 102 KHK B H71   1 
HETATM 718 H  H71   B KHK F 3 .  ? 3.620   -6.584  -12.095 0.54 59.96  ? 102 KHK B H71   1 
HETATM 719 H  H72   A KHK F 3 .  ? 8.936   -2.884  -15.725 0.46 52.48  ? 102 KHK B H72   1 
HETATM 720 H  H72   B KHK F 3 .  ? 2.625   -6.590  -14.237 0.54 59.48  ? 102 KHK B H72   1 
HETATM 721 H  H73   A KHK F 3 .  ? 7.211   -1.983  -14.509 0.46 52.58  ? 102 KHK B H73   1 
HETATM 722 H  H73   B KHK F 3 .  ? 2.705   -4.717  -15.558 0.54 58.26  ? 102 KHK B H73   1 
HETATM 723 O  O     . HOH G 4 .  ? -0.285  -1.457  -5.802  1.00 50.68  ? 201 HOH A O     1 
HETATM 724 O  O     . HOH G 4 .  ? 7.299   5.627   -1.417  0.64 36.45  ? 202 HOH A O     1 
HETATM 725 O  O     . HOH G 4 .  ? 1.484   -1.371  -4.129  1.00 51.54  ? 203 HOH A O     1 
HETATM 726 O  O     . HOH G 4 .  ? -3.760  6.630   21.804  1.00 70.92  ? 204 HOH A O     1 
HETATM 727 O  O     . HOH G 4 .  ? 2.923   -2.103  -1.721  1.00 63.55  ? 205 HOH A O     1 
HETATM 728 O  O     . HOH G 4 .  ? 9.289   -3.914  0.120   1.00 65.73  ? 206 HOH A O     1 
HETATM 729 O  O     . HOH G 4 .  ? 3.546   1.314   7.884   1.00 62.15  ? 207 HOH A O     1 
HETATM 730 O  O     . HOH G 4 .  ? -1.397  2.358   -3.128  1.00 51.51  ? 208 HOH A O     1 
HETATM 731 O  O     . HOH G 4 .  ? 0.513   0.493   -1.768  1.00 65.09  ? 209 HOH A O     1 
HETATM 732 O  O     . HOH G 4 .  ? -0.993  1.930   -6.305  1.00 44.61  ? 210 HOH A O     1 
HETATM 733 O  O     . HOH G 4 .  ? 3.925   1.403   5.193   1.00 61.82  ? 211 HOH A O     1 
HETATM 734 O  O     . HOH G 4 .  ? 8.006   3.734   -11.050 0.87 52.81  ? 212 HOH A O     1 
HETATM 735 O  O     . HOH G 4 .  ? 11.882  -0.156  0.841   1.00 73.98  ? 213 HOH A O     1 
HETATM 736 O  O     . HOH G 4 .  ? 2.525   0.085   0.427   1.00 38.47  ? 214 HOH A O     1 
HETATM 737 O  O     . HOH G 4 .  ? -2.185  -0.876  26.613  1.00 66.30  ? 215 HOH A O     1 
HETATM 738 O  O     . HOH G 4 .  ? -2.551  9.792   19.161  1.00 70.81  ? 216 HOH A O     1 
HETATM 739 O  O     . HOH G 4 .  ? 5.266   14.692  11.477  1.00 76.65  ? 217 HOH A O     1 
HETATM 740 O  O     . HOH G 4 .  ? 2.788   10.202  3.175   1.00 72.86  ? 218 HOH A O     1 
HETATM 741 O  O     . HOH G 4 .  ? 5.637   -3.259  2.244   1.00 63.27  ? 219 HOH A O     1 
HETATM 742 O  O     . HOH G 4 .  ? -2.194  -0.049  -3.518  1.00 57.17  ? 220 HOH A O     1 
HETATM 743 O  O     . HOH H 4 .  ? -3.069  -2.384  0.869   1.00 61.52  ? 201 HOH B O     1 
HETATM 744 O  O     . HOH H 4 .  ? 5.115   14.004  -17.797 1.00 68.82  ? 202 HOH B O     1 
HETATM 745 O  O     . HOH H 4 .  ? 0.154   -3.569  4.781   1.00 52.80  ? 203 HOH B O     1 
HETATM 746 O  O     . HOH H 4 .  ? -1.712  -2.674  3.147   1.00 52.91  ? 204 HOH B O     1 
HETATM 747 O  O     . HOH H 4 .  ? -6.514  5.440   3.654   0.66 36.44  ? 205 HOH B O     1 
HETATM 748 O  O     . HOH H 4 .  ? -11.803 3.848   0.326   1.00 75.11  ? 206 HOH B O     1 
HETATM 749 O  O     . HOH H 4 .  ? -3.561  3.807   -3.999  1.00 58.61  ? 207 HOH B O     1 
HETATM 750 O  O     . HOH H 4 .  ? -3.084  4.582   -6.512  1.00 64.13  ? 208 HOH B O     1 
HETATM 751 O  O     . HOH H 4 .  ? 1.672   0.926   3.786   1.00 58.66  ? 209 HOH B O     1 
HETATM 752 O  O     . HOH H 4 .  ? -9.785  -2.420  -1.395  1.00 60.94  ? 210 HOH B O     1 
HETATM 753 O  O     . HOH H 4 .  ? -4.330  16.303  -4.248  1.00 65.66  ? 211 HOH B O     1 
HETATM 754 O  O     . HOH H 4 .  ? 1.130   -0.645  6.408   1.00 48.22  ? 212 HOH B O     1 
HETATM 755 O  O     . HOH H 4 .  ? -2.337  -9.967  3.859   1.00 64.35  ? 213 HOH B O     1 
HETATM 756 O  O     . HOH H 4 .  ? -0.314  -0.317  1.600   1.00 67.37  ? 214 HOH B O     1 
HETATM 757 O  O     . HOH H 4 .  ? -11.684 1.591   -0.622  1.00 72.63  ? 215 HOH B O     1 
HETATM 758 O  O     . HOH H 4 .  ? -7.610  0.271   11.656  0.88 52.63  ? 216 HOH B O     1 
HETATM 759 O  O     . HOH H 4 .  ? -2.401  0.595   -0.456  1.00 38.54  ? 217 HOH B O     1 
HETATM 760 O  O     . HOH H 4 .  ? -1.185  10.749  1.085   1.00 76.62  ? 218 HOH B O     1 
HETATM 761 O  O     . HOH H 4 .  ? -3.583  18.609  -4.927  1.00 72.21  ? 219 HOH B O     1 
HETATM 762 O  O     . HOH H 4 .  ? -6.012  -1.718  -3.340  1.00 84.28  ? 220 HOH B O     1 
HETATM 763 O  O     . HOH H 4 .  ? 1.872   -1.903  3.049   1.00 60.88  ? 221 HOH B O     1 
# 
loop_
_atom_site_anisotrop.id 
_atom_site_anisotrop.type_symbol 
_atom_site_anisotrop.pdbx_label_atom_id 
_atom_site_anisotrop.pdbx_label_alt_id 
_atom_site_anisotrop.pdbx_label_comp_id 
_atom_site_anisotrop.pdbx_label_asym_id 
_atom_site_anisotrop.pdbx_label_seq_id 
_atom_site_anisotrop.pdbx_PDB_ins_code 
_atom_site_anisotrop.U[1][1] 
_atom_site_anisotrop.U[2][2] 
_atom_site_anisotrop.U[3][3] 
_atom_site_anisotrop.U[1][2] 
_atom_site_anisotrop.U[1][3] 
_atom_site_anisotrop.U[2][3] 
_atom_site_anisotrop.pdbx_auth_seq_id 
_atom_site_anisotrop.pdbx_auth_comp_id 
_atom_site_anisotrop.pdbx_auth_asym_id 
_atom_site_anisotrop.pdbx_auth_atom_id 
1   O "O5'" . DT A 1  ? 1.5352 1.6313 1.1441 -0.2998 -0.0106 -0.2411 1  DT A "O5'" 
2   C "C5'" . DT A 1  ? 1.5437 1.4822 1.1291 -0.3012 0.0080  -0.2439 1  DT A "C5'" 
3   C "C4'" . DT A 1  ? 1.4549 1.3096 1.0637 -0.2154 0.0281  -0.2203 1  DT A "C4'" 
4   O "O4'" . DT A 1  ? 1.3851 1.3046 1.0067 -0.1680 0.0274  -0.2140 1  DT A "O4'" 
5   C "C3'" . DT A 1  ? 1.3343 1.2193 1.0329 -0.1688 0.0260  -0.1791 1  DT A "C3'" 
6   O "O3'" . DT A 1  ? 1.4367 1.2022 1.1146 -0.1751 0.0403  -0.1767 1  DT A "O3'" 
7   C "C2'" . DT A 1  ? 1.2474 1.1435 0.9835 -0.0924 0.0350  -0.1555 1  DT A "C2'" 
8   C "C1'" . DT A 1  ? 1.2769 1.2377 0.9822 -0.0967 0.0302  -0.1732 1  DT A "C1'" 
9   N N1    . DT A 1  ? 1.2231 1.3448 0.9909 -0.0850 0.0146  -0.1523 1  DT A N1    
10  C C2    . DT A 1  ? 1.1920 1.3759 0.9725 -0.0392 0.0188  -0.1411 1  DT A C2    
11  O O2    . DT A 1  ? 1.2237 1.3431 0.9698 -0.0102 0.0323  -0.1489 1  DT A O2    
12  N N3    . DT A 1  ? 1.1523 1.4769 0.9845 -0.0228 0.0113  -0.1163 1  DT A N3    
13  C C4    . DT A 1  ? 1.1438 1.5537 1.0146 -0.0440 0.0010  -0.1004 1  DT A C4    
14  O O4    . DT A 1  ? 1.1308 1.6635 1.0407 -0.0164 0.0019  -0.0722 1  DT A O4    
15  C C5    . DT A 1  ? 1.1592 1.5028 1.0176 -0.0946 -0.0058 -0.1146 1  DT A C5    
16  C C7    . DT A 1  ? 1.1010 1.5308 0.9979 -0.1178 -0.0149 -0.0961 1  DT A C7    
17  C C6    . DT A 1  ? 1.2130 1.4158 1.0214 -0.1133 0.0011  -0.1399 1  DT A C6    
18  P P     . DC A 2  ? 1.4070 1.2063 1.1508 -0.1730 0.0319  -0.1488 2  DC A P     
19  O OP1   . DC A 2  ? 1.5150 1.2000 1.2061 -0.2106 0.0456  -0.1598 2  DC A OP1   
20  O OP2   . DC A 2  ? 1.2809 1.2279 1.0790 -0.1880 0.0109  -0.1386 2  DC A OP2   
21  O "O5'" . DC A 2  ? 1.1637 0.9595 0.9658 -0.0982 0.0383  -0.1143 2  DC A "O5'" 
22  C "C5'" . DC A 2  ? 1.0456 0.7484 0.8198 -0.0555 0.0587  -0.1080 2  DC A "C5'" 
23  C "C4'" . DC A 2  ? 0.8490 0.5906 0.6930 -0.0006 0.0575  -0.0723 2  DC A "C4'" 
24  O "O4'" . DC A 2  ? 0.7430 0.5792 0.6330 0.0198  0.0485  -0.0649 2  DC A "O4'" 
25  C "C3'" . DC A 2  ? 0.7600 0.5278 0.6490 -0.0091 0.0472  -0.0542 2  DC A "C3'" 
26  O "O3'" . DC A 2  ? 0.8430 0.5248 0.7040 -0.0006 0.0612  -0.0443 2  DC A "O3'" 
27  C "C2'" . DC A 2  ? 0.6679 0.5062 0.6223 0.0278  0.0412  -0.0299 2  DC A "C2'" 
28  C "C1'" . DC A 2  ? 0.6810 0.5593 0.6339 0.0452  0.0443  -0.0373 2  DC A "C1'" 
29  N N1    . DC A 2  ? 0.6489 0.6161 0.6367 0.0404  0.0356  -0.0342 2  DC A N1    
30  C C2    . DC A 2  ? 0.5959 0.6101 0.6182 0.0762  0.0420  -0.0180 2  DC A C2    
31  O O2    . DC A 2  ? 0.6054 0.5964 0.6358 0.1060  0.0510  -0.0069 2  DC A O2    
32  N N3    . DC A 2  ? 0.5727 0.6573 0.6175 0.0795  0.0422  -0.0107 2  DC A N3    
33  C C4    . DC A 2  ? 0.6036 0.7277 0.6429 0.0513  0.0341  -0.0165 2  DC A C4    
34  N N4    . DC A 2  ? 0.5731 0.7721 0.6328 0.0668  0.0404  -0.0013 2  DC A N4    
35  C C5    . DC A 2  ? 0.6514 0.7406 0.6622 0.0089  0.0235  -0.0336 2  DC A C5    
36  C C6    . DC A 2  ? 0.6877 0.6915 0.6707 0.0040  0.0258  -0.0434 2  DC A C6    
37  P P     . DG A 3  ? 0.8421 0.5324 0.7362 -0.0008 0.0550  -0.0219 3  DG A P     
38  O OP1   . DG A 3  ? 0.9590 0.5471 0.7980 0.0005  0.0762  -0.0184 3  DG A OP1   
39  O OP2   . DG A 3  ? 0.7847 0.5468 0.7141 -0.0325 0.0361  -0.0259 3  DG A OP2   
40  O "O5'" . DG A 3  ? 0.7471 0.4840 0.6934 0.0455  0.0524  0.0077  3  DG A "O5'" 
41  C "C5'" . DG A 3  ? 0.7792 0.4811 0.7119 0.0890  0.0700  0.0262  3  DG A "C5'" 
42  C "C4'" . DG A 3  ? 0.7402 0.5214 0.7348 0.1163  0.0611  0.0518  3  DG A "C4'" 
43  O "O4'" . DG A 3  ? 0.7021 0.5314 0.7202 0.1108  0.0541  0.0387  3  DG A "O4'" 
44  C "C3'" . DG A 3  ? 0.7200 0.5537 0.7568 0.1006  0.0439  0.0660  3  DG A "C3'" 
45  O "O3'" . DG A 3  ? 0.7614 0.5906 0.7974 0.1242  0.0500  0.0954  3  DG A "O3'" 
46  C "C2'" . DG A 3  ? 0.6622 0.5657 0.7477 0.1035  0.0353  0.0719  3  DG A "C2'" 
47  C "C1'" . DG A 3  ? 0.6535 0.5492 0.7244 0.1049  0.0416  0.0507  3  DG A "C1'" 
48  N N9    . DG A 3  ? 0.6201 0.5395 0.6945 0.0773  0.0337  0.0315  3  DG A N9    
49  C C8    . DG A 3  ? 0.6213 0.5330 0.6806 0.0464  0.0262  0.0187  3  DG A C8    
50  N N7    . DG A 3  ? 0.5936 0.5466 0.6609 0.0358  0.0243  0.0104  3  DG A N7    
51  C C5    . DG A 3  ? 0.5650 0.5459 0.6513 0.0619  0.0322  0.0169  3  DG A C5    
52  C C6    . DG A 3  ? 0.5208 0.5481 0.6187 0.0726  0.0396  0.0184  3  DG A C6    
53  O O6    . DG A 3  ? 0.5347 0.5968 0.6301 0.0646  0.0405  0.0163  3  DG A O6    
54  N N1    . DG A 3  ? 0.5039 0.5414 0.6182 0.1011  0.0503  0.0288  3  DG A N1    
55  C C2    . DG A 3  ? 0.5264 0.5425 0.6478 0.1165  0.0522  0.0379  3  DG A C2    
56  N N2    . DG A 3  ? 0.5426 0.5801 0.6829 0.1428  0.0646  0.0505  3  DG A N2    
57  N N3    . DG A 3  ? 0.5471 0.5286 0.6589 0.1113  0.0460  0.0402  3  DG A N3    
58  C C4    . DG A 3  ? 0.5767 0.5372 0.6686 0.0840  0.0368  0.0284  3  DG A C4    
59  P P     . DG A 4  ? 0.7706 0.6095 0.8103 0.1055  0.0393  0.1049  4  DG A P     
60  O OP1   . DG A 4  ? 0.7672 0.6112 0.8018 0.1438  0.0513  0.1426  4  DG A OP1   
61  O OP2   . DG A 4  ? 0.7754 0.5659 0.7847 0.0710  0.0382  0.0785  4  DG A OP2   
62  O "O5'" . DG A 4  ? 0.7139 0.6328 0.8021 0.0829  0.0174  0.1052  4  DG A "O5'" 
63  C "C5'" . DG A 4  ? 0.7009 0.6835 0.8243 0.0965  0.0129  0.1283  4  DG A "C5'" 
64  C "C4'" . DG A 4  ? 0.6408 0.6700 0.7904 0.0606  -0.0033 0.1188  4  DG A "C4'" 
65  O "O4'" . DG A 4  ? 0.5992 0.6030 0.7442 0.0472  0.0008  0.0922  4  DG A "O4'" 
66  C "C3'" . DG A 4  ? 0.6572 0.6939 0.7968 0.0338  -0.0165 0.1167  4  DG A "C3'" 
67  O "O3'" . DG A 4  ? 0.6815 0.7842 0.8438 0.0124  -0.0297 0.1278  4  DG A "O3'" 
68  C "C2'" . DG A 4  ? 0.6083 0.6033 0.7297 0.0108  -0.0150 0.0867  4  DG A "C2'" 
69  C "C1'" . DG A 4  ? 0.5777 0.5744 0.7127 0.0172  -0.0060 0.0769  4  DG A "C1'" 
70  N N9    . DG A 4  ? 0.5916 0.5600 0.7109 0.0162  0.0020  0.0571  4  DG A N9    
71  C C8    . DG A 4  ? 0.6080 0.5461 0.7047 0.0185  0.0051  0.0481  4  DG A C8    
72  N N7    . DG A 4  ? 0.6138 0.5572 0.7041 0.0123  0.0095  0.0337  4  DG A N7    
73  C C5    . DG A 4  ? 0.5842 0.5521 0.6910 0.0150  0.0141  0.0359  4  DG A C5    
74  C C6    . DG A 4  ? 0.5592 0.5460 0.6651 0.0201  0.0251  0.0314  4  DG A C6    
75  O O6    . DG A 4  ? 0.5597 0.5668 0.6565 0.0208  0.0279  0.0252  4  DG A O6    
76  N N1    . DG A 4  ? 0.5569 0.5425 0.6700 0.0240  0.0362  0.0375  4  DG A N1    
77  C C2    . DG A 4  ? 0.5532 0.5301 0.6751 0.0117  0.0315  0.0432  4  DG A C2    
78  N N2    . DG A 4  ? 0.5613 0.5261 0.6796 0.0057  0.0461  0.0447  4  DG A N2    
79  N N3    . DG A 4  ? 0.5594 0.5423 0.6891 0.0047  0.0158  0.0492  4  DG A N3    
80  C C4    . DG A 4  ? 0.5774 0.5517 0.6987 0.0124  0.0101  0.0471  4  DG A C4    
81  P P     . DC A 5  ? 0.6810 0.8118 0.8307 -0.0178 -0.0462 0.1293  5  DC A P     
82  O OP1   . DC A 5  ? 0.6934 0.9151 0.8674 -0.0170 -0.0578 0.1606  5  DC A OP1   
83  O OP2   . DC A 5  ? 0.6885 0.7689 0.8092 -0.0098 -0.0426 0.1236  5  DC A OP2   
84  O "O5'" . DC A 5  ? 0.6563 0.7644 0.7936 -0.0591 -0.0469 0.0999  5  DC A "O5'" 
85  C "C5'" . DC A 5  ? 0.6548 0.7934 0.8072 -0.0840 -0.0473 0.0984  5  DC A "C5'" 
86  C "C4'" . DC A 5  ? 0.7144 0.7992 0.8325 -0.1186 -0.0385 0.0701  5  DC A "C4'" 
87  O "O4'" . DC A 5  ? 0.6841 0.7127 0.7963 -0.0941 -0.0183 0.0580  5  DC A "O4'" 
88  C "C3'" . DC A 5  ? 0.7710 0.8326 0.8499 -0.1364 -0.0455 0.0585  5  DC A "C3'" 
89  O "O3'" . DC A 5  ? 0.8881 0.9912 0.9529 -0.1808 -0.0607 0.0576  5  DC A "O3'" 
90  C "C2'" . DC A 5  ? 0.7560 0.7402 0.8000 -0.1360 -0.0228 0.0360  5  DC A "C2'" 
91  C "C1'" . DC A 5  ? 0.7045 0.6806 0.7769 -0.1028 -0.0082 0.0402  5  DC A "C1'" 
92  N N1    . DC A 5  ? 0.6625 0.6252 0.7378 -0.0716 -0.0043 0.0409  5  DC A N1    
93  C C2    . DC A 5  ? 0.6541 0.5916 0.7222 -0.0544 0.0158  0.0342  5  DC A C2    
94  O O2    . DC A 5  ? 0.6960 0.6098 0.7516 -0.0588 0.0342  0.0297  5  DC A O2    
95  N N3    . DC A 5  ? 0.6106 0.5528 0.6823 -0.0353 0.0168  0.0344  5  DC A N3    
96  C C4    . DC A 5  ? 0.5984 0.5488 0.6747 -0.0354 0.0027  0.0382  5  DC A C4    
97  N N4    . DC A 5  ? 0.5791 0.5300 0.6526 -0.0280 0.0053  0.0350  5  DC A N4    
98  C C5    . DC A 5  ? 0.6095 0.5714 0.6899 -0.0441 -0.0125 0.0478  5  DC A C5    
99  C C6    . DC A 5  ? 0.6338 0.6128 0.7172 -0.0606 -0.0175 0.0505  5  DC A C6    
100 P P     . DG A 6  ? 0.9602 1.0857 0.9958 -0.1951 -0.0781 0.0591  6  DG A P     
101 O OP1   . DG A 6  ? 0.9632 1.1735 1.0008 -0.2381 -0.0999 0.0676  6  DG A OP1   
102 O OP2   . DG A 6  ? 0.8718 1.0007 0.9235 -0.1486 -0.0793 0.0779  6  DG A OP2   
103 O "O5'" . DG A 6  ? 0.8988 0.9321 0.8746 -0.2124 -0.0607 0.0283  6  DG A "O5'" 
104 C "C5'" . DG A 6  ? 0.8561 0.8381 0.7924 -0.2516 -0.0454 0.0049  6  DG A "C5'" 
105 C "C4'" . DG A 6  ? 0.8739 0.7643 0.7468 -0.2491 -0.0222 -0.0158 6  DG A "C4'" 
106 O "O4'" . DG A 6  ? 0.8197 0.6836 0.7138 -0.1974 -0.0049 -0.0075 6  DG A "O4'" 
107 C "C3'" . DG A 6  ? 0.8906 0.7893 0.7257 -0.2595 -0.0360 -0.0190 6  DG A "C3'" 
108 O "O3'" . DG A 6  ? 1.0319 0.8423 0.7849 -0.2848 -0.0131 -0.0454 6  DG A "O3'" 
109 C "C2'" . DG A 6  ? 0.8152 0.7214 0.6809 -0.2071 -0.0348 -0.0012 6  DG A "C2'" 
110 C "C1'" . DG A 6  ? 0.7998 0.6649 0.6832 -0.1775 -0.0095 -0.0020 6  DG A "C1'" 
111 N N9    . DG A 6  ? 0.7313 0.6278 0.6659 -0.1401 -0.0140 0.0151  6  DG A N9    
112 C C8    . DG A 6  ? 0.6900 0.6400 0.6680 -0.1284 -0.0335 0.0328  6  DG A C8    
113 N N7    . DG A 6  ? 0.6587 0.6049 0.6611 -0.1002 -0.0274 0.0396  6  DG A N7    
114 C C5    . DG A 6  ? 0.6690 0.5792 0.6523 -0.0928 -0.0070 0.0291  6  DG A C5    
115 C C6    . DG A 6  ? 0.6386 0.5483 0.6344 -0.0711 0.0048  0.0312  6  DG A C6    
116 O O6    . DG A 6  ? 0.6086 0.5347 0.6282 -0.0613 -0.0009 0.0366  6  DG A O6    
117 N N1    . DG A 6  ? 0.6855 0.5726 0.6552 -0.0619 0.0280  0.0274  6  DG A N1    
118 C C2    . DG A 6  ? 0.7455 0.5895 0.6710 -0.0716 0.0434  0.0191  6  DG A C2    
119 N N2    . DG A 6  ? 0.7685 0.5853 0.6646 -0.0498 0.0741  0.0218  6  DG A N2    
120 N N3    . DG A 6  ? 0.7767 0.6062 0.6823 -0.1008 0.0322  0.0100  6  DG A N3    
121 C C4    . DG A 6  ? 0.7244 0.5997 0.6657 -0.1108 0.0046  0.0168  6  DG A C4    
122 P P     . DC A 7  ? 1.1547 0.9567 0.8450 -0.3059 -0.0223 -0.0562 7  DC A P     
123 O OP1   . DC A 7  ? 1.2939 1.0111 0.8928 -0.3585 -0.0029 -0.0895 7  DC A OP1   
124 O OP2   . DC A 7  ? 1.1221 1.0345 0.8581 -0.3060 -0.0603 -0.0342 7  DC A OP2   
125 O "O5'" . DC A 7  ? 1.0947 0.8503 0.7742 -0.2519 0.0003  -0.0474 7  DC A "O5'" 
126 C "C5'" . DC A 7  ? 1.0654 0.7301 0.7038 -0.2292 0.0419  -0.0558 7  DC A "C5'" 
127 C "C4'" . DC A 7  ? 0.9526 0.6242 0.6071 -0.1771 0.0537  -0.0360 7  DC A "C4'" 
128 O "O4'" . DC A 7  ? 0.8307 0.5573 0.5641 -0.1489 0.0451  -0.0171 7  DC A "O4'" 
129 C "C3'" . DC A 7  ? 0.9296 0.6473 0.5866 -0.1764 0.0307  -0.0262 7  DC A "C3'" 
130 O "O3'" . DC A 7  ? 1.0474 0.7048 0.6195 -0.1859 0.0478  -0.0404 7  DC A "O3'" 
131 C "C2'" . DC A 7  ? 0.8120 0.5641 0.5214 -0.1324 0.0354  -0.0015 7  DC A "C2'" 
132 C "C1'" . DC A 7  ? 0.7823 0.5436 0.5399 -0.1203 0.0413  0.0013  7  DC A "C1'" 
133 N N1    . DC A 7  ? 0.7491 0.5735 0.5757 -0.1161 0.0157  0.0148  7  DC A N1    
134 C C2    . DC A 7  ? 0.7286 0.5748 0.5976 -0.0908 0.0224  0.0262  7  DC A C2    
135 O O2    . DC A 7  ? 0.7715 0.6027 0.6278 -0.0703 0.0474  0.0290  7  DC A O2    
136 N N3    . DC A 7  ? 0.6782 0.5619 0.5948 -0.0891 0.0040  0.0351  7  DC A N3    
137 C C4    . DC A 7  ? 0.6557 0.5604 0.5825 -0.1008 -0.0168 0.0399  7  DC A C4    
138 N N4    . DC A 7  ? 0.6260 0.5519 0.5884 -0.0905 -0.0258 0.0516  7  DC A N4    
139 C C5    . DC A 7  ? 0.6977 0.6047 0.5926 -0.1232 -0.0269 0.0340  7  DC A C5    
140 C C6    . DC A 7  ? 0.7467 0.6103 0.5898 -0.1353 -0.0118 0.0181  7  DC A C6    
141 P P     . DC A 8  ? 1.1127 0.8076 0.6555 -0.2123 0.0202  -0.0434 8  DC A P     
142 O OP1   . DC A 8  ? 1.2375 0.8433 0.6718 -0.2306 0.0453  -0.0685 8  DC A OP1   
143 O OP2   . DC A 8  ? 1.0786 0.8579 0.6722 -0.2423 -0.0185 -0.0390 8  DC A OP2   
144 O "O5'" . DC A 8  ? 1.0086 0.7467 0.5897 -0.1694 0.0176  -0.0140 8  DC A "O5'" 
145 C "C5'" . DC A 8  ? 1.0058 0.6990 0.5535 -0.1348 0.0506  -0.0063 8  DC A "C5'" 
146 C "C4'" . DC A 8  ? 0.9078 0.6602 0.5074 -0.1064 0.0428  0.0240  8  DC A "C4'" 
147 O "O4'" . DC A 8  ? 0.8260 0.6217 0.5047 -0.0979 0.0327  0.0367  8  DC A "O4'" 
148 C "C3'" . DC A 8  ? 0.8792 0.6792 0.4838 -0.1189 0.0150  0.0330  8  DC A "C3'" 
149 O "O3'" . DC A 8  ? 0.9154 0.6876 0.4504 -0.1136 0.0278  0.0315  8  DC A "O3'" 
150 C "C2'" . DC A 8  ? 0.8078 0.6575 0.4847 -0.0971 0.0089  0.0623  8  DC A "C2'" 
151 C "C1'" . DC A 8  ? 0.7933 0.6383 0.5143 -0.0903 0.0179  0.0594  8  DC A "C1'" 
152 N N1    . DC A 8  ? 0.7532 0.6307 0.5325 -0.0981 -0.0028 0.0626  8  DC A N1    
153 C C2    . DC A 8  ? 0.7263 0.6240 0.5551 -0.0876 -0.0024 0.0783  8  DC A C2    
154 O O2    . DC A 8  ? 0.7376 0.6399 0.5685 -0.0786 0.0113  0.0911  8  DC A O2    
155 N N3    . DC A 8  ? 0.7032 0.6145 0.5706 -0.0900 -0.0148 0.0798  8  DC A N3    
156 C C4    . DC A 8  ? 0.6934 0.6152 0.5622 -0.0995 -0.0287 0.0717  8  DC A C4    
157 N N4    . DC A 8  ? 0.6636 0.6013 0.5696 -0.0944 -0.0367 0.0780  8  DC A N4    
158 C C5    . DC A 8  ? 0.7313 0.6465 0.5581 -0.1179 -0.0328 0.0562  8  DC A C5    
159 C C6    . DC A 8  ? 0.7663 0.6506 0.5445 -0.1178 -0.0187 0.0495  8  DC A C6    
160 P P     . DG A 9  ? 0.9565 0.7705 0.4666 -0.1283 0.0031  0.0363  9  DG A P     
161 O OP1   . DG A 9  ? 1.0608 0.8219 0.4738 -0.1307 0.0210  0.0213  9  DG A OP1   
162 O OP2   . DG A 9  ? 0.9245 0.7925 0.4694 -0.1567 -0.0289 0.0321  9  DG A OP2   
163 O "O5'" . DG A 9  ? 0.9094 0.7697 0.4719 -0.0974 0.0025  0.0732  9  DG A "O5'" 
164 C "C5'" . DG A 9  ? 0.9509 0.7919 0.4980 -0.0701 0.0291  0.0886  9  DG A "C5'" 
165 C "C4'" . DG A 9  ? 0.9549 0.8409 0.5633 -0.0550 0.0261  0.1221  9  DG A "C4'" 
166 O "O4'" . DG A 9  ? 0.9148 0.8119 0.5886 -0.0603 0.0208  0.1228  9  DG A "O4'" 
167 C "C3'" . DG A 9  ? 1.0048 0.9302 0.6167 -0.0572 0.0054  0.1380  9  DG A "C3'" 
168 O "O3'" . DG A 9  ? 1.1611 1.0899 0.7304 -0.0413 0.0163  0.1545  9  DG A "O3'" 
169 C "C2'" . DG A 9  ? 0.9043 0.8483 0.5862 -0.0515 0.0032  0.1603  9  DG A "C2'" 
170 C "C1'" . DG A 9  ? 0.8707 0.7956 0.5857 -0.0606 0.0075  0.1420  9  DG A "C1'" 
171 N N9    . DG A 9  ? 0.8302 0.7642 0.5727 -0.0722 -0.0108 0.1298  9  DG A N9    
172 C C8    . DG A 9  ? 0.8483 0.7968 0.5700 -0.0875 -0.0291 0.1134  9  DG A C8    
173 N N7    . DG A 9  ? 0.8128 0.7771 0.5740 -0.0931 -0.0406 0.1107  9  DG A N7    
174 C C5    . DG A 9  ? 0.7716 0.7188 0.5743 -0.0805 -0.0281 0.1213  9  DG A C5    
175 C C6    . DG A 9  ? 0.7456 0.6909 0.5919 -0.0779 -0.0297 0.1227  9  DG A C6    
176 O O6    . DG A 9  ? 0.7291 0.6927 0.5932 -0.0803 -0.0417 0.1187  9  DG A O6    
177 N N1    . DG A 9  ? 0.7482 0.6703 0.6145 -0.0745 -0.0145 0.1298  9  DG A N1    
178 C C2    . DG A 9  ? 0.7731 0.6882 0.6278 -0.0753 -0.0003 0.1391  9  DG A C2    
179 N N2    . DG A 9  ? 0.8098 0.7132 0.6862 -0.0839 0.0115  0.1443  9  DG A N2    
180 N N3    . DG A 9  ? 0.7870 0.7091 0.6071 -0.0709 0.0028  0.1431  9  DG A N3    
181 C C4    . DG A 9  ? 0.7887 0.7210 0.5810 -0.0726 -0.0111 0.1323  9  DG A C4    
182 P P     . DA A 10 ? 1.2701 1.2450 0.8300 -0.0328 0.0019  0.1792  10 DA A P     
183 O OP1   . DA A 10 ? 1.3809 1.3471 0.8823 -0.0175 0.0174  0.1873  10 DA A OP1   
184 O OP2   . DA A 10 ? 1.2393 1.2532 0.7898 -0.0519 -0.0270 0.1662  10 DA A OP2   
185 O "O5'" . DA A 10 ? 1.1917 1.1757 0.8192 -0.0189 0.0104  0.2126  10 DA A "O5'" 
186 C "C5'" . DA A 10 ? 1.1499 1.1524 0.7760 0.0019  0.0184  0.2488  10 DA A "C5'" 
187 C "C4'" . DA A 10 ? 1.1095 1.0852 0.7817 0.0045  0.0401  0.2722  10 DA A "C4'" 
188 O "O4'" . DA A 10 ? 1.0585 1.0185 0.7724 -0.0080 0.0333  0.2603  10 DA A "O4'" 
189 C "C3'" . DA A 10 ? 1.1330 1.1103 0.8028 0.0266  0.0554  0.3141  10 DA A "C3'" 
190 O "O3'" . DA A 10 ? 1.1749 1.1293 0.8518 0.0234  0.0829  0.3348  10 DA A "O3'" 
191 C "C2'" . DA A 10 ? 1.1372 1.0962 0.8388 0.0300  0.0555  0.3228  10 DA A "C2'" 
192 C "C1'" . DA A 10 ? 1.1192 1.0561 0.8522 0.0017  0.0487  0.2889  10 DA A "C1'" 
193 N N9    . DA A 10 ? 1.1558 1.0880 0.9103 0.0044  0.0386  0.2834  10 DA A N9    
194 C C8    . DA A 10 ? 1.1675 1.0516 0.9466 -0.0026 0.0521  0.2840  10 DA A C8    
195 N N7    . DA A 10 ? 1.1668 1.0582 0.9573 0.0096  0.0425  0.2825  10 DA A N7    
196 C C5    . DA A 10 ? 1.1387 1.0979 0.9163 0.0202  0.0190  0.2822  10 DA A C5    
197 C C6    . DA A 10 ? 1.0880 1.1021 0.8725 0.0309  -0.0012 0.2843  10 DA A C6    
198 N N6    . DA A 10 ? 1.0407 1.0449 0.8490 0.0432  0.0026  0.2907  10 DA A N6    
199 N N1    . DA A 10 ? 1.0931 1.1764 0.8553 0.0259  -0.0243 0.2801  10 DA A N1    
200 C C2    . DA A 10 ? 1.1290 1.2118 0.8570 0.0171  -0.0240 0.2731  10 DA A C2    
201 N N3    . DA A 10 ? 1.1400 1.1731 0.8599 0.0153  -0.0035 0.2742  10 DA A N3    
202 C C4    . DA A 10 ? 1.1500 1.1285 0.9000 0.0149  0.0163  0.2798  10 DA A C4    
203 O "O5'" . DT B 1  ? 1.6610 1.2362 1.3862 0.3475  0.2684  0.2824  1  DT B "O5'" 
204 C "C5'" . DT B 1  ? 1.7123 1.1751 1.3752 0.3106  0.2848  0.2788  1  DT B "C5'" 
205 C "C4'" . DT B 1  ? 1.5761 1.0799 1.2818 0.2138  0.2505  0.2267  1  DT B "C4'" 
206 O "O4'" . DT B 1  ? 1.4975 1.0878 1.2337 0.1975  0.2283  0.2467  1  DT B "O4'" 
207 C "C3'" . DT B 1  ? 1.4359 1.0565 1.2258 0.1813  0.2117  0.1891  1  DT B "C3'" 
208 O "O3'" . DT B 1  ? 1.5447 1.0813 1.3069 0.1566  0.2242  0.1484  1  DT B "O3'" 
209 C "C2'" . DT B 1  ? 1.3182 1.0117 1.1521 0.1153  0.1794  0.1644  1  DT B "C2'" 
210 C "C1'" . DT B 1  ? 1.3668 1.0720 1.1802 0.1370  0.1864  0.2086  1  DT B "C1'" 
211 N N1    . DT B 1  ? 1.3120 1.1785 1.1915 0.1583  0.1573  0.2366  1  DT B N1    
212 C C2    . DT B 1  ? 1.2717 1.2040 1.1676 0.1303  0.1412  0.2459  1  DT B C2    
213 O O2    . DT B 1  ? 1.2954 1.1639 1.1581 0.0931  0.1488  0.2348  1  DT B O2    
214 N N3    . DT B 1  ? 1.2294 1.3110 1.1777 0.1414  0.1171  0.2670  1  DT B N3    
215 C C4    . DT B 1  ? 1.2230 1.3996 1.2094 0.1732  0.1076  0.2793  1  DT B C4    
216 O O4    . DT B 1  ? 1.2016 1.5184 1.2276 0.1683  0.0874  0.2949  1  DT B O4    
217 C C5    . DT B 1  ? 1.2467 1.3512 1.2186 0.2051  0.1248  0.2701  1  DT B C5    
218 C C7    . DT B 1  ? 1.1941 1.3982 1.2039 0.2379  0.1181  0.2814  1  DT B C7    
219 C C6    . DT B 1  ? 1.3047 1.2566 1.2239 0.1971  0.1485  0.2491  1  DT B C6    
220 P P     . DC B 2  ? 1.5227 1.1448 1.3460 0.1542  0.1992  0.1234  2  DC B P     
221 O OP1   . DC B 2  ? 1.5911 1.1008 1.3567 0.1636  0.2300  0.1051  2  DC B OP1   
222 O OP2   . DC B 2  ? 1.3930 1.1495 1.2770 0.1965  0.1794  0.1574  2  DC B OP2   
223 O "O5'" . DC B 2  ? 1.2050 0.8925 1.0772 0.0814  0.1630  0.0792  2  DC B "O5'" 
224 C "C5'" . DC B 2  ? 1.0529 0.6769 0.8899 0.0244  0.1693  0.0475  2  DC B "C5'" 
225 C "C4'" . DC B 2  ? 0.8393 0.5562 0.7337 -0.0236 0.1341  0.0125  2  DC B "C4'" 
226 O "O4'" . DC B 2  ? 0.7294 0.5398 0.6746 -0.0218 0.1110  0.0281  2  DC B "O4'" 
227 C "C3'" . DC B 2  ? 0.7602 0.5272 0.6909 -0.0170 0.1162  -0.0054 2  DC B "C3'" 
228 O "O3'" . DC B 2  ? 0.8341 0.5405 0.7246 -0.0465 0.1284  -0.0372 2  DC B "O3'" 
229 C "C2'" . DC B 2  ? 0.6515 0.5203 0.6413 -0.0392 0.0833  -0.0187 2  DC B "C2'" 
230 C "C1'" . DC B 2  ? 0.6530 0.5455 0.6502 -0.0413 0.0826  0.0035  2  DC B "C1'" 
231 N N1    . DC B 2  ? 0.6046 0.5750 0.6418 -0.0186 0.0677  0.0260  2  DC B N1    
232 C C2    . DC B 2  ? 0.5496 0.5855 0.6162 -0.0407 0.0515  0.0228  2  DC B C2    
233 O O2    . DC B 2  ? 0.5286 0.5631 0.5942 -0.0720 0.0486  0.0026  2  DC B O2    
234 N N3    . DC B 2  ? 0.5316 0.6355 0.6228 -0.0306 0.0416  0.0404  2  DC B N3    
235 C C4    . DC B 2  ? 0.5767 0.7009 0.6711 0.0003  0.0449  0.0616  2  DC B C4    
236 N N4    . DC B 2  ? 0.5498 0.7575 0.6658 -0.0020 0.0354  0.0760  2  DC B N4    
237 C C5    . DC B 2  ? 0.6202 0.6856 0.6913 0.0315  0.0610  0.0681  2  DC B C5    
238 C C6    . DC B 2  ? 0.6498 0.6313 0.6894 0.0205  0.0732  0.0492  2  DC B C6    
239 P P     . DG B 3  ? 0.8286 0.5696 0.7375 -0.0495 0.1139  -0.0614 3  DG B P     
240 O OP1   . DG B 3  ? 0.9642 0.6157 0.8065 -0.0773 0.1399  -0.0858 3  DG B OP1   
241 O OP2   . DG B 3  ? 0.7612 0.5490 0.7067 -0.0057 0.1030  -0.0417 3  DG B OP2   
242 O "O5'" . DG B 3  ? 0.7190 0.5523 0.6729 -0.0834 0.0831  -0.0847 3  DG B "O5'" 
243 C "C5'" . DG B 3  ? 0.7396 0.5755 0.6741 -0.1340 0.0853  -0.1104 3  DG B "C5'" 
244 C "C4'" . DG B 3  ? 0.7016 0.6446 0.6900 -0.1429 0.0564  -0.1216 3  DG B "C4'" 
245 O "O4'" . DG B 3  ? 0.6646 0.6335 0.6851 -0.1232 0.0492  -0.0992 3  DG B "O4'" 
246 C "C3'" . DG B 3  ? 0.6676 0.6667 0.6872 -0.1181 0.0358  -0.1262 3  DG B "C3'" 
247 O "O3'" . DG B 3  ? 0.7014 0.7316 0.7057 -0.1465 0.0319  -0.1533 3  DG B "O3'" 
248 C "C2'" . DG B 3  ? 0.6192 0.6884 0.6840 -0.1047 0.0174  -0.1205 3  DG B "C2'" 
249 C "C1'" . DG B 3  ? 0.6241 0.6642 0.6888 -0.1040 0.0272  -0.1000 3  DG B "C1'" 
250 N N9    . DG B 3  ? 0.5661 0.5983 0.6435 -0.0718 0.0265  -0.0740 3  DG B N9    
251 C C8    . DG B 3  ? 0.5774 0.5817 0.6457 -0.0462 0.0323  -0.0606 3  DG B C8    
252 N N7    . DG B 3  ? 0.5419 0.5689 0.6260 -0.0277 0.0305  -0.0381 3  DG B N7    
253 C C5    . DG B 3  ? 0.5142 0.5770 0.6148 -0.0440 0.0234  -0.0378 3  DG B C5    
254 C C6    . DG B 3  ? 0.4913 0.5954 0.6070 -0.0442 0.0195  -0.0214 3  DG B C6    
255 O O6    . DG B 3  ? 0.4938 0.6231 0.6139 -0.0320 0.0204  -0.0026 3  DG B O6    
256 N N1    . DG B 3  ? 0.4815 0.6088 0.6052 -0.0660 0.0153  -0.0303 3  DG B N1    
257 C C2    . DG B 3  ? 0.4846 0.6071 0.6072 -0.0829 0.0149  -0.0508 3  DG B C2    
258 N N2    . DG B 3  ? 0.4943 0.6490 0.6261 -0.1010 0.0126  -0.0568 3  DG B N2    
259 N N3    . DG B 3  ? 0.5070 0.6053 0.6179 -0.0867 0.0171  -0.0665 3  DG B N3    
260 C C4    . DG B 3  ? 0.5360 0.5995 0.6339 -0.0674 0.0216  -0.0590 3  DG B C4    
261 P P     . DG B 4  ? 0.7198 0.7639 0.7198 -0.1292 0.0234  -0.1591 4  DG B P     
262 O OP1   . DG B 4  ? 0.7271 0.8207 0.7064 -0.1724 0.0206  -0.1886 4  DG B OP1   
263 O OP2   . DG B 4  ? 0.7444 0.7096 0.7231 -0.1041 0.0389  -0.1436 4  DG B OP2   
264 O "O5'" . DG B 4  ? 0.6604 0.7716 0.7056 -0.0906 0.0004  -0.1468 4  DG B "O5'" 
265 C "C5'" . DG B 4  ? 0.6506 0.8434 0.7202 -0.0926 -0.0134 -0.1553 4  DG B "C5'" 
266 C "C4'" . DG B 4  ? 0.6290 0.8439 0.7202 -0.0472 -0.0251 -0.1402 4  DG B "C4'" 
267 O "O4'" . DG B 4  ? 0.5862 0.7503 0.6844 -0.0352 -0.0182 -0.1226 4  DG B "O4'" 
268 C "C3'" . DG B 4  ? 0.6737 0.8819 0.7505 -0.0218 -0.0311 -0.1345 4  DG B "C3'" 
269 O "O3'" . DG B 4  ? 0.7134 0.9765 0.7991 0.0124  -0.0422 -0.1298 4  DG B "O3'" 
270 C "C2'" . DG B 4  ? 0.6347 0.7693 0.7054 -0.0076 -0.0219 -0.1163 4  DG B "C2'" 
271 C "C1'" . DG B 4  ? 0.5786 0.7097 0.6680 -0.0093 -0.0185 -0.1089 4  DG B "C1'" 
272 N N9    . DG B 4  ? 0.5634 0.6517 0.6525 -0.0135 -0.0082 -0.0939 4  DG B N9    
273 C C8    . DG B 4  ? 0.5776 0.6307 0.6551 -0.0212 0.0034  -0.0888 4  DG B C8    
274 N N7    . DG B 4  ? 0.5839 0.6256 0.6671 -0.0141 0.0104  -0.0695 4  DG B N7    
275 C C5    . DG B 4  ? 0.5492 0.6162 0.6451 -0.0128 0.0029  -0.0661 4  DG B C5    
276 C C6    . DG B 4  ? 0.5237 0.6045 0.6257 -0.0161 0.0057  -0.0509 4  DG B C6    
277 O O6    . DG B 4  ? 0.5232 0.6150 0.6292 -0.0138 0.0124  -0.0325 4  DG B O6    
278 N N1    . DG B 4  ? 0.5146 0.6005 0.6122 -0.0221 0.0026  -0.0580 4  DG B N1    
279 C C2    . DG B 4  ? 0.5416 0.6207 0.6318 -0.0112 -0.0018 -0.0726 4  DG B C2    
280 N N2    . DG B 4  ? 0.5355 0.6008 0.6093 -0.0104 0.0030  -0.0763 4  DG B N2    
281 N N3    . DG B 4  ? 0.5646 0.6533 0.6578 -0.0013 -0.0080 -0.0823 4  DG B N3    
282 C C4    . DG B 4  ? 0.5602 0.6430 0.6556 -0.0092 -0.0058 -0.0809 4  DG B C4    
283 P P     . DC B 5  ? 0.6921 0.9660 0.7575 0.0455  -0.0503 -0.1209 5  DC B P     
284 O OP1   . DC B 5  ? 0.7109 1.0904 0.7850 0.0606  -0.0626 -0.1262 5  DC B OP1   
285 O OP2   . DC B 5  ? 0.6804 0.9058 0.7245 0.0273  -0.0455 -0.1231 5  DC B OP2   
286 O "O5'" . DC B 5  ? 0.6562 0.8662 0.7095 0.0823  -0.0430 -0.1008 5  DC B "O5'" 
287 C "C5'" . DC B 5  ? 0.6435 0.8629 0.7016 0.1078  -0.0390 -0.0964 5  DC B "C5'" 
288 C "C4'" . DC B 5  ? 0.6927 0.8271 0.7151 0.1326  -0.0261 -0.0807 5  DC B "C4'" 
289 O "O4'" . DC B 5  ? 0.6663 0.7494 0.6922 0.0998  -0.0162 -0.0818 5  DC B "O4'" 
290 C "C3'" . DC B 5  ? 0.7601 0.8567 0.7490 0.1452  -0.0266 -0.0691 5  DC B "C3'" 
291 O "O3'" . DC B 5  ? 0.8918 1.0006 0.8521 0.1963  -0.0273 -0.0561 5  DC B "O3'" 
292 C "C2'" . DC B 5  ? 0.7416 0.7507 0.7045 0.1273  -0.0111 -0.0623 5  DC B "C2'" 
293 C "C1'" . DC B 5  ? 0.6853 0.7046 0.6802 0.0948  -0.0080 -0.0716 5  DC B "C1'" 
294 N N1    . DC B 5  ? 0.6399 0.6657 0.6567 0.0620  -0.0098 -0.0731 5  DC B N1    
295 C C2    . DC B 5  ? 0.6260 0.6338 0.6458 0.0376  -0.0009 -0.0692 5  DC B C2    
296 O O2    . DC B 5  ? 0.6804 0.6592 0.6790 0.0347  0.0088  -0.0690 5  DC B O2    
297 N N3    . DC B 5  ? 0.5764 0.5993 0.6155 0.0197  -0.0005 -0.0649 5  DC B N3    
298 C C4    . DC B 5  ? 0.5597 0.5937 0.6078 0.0235  -0.0045 -0.0677 5  DC B C4    
299 N N4    . DC B 5  ? 0.5438 0.5801 0.6020 0.0157  0.0020  -0.0605 5  DC B N4    
300 C C5    . DC B 5  ? 0.5741 0.6201 0.6149 0.0365  -0.0129 -0.0775 5  DC B C5    
301 C C6    . DC B 5  ? 0.6012 0.6548 0.6311 0.0563  -0.0176 -0.0785 5  DC B C6    
302 P P     . DG B 6  ? 0.9948 1.1056 0.9244 0.2154  -0.0346 -0.0437 6  DG B P     
303 O OP1   . DG B 6  ? 1.0298 1.1959 0.9424 0.2745  -0.0397 -0.0282 6  DG B OP1   
304 O OP2   . DG B 6  ? 0.9594 1.1092 0.9144 0.1719  -0.0460 -0.0589 6  DG B OP2   
305 O "O5'" . DG B 6  ? 0.9373 0.9286 0.8168 0.2100  -0.0157 -0.0314 6  DG B "O5'" 
306 C "C5'" . DG B 6  ? 0.9105 0.8182 0.7411 0.2365  0.0054  -0.0197 6  DG B "C5'" 
307 C "C4'" . DG B 6  ? 0.9303 0.7369 0.7082 0.2113  0.0229  -0.0129 6  DG B "C4'" 
308 O "O4'" . DG B 6  ? 0.8649 0.6867 0.6811 0.1543  0.0205  -0.0273 6  DG B "O4'" 
309 C "C3'" . DG B 6  ? 0.9438 0.7400 0.6885 0.2239  0.0185  0.0011  6  DG B "C3'" 
310 O "O3'" . DG B 6  ? 1.1117 0.7886 0.7755 0.2230  0.0444  0.0147  6  DG B "O3'" 
311 C "C2'" . DG B 6  ? 0.8457 0.6949 0.6388 0.1763  0.0051  -0.0135 6  DG B "C2'" 
312 C "C1'" . DG B 6  ? 0.8228 0.6566 0.6410 0.1357  0.0143  -0.0255 6  DG B "C1'" 
313 N N9    . DG B 6  ? 0.7302 0.6284 0.6086 0.1068  0.0028  -0.0391 6  DG B N9    
314 C C8    . DG B 6  ? 0.6787 0.6451 0.5972 0.1095  -0.0131 -0.0496 6  DG B C8    
315 N N7    . DG B 6  ? 0.6389 0.6241 0.5908 0.0813  -0.0126 -0.0584 6  DG B N7    
316 C C5    . DG B 6  ? 0.6468 0.5975 0.5900 0.0631  0.0002  -0.0512 6  DG B C5    
317 C C6    . DG B 6  ? 0.6363 0.6027 0.6040 0.0399  0.0062  -0.0503 6  DG B C6    
318 O O6    . DG B 6  ? 0.6184 0.6110 0.6149 0.0362  0.0049  -0.0542 6  DG B O6    
319 N N1    . DG B 6  ? 0.6728 0.6206 0.6208 0.0199  0.0178  -0.0426 6  DG B N1    
320 C C2    . DG B 6  ? 0.7252 0.6196 0.6237 0.0167  0.0272  -0.0393 6  DG B C2    
321 N N2    . DG B 6  ? 0.7427 0.6249 0.6177 -0.0181 0.0412  -0.0365 6  DG B N2    
322 N N3    . DG B 6  ? 0.7505 0.6066 0.6178 0.0453  0.0256  -0.0378 6  DG B N3    
323 C C4    . DG B 6  ? 0.6981 0.5964 0.5955 0.0706  0.0098  -0.0425 6  DG B C4    
324 P P     . DC B 7  ? 1.2930 0.9264 0.8940 0.2460  0.0484  0.0362  7  DC B P     
325 O OP1   . DC B 7  ? 1.4591 0.9594 0.9620 0.2771  0.0802  0.0554  7  DC B OP1   
326 O OP2   . DC B 7  ? 1.2229 0.9672 0.8656 0.2752  0.0203  0.0395  7  DC B OP2   
327 O "O5'" . DC B 7  ? 1.2002 0.8181 0.8021 0.1817  0.0528  0.0265  7  DC B "O5'" 
328 C "C5'" . DC B 7  ? 1.1471 0.6965 0.7200 0.1325  0.0757  0.0186  7  DC B "C5'" 
329 C "C4'" . DC B 7  ? 1.0180 0.6142 0.6228 0.0791  0.0718  0.0087  7  DC B "C4'" 
330 O "O4'" . DC B 7  ? 0.8843 0.5720 0.5737 0.0650  0.0550  -0.0064 7  DC B "O4'" 
331 C "C3'" . DC B 7  ? 1.0065 0.6387 0.6141 0.0902  0.0599  0.0154  7  DC B "C3'" 
332 O "O3'" . DC B 7  ? 1.1223 0.6680 0.6448 0.0842  0.0798  0.0303  7  DC B "O3'" 
333 C "C2'" . DC B 7  ? 0.8890 0.5979 0.5581 0.0508  0.0536  0.0010  7  DC B "C2'" 
334 C "C1'" . DC B 7  ? 0.8283 0.5724 0.5502 0.0419  0.0490  -0.0104 7  DC B "C1'" 
335 N N1    . DC B 7  ? 0.7718 0.5925 0.5615 0.0573  0.0293  -0.0201 7  DC B N1    
336 C C2    . DC B 7  ? 0.7366 0.6077 0.5778 0.0356  0.0285  -0.0280 7  DC B C2    
337 O O2    . DC B 7  ? 0.7654 0.6392 0.6037 0.0052  0.0403  -0.0258 7  DC B O2    
338 N N3    . DC B 7  ? 0.6870 0.6036 0.5733 0.0468  0.0170  -0.0369 7  DC B N3    
339 C C4    . DC B 7  ? 0.6662 0.5944 0.5513 0.0682  0.0049  -0.0421 7  DC B C4    
340 N N4    . DC B 7  ? 0.6293 0.5939 0.5473 0.0660  -0.0017 -0.0547 7  DC B N4    
341 C C5    . DC B 7  ? 0.7120 0.6167 0.5554 0.0918  0.0010  -0.0334 7  DC B C5    
342 C C6    . DC B 7  ? 0.7589 0.6023 0.5536 0.0906  0.0144  -0.0203 7  DC B C6    
343 P P     . DC B 8  ? 1.1813 0.7244 0.6675 0.1245  0.0713  0.0486  8  DC B P     
344 O OP1   . DC B 8  ? 1.3251 0.7444 0.7042 0.1191  0.1000  0.0672  8  DC B OP1   
345 O OP2   . DC B 8  ? 1.1447 0.7541 0.6694 0.1792  0.0479  0.0523  8  DC B OP2   
346 O "O5'" . DC B 8  ? 1.0480 0.6719 0.5805 0.0922  0.0602  0.0362  8  DC B "O5'" 
347 C "C5'" . DC B 8  ? 1.0331 0.6375 0.5419 0.0417  0.0784  0.0329  8  DC B "C5'" 
348 C "C4'" . DC B 8  ? 0.9396 0.6330 0.5015 0.0279  0.0685  0.0209  8  DC B "C4'" 
349 O "O4'" . DC B 8  ? 0.8572 0.6218 0.4989 0.0291  0.0563  0.0050  8  DC B "O4'" 
350 C "C3'" . DC B 8  ? 0.9163 0.6347 0.4701 0.0583  0.0541  0.0252  8  DC B "C3'" 
351 O "O3'" . DC B 8  ? 0.9645 0.6365 0.4495 0.0456  0.0682  0.0384  8  DC B "O3'" 
352 C "C2'" . DC B 8  ? 0.8476 0.6506 0.4700 0.0487  0.0459  0.0040  8  DC B "C2'" 
353 C "C1'" . DC B 8  ? 0.8259 0.6503 0.5021 0.0361  0.0477  -0.0054 8  DC B "C1'" 
354 N N1    . DC B 8  ? 0.8014 0.6648 0.5302 0.0557  0.0313  -0.0175 8  DC B N1    
355 C C2    . DC B 8  ? 0.7493 0.6578 0.5273 0.0492  0.0328  -0.0324 8  DC B C2    
356 O O2    . DC B 8  ? 0.7578 0.6837 0.5405 0.0370  0.0470  -0.0341 8  DC B O2    
357 N N3    . DC B 8  ? 0.7157 0.6453 0.5277 0.0586  0.0219  -0.0438 8  DC B N3    
358 C C4    . DC B 8  ? 0.7254 0.6542 0.5343 0.0737  0.0077  -0.0413 8  DC B C4    
359 N N4    . DC B 8  ? 0.6886 0.6479 0.5306 0.0750  -0.0015 -0.0541 8  DC B N4    
360 C C5    . DC B 8  ? 0.8000 0.6935 0.5658 0.0905  0.0058  -0.0242 8  DC B C5    
361 C C6    . DC B 8  ? 0.8395 0.6908 0.5619 0.0806  0.0191  -0.0124 8  DC B C6    
362 P P     . DG B 9  ? 1.0220 0.6996 0.4671 0.0768  0.0572  0.0515  9  DG B P     
363 O OP1   . DG B 9  ? 1.1190 0.7116 0.4712 0.0657  0.0776  0.0729  9  DG B OP1   
364 O OP2   . DG B 9  ? 0.9986 0.7084 0.4677 0.1229  0.0356  0.0551  9  DG B OP2   
365 O "O5'" . DG B 9  ? 0.9719 0.7295 0.4611 0.0583  0.0518  0.0308  9  DG B "O5'" 
366 C "C5'" . DG B 9  ? 1.0032 0.7661 0.4857 0.0205  0.0708  0.0247  9  DG B "C5'" 
367 C "C4'" . DG B 9  ? 1.0018 0.8368 0.5316 0.0182  0.0676  0.0028  9  DG B "C4'" 
368 O "O4'" . DG B 9  ? 0.9289 0.7976 0.5260 0.0246  0.0616  -0.0124 9  DG B "O4'" 
369 C "C3'" . DG B 9  ? 1.0732 0.9315 0.5853 0.0385  0.0517  -0.0006 9  DG B "C3'" 
370 O "O3'" . DG B 9  ? 1.2414 1.0943 0.7014 0.0255  0.0618  0.0046  9  DG B "O3'" 
371 C "C2'" . DG B 9  ? 0.9739 0.8830 0.5434 0.0374  0.0484  -0.0288 9  DG B "C2'" 
372 C "C1'" . DG B 9  ? 0.9137 0.8191 0.5342 0.0364  0.0520  -0.0306 9  DG B "C1'" 
373 N N9    . DG B 9  ? 0.8731 0.7862 0.5228 0.0528  0.0340  -0.0336 9  DG B N9    
374 C C8    . DG B 9  ? 0.8965 0.7992 0.5270 0.0744  0.0178  -0.0188 9  DG B C8    
375 N N7    . DG B 9  ? 0.8561 0.7846 0.5261 0.0839  0.0055  -0.0273 9  DG B N7    
376 C C5    . DG B 9  ? 0.8039 0.7462 0.5156 0.0654  0.0153  -0.0475 9  DG B C5    
377 C C6    . DG B 9  ? 0.7622 0.7232 0.5176 0.0622  0.0120  -0.0627 9  DG B C6    
378 O O6    . DG B 9  ? 0.7510 0.7318 0.5237 0.0700  -0.0021 -0.0644 9  DG B O6    
379 N N1    . DG B 9  ? 0.7500 0.7050 0.5255 0.0512  0.0303  -0.0752 9  DG B N1    
380 C C2    . DG B 9  ? 0.7649 0.7130 0.5261 0.0472  0.0489  -0.0740 9  DG B C2    
381 N N2    . DG B 9  ? 0.7845 0.7311 0.5652 0.0499  0.0689  -0.0828 9  DG B N2    
382 N N3    . DG B 9  ? 0.7905 0.7335 0.5164 0.0442  0.0505  -0.0630 9  DG B N3    
383 C C4    . DG B 9  ? 0.8138 0.7477 0.5137 0.0517  0.0335  -0.0500 9  DG B C4    
384 P P     . DA B 10 ? 1.3625 1.2497 0.7904 0.0363  0.0480  0.0014  10 DA B P     
385 O OP1   . DA B 10 ? 1.4619 1.3254 0.8275 0.0208  0.0622  0.0143  10 DA B OP1   
386 O OP2   . DA B 10 ? 1.3584 1.2578 0.7763 0.0693  0.0235  0.0163  10 DA B OP2   
387 O "O5'" . DA B 10 ? 1.2637 1.2004 0.7401 0.0230  0.0528  -0.0352 10 DA B "O5'" 
388 C "C5'" . DA B 10 ? 1.2187 1.1818 0.6666 0.0094  0.0585  -0.0526 10 DA B "C5'" 
389 C "C4'" . DA B 10 ? 1.1591 1.1301 0.6397 -0.0024 0.0803  -0.0849 10 DA B "C4'" 
390 O "O4'" . DA B 10 ? 1.0985 1.0701 0.6263 0.0049  0.0731  -0.0964 10 DA B "O4'" 
391 C "C3'" . DA B 10 ? 1.1959 1.1838 0.6395 -0.0200 0.0892  -0.1123 10 DA B "C3'" 
392 O "O3'" . DA B 10 ? 1.2325 1.2084 0.6713 -0.0256 0.1239  -0.1283 10 DA B "O3'" 
393 C "C2'" . DA B 10 ? 1.1958 1.1927 0.6581 -0.0269 0.0811  -0.1369 10 DA B "C2'" 
394 C "C1'" . DA B 10 ? 1.1558 1.1311 0.6761 -0.0093 0.0834  -0.1289 10 DA B "C1'" 
395 N N9    . DA B 10 ? 1.1842 1.1718 0.7275 -0.0122 0.0663  -0.1386 10 DA B N9    
396 C C8    . DA B 10 ? 1.1895 1.1527 0.7519 -0.0201 0.0806  -0.1621 10 DA B C8    
397 N N7    . DA B 10 ? 1.1800 1.1675 0.7564 -0.0295 0.0612  -0.1683 10 DA B N7    
398 C C5    . DA B 10 ? 1.1617 1.2007 0.7301 -0.0199 0.0320  -0.1464 10 DA B C5    
399 C C6    . DA B 10 ? 1.1157 1.2144 0.6940 -0.0159 0.0033  -0.1387 10 DA B C6    
400 N N6    . DA B 10 ? 1.0471 1.1684 0.6479 -0.0327 -0.0019 -0.1570 10 DA B N6    
401 N N1    . DA B 10 ? 1.1470 1.2826 0.7062 0.0087  -0.0173 -0.1095 10 DA B N1    
402 C C2    . DA B 10 ? 1.1946 1.2977 0.7217 0.0194  -0.0090 -0.0913 10 DA B C2    
403 N N3    . DA B 10 ? 1.2101 1.2640 0.7274 0.0079  0.0165  -0.0993 10 DA B N3    
404 C C4    . DA B 10 ? 1.1925 1.2221 0.7353 -0.0082 0.0357  -0.1268 10 DA B C4    
# 
